data_8YNQ
#
_entry.id   8YNQ
#
_cell.length_a   95.856
_cell.length_b   97.518
_cell.length_c   101.514
_cell.angle_alpha   90.00
_cell.angle_beta   90.09
_cell.angle_gamma   90.00
#
_symmetry.space_group_name_H-M   'P 1 21 1'
#
loop_
_entity.id
_entity.type
_entity.pdbx_description
1 polymer 'ATP-grasp peptide ligase'
2 non-polymer 'PHOSPHOAMINOPHOSPHONIC ACID-ADENYLATE ESTER'
3 non-polymer GLYCEROL
4 non-polymer DI(HYDROXYETHYL)ETHER
5 non-polymer 'ADENOSINE MONOPHOSPHATE'
6 non-polymer "ADENOSINE-5'-DIPHOSPHATE"
7 non-polymer 2-AMINO-2-HYDROXYMETHYL-PROPANE-1,3-DIOL
8 water water
#
_entity_poly.entity_id   1
_entity_poly.type   'polypeptide(L)'
_entity_poly.pdbx_seq_one_letter_code
;MPKIILPNFRADYSEQVRDWLGISDATASSTDTTARFLWHAEDGDVLVIPDTVDPDFPGYVADTLGIDGTSVHVERTQTP
LSEAVLQDPEFIDRLAAHTGTGAGWSLFPCVSTRAAAQLTRKLNVAALDGYEFAMQNGIDLLNMKSTFRRLAAGLGTPLT
DGVVARGPAEVRSAIQELIAETGMVIAKQDRSGGGHGNIGISTSPESSFPGTREVLAYANDQLDTLADTLWSQLTDTQNQ
FITVETYHRADQRFFFEYHLDGDRARFLHSSILKYEQLPEGSGGSAKWIGLDSPSRSEFEATLKPAEEFIEMIRTIGYRG
YVNIDGIVLDDGRVFFHEINARWSGGLIYHTVAERLLGHDYARNNFFSSILNVVPAGLADLLRSLERAGVRYDKDSGEGA
VVLGCNSDLGPGAELLVFSKDWDRLTAMKDEIATTAGTLSLEHHHHHH
;
_entity_poly.pdbx_strand_id   C,D,A,B
#
# COMPACT_ATOMS: atom_id res chain seq x y z
N SER A 29 -33.79 -9.47 -40.79
CA SER A 29 -33.58 -9.38 -42.23
C SER A 29 -32.38 -8.51 -42.57
N SER A 30 -31.22 -8.93 -42.07
CA SER A 30 -29.97 -8.19 -42.26
C SER A 30 -28.81 -8.87 -41.53
N THR A 31 -28.11 -8.07 -40.73
CA THR A 31 -26.90 -8.52 -40.07
C THR A 31 -27.18 -9.51 -38.94
N ASP A 32 -26.28 -10.48 -38.77
CA ASP A 32 -26.26 -11.35 -37.59
C ASP A 32 -24.96 -11.18 -36.83
N THR A 33 -24.50 -9.94 -36.72
CA THR A 33 -23.22 -9.72 -36.05
C THR A 33 -23.33 -10.00 -34.56
N THR A 34 -24.51 -9.82 -34.00
CA THR A 34 -24.71 -10.14 -32.59
C THR A 34 -24.67 -11.64 -32.33
N ALA A 35 -25.02 -12.46 -33.32
CA ALA A 35 -25.20 -13.90 -33.11
C ALA A 35 -23.92 -14.61 -32.70
N ARG A 36 -22.76 -13.97 -32.88
CA ARG A 36 -21.52 -14.63 -32.50
C ARG A 36 -21.51 -14.98 -31.02
N PHE A 37 -22.23 -14.23 -30.21
CA PHE A 37 -22.10 -14.38 -28.78
C PHE A 37 -22.97 -15.49 -28.23
N LEU A 38 -23.68 -16.19 -29.11
CA LEU A 38 -24.30 -17.42 -28.70
C LEU A 38 -23.26 -18.41 -28.19
N TRP A 39 -21.99 -18.24 -28.56
CA TRP A 39 -21.02 -19.23 -28.10
C TRP A 39 -20.61 -19.04 -26.64
N HIS A 40 -21.05 -17.98 -25.97
CA HIS A 40 -20.89 -17.91 -24.53
C HIS A 40 -21.88 -18.80 -23.84
N ALA A 41 -22.93 -19.19 -24.54
CA ALA A 41 -24.08 -19.81 -23.91
C ALA A 41 -23.72 -21.14 -23.28
N GLU A 42 -24.23 -21.36 -22.09
CA GLU A 42 -24.29 -22.68 -21.51
C GLU A 42 -25.75 -23.01 -21.30
N ASP A 43 -25.96 -24.22 -20.82
CA ASP A 43 -27.30 -24.70 -20.48
C ASP A 43 -28.18 -23.63 -19.88
N GLY A 44 -29.34 -23.47 -20.48
CA GLY A 44 -30.36 -22.58 -19.97
C GLY A 44 -30.08 -21.10 -20.13
N ASP A 45 -28.94 -20.71 -20.71
CA ASP A 45 -28.62 -19.29 -20.88
C ASP A 45 -29.61 -18.61 -21.80
N VAL A 46 -29.58 -17.28 -21.75
CA VAL A 46 -30.32 -16.44 -22.69
C VAL A 46 -29.38 -15.38 -23.24
N LEU A 47 -29.35 -15.26 -24.55
CA LEU A 47 -28.66 -14.22 -25.28
C LEU A 47 -29.68 -13.19 -25.75
N VAL A 48 -29.33 -11.91 -25.59
CA VAL A 48 -30.20 -10.84 -26.04
C VAL A 48 -29.57 -10.24 -27.30
N ILE A 49 -30.32 -10.26 -28.41
CA ILE A 49 -29.82 -9.67 -29.65
C ILE A 49 -30.84 -8.71 -30.26
N PRO A 50 -30.38 -7.62 -30.87
CA PRO A 50 -31.24 -6.78 -31.70
C PRO A 50 -31.29 -7.22 -33.15
N ASP A 51 -30.71 -8.36 -33.41
CA ASP A 51 -30.27 -8.79 -34.71
C ASP A 51 -31.19 -9.86 -35.23
N THR A 52 -30.79 -10.44 -36.36
CA THR A 52 -31.46 -11.59 -36.95
C THR A 52 -30.46 -12.73 -36.93
N VAL A 53 -30.86 -13.84 -36.37
CA VAL A 53 -30.03 -15.03 -36.38
C VAL A 53 -30.55 -15.95 -37.46
N ASP A 54 -29.65 -16.58 -38.22
CA ASP A 54 -30.09 -17.68 -39.06
C ASP A 54 -30.88 -18.63 -38.18
N PRO A 55 -32.09 -19.02 -38.57
CA PRO A 55 -32.92 -19.84 -37.69
C PRO A 55 -32.32 -21.20 -37.40
N ASP A 56 -31.26 -21.59 -38.11
CA ASP A 56 -30.56 -22.84 -37.82
C ASP A 56 -29.33 -22.62 -36.95
N PHE A 57 -28.84 -21.38 -36.89
CA PHE A 57 -27.57 -21.08 -36.22
C PHE A 57 -27.51 -21.46 -34.75
N PRO A 58 -28.54 -21.24 -33.91
CA PRO A 58 -28.44 -21.70 -32.52
C PRO A 58 -28.09 -23.18 -32.39
N GLY A 59 -28.92 -24.04 -33.00
CA GLY A 59 -28.72 -25.47 -32.92
C GLY A 59 -27.36 -25.92 -33.40
N TYR A 60 -26.79 -25.23 -34.40
CA TYR A 60 -25.44 -25.54 -34.83
C TYR A 60 -24.44 -25.32 -33.70
N VAL A 61 -24.59 -24.21 -32.97
CA VAL A 61 -23.62 -23.85 -31.94
C VAL A 61 -23.69 -24.83 -30.78
N ALA A 62 -24.88 -24.91 -30.16
CA ALA A 62 -25.12 -25.86 -29.06
C ALA A 62 -24.66 -27.25 -29.44
N ASP A 63 -24.92 -27.65 -30.70
CA ASP A 63 -24.47 -28.92 -31.23
C ASP A 63 -22.97 -29.01 -31.10
N THR A 64 -22.25 -28.17 -31.85
CA THR A 64 -20.81 -28.13 -31.74
C THR A 64 -20.37 -27.98 -30.29
N LEU A 65 -21.12 -27.20 -29.50
CA LEU A 65 -20.75 -26.98 -28.11
C LEU A 65 -21.07 -28.18 -27.23
N GLY A 66 -22.18 -28.86 -27.50
CA GLY A 66 -22.65 -29.93 -26.63
C GLY A 66 -23.70 -29.52 -25.64
N ILE A 67 -24.10 -28.24 -25.65
CA ILE A 67 -25.16 -27.74 -24.79
C ILE A 67 -26.49 -28.43 -25.10
N ASP A 68 -27.41 -28.39 -24.13
CA ASP A 68 -28.80 -28.74 -24.41
C ASP A 68 -29.42 -27.56 -25.14
N GLY A 69 -29.55 -27.69 -26.47
CA GLY A 69 -29.95 -26.54 -27.28
C GLY A 69 -31.29 -25.98 -26.89
N THR A 70 -32.28 -26.84 -26.69
CA THR A 70 -33.62 -26.37 -26.35
C THR A 70 -33.64 -25.64 -25.00
N SER A 71 -32.52 -25.61 -24.28
CA SER A 71 -32.40 -24.86 -23.04
C SER A 71 -32.02 -23.39 -23.29
N VAL A 72 -31.23 -23.12 -24.31
CA VAL A 72 -30.74 -21.77 -24.54
C VAL A 72 -31.70 -21.03 -25.45
N HIS A 73 -32.16 -19.87 -25.01
CA HIS A 73 -33.09 -19.09 -25.79
C HIS A 73 -32.41 -17.82 -26.25
N VAL A 74 -33.03 -17.18 -27.22
CA VAL A 74 -32.51 -15.99 -27.84
C VAL A 74 -33.67 -15.01 -27.87
N GLU A 75 -33.51 -13.86 -27.25
CA GLU A 75 -34.63 -12.93 -27.13
C GLU A 75 -34.35 -11.76 -28.06
N ARG A 76 -35.05 -11.72 -29.19
CA ARG A 76 -34.83 -10.70 -30.18
C ARG A 76 -35.51 -9.41 -29.76
N THR A 77 -34.74 -8.32 -29.74
CA THR A 77 -35.23 -6.95 -29.57
C THR A 77 -35.24 -6.25 -30.92
N GLN A 78 -36.27 -5.46 -31.16
CA GLN A 78 -36.37 -4.76 -32.44
C GLN A 78 -35.59 -3.45 -32.49
N THR A 79 -34.84 -3.12 -31.43
CA THR A 79 -34.05 -1.90 -31.33
C THR A 79 -32.66 -2.23 -30.81
N PRO A 80 -31.71 -1.31 -30.97
CA PRO A 80 -30.40 -1.48 -30.32
C PRO A 80 -30.50 -1.56 -28.80
N LEU A 81 -29.47 -2.18 -28.21
CA LEU A 81 -29.44 -2.45 -26.77
C LEU A 81 -29.05 -1.18 -25.99
N SER A 82 -29.89 -0.14 -26.12
CA SER A 82 -29.67 1.18 -25.54
C SER A 82 -30.01 1.21 -24.06
N GLU A 83 -29.50 2.22 -23.35
CA GLU A 83 -29.79 2.37 -21.92
C GLU A 83 -31.29 2.47 -21.68
N ALA A 84 -32.01 3.07 -22.62
CA ALA A 84 -33.44 3.18 -22.42
C ALA A 84 -34.12 1.82 -22.46
N VAL A 85 -33.60 0.88 -23.27
CA VAL A 85 -34.22 -0.44 -23.34
C VAL A 85 -33.95 -1.24 -22.06
N LEU A 86 -32.72 -1.21 -21.56
CA LEU A 86 -32.45 -1.82 -20.25
C LEU A 86 -33.38 -1.30 -19.18
N GLN A 87 -33.94 -0.11 -19.39
CA GLN A 87 -34.85 0.49 -18.44
C GLN A 87 -36.30 0.35 -18.88
N ASP A 88 -36.53 -0.08 -20.10
CA ASP A 88 -37.86 -0.33 -20.61
C ASP A 88 -38.58 -1.39 -19.76
N PRO A 89 -39.70 -1.05 -19.13
CA PRO A 89 -40.40 -2.04 -18.29
C PRO A 89 -40.79 -3.31 -19.01
N GLU A 90 -41.16 -3.24 -20.29
CA GLU A 90 -41.51 -4.45 -21.01
C GLU A 90 -40.28 -5.31 -21.28
N PHE A 91 -39.15 -4.65 -21.58
CA PHE A 91 -37.90 -5.37 -21.83
C PHE A 91 -37.49 -6.14 -20.59
N ILE A 92 -37.60 -5.52 -19.43
CA ILE A 92 -37.22 -6.17 -18.19
C ILE A 92 -38.16 -7.33 -17.88
N ASP A 93 -39.48 -7.12 -18.02
CA ASP A 93 -40.44 -8.20 -17.75
C ASP A 93 -40.14 -9.40 -18.63
N ARG A 94 -39.99 -9.17 -19.95
CA ARG A 94 -39.61 -10.24 -20.87
C ARG A 94 -38.31 -10.92 -20.45
N LEU A 95 -37.47 -10.23 -19.67
CA LEU A 95 -36.29 -10.83 -19.05
C LEU A 95 -36.63 -11.52 -17.74
N ALA A 96 -37.52 -10.93 -16.94
CA ALA A 96 -38.00 -11.61 -15.73
C ALA A 96 -38.54 -12.99 -16.05
N ALA A 97 -39.32 -13.11 -17.14
CA ALA A 97 -39.95 -14.38 -17.45
C ALA A 97 -38.94 -15.51 -17.46
N HIS A 98 -37.72 -15.22 -17.87
CA HIS A 98 -36.67 -16.23 -17.85
C HIS A 98 -35.92 -16.24 -16.51
N THR A 99 -35.65 -15.08 -15.96
CA THR A 99 -34.82 -15.04 -14.77
C THR A 99 -35.52 -15.62 -13.56
N GLY A 100 -36.84 -15.73 -13.58
CA GLY A 100 -37.54 -16.16 -12.39
C GLY A 100 -37.27 -15.19 -11.26
N THR A 101 -36.97 -15.73 -10.07
CA THR A 101 -36.71 -14.93 -8.88
C THR A 101 -35.25 -14.52 -8.76
N GLY A 102 -34.50 -14.56 -9.86
CA GLY A 102 -33.12 -14.12 -9.87
C GLY A 102 -32.14 -15.17 -9.38
N ALA A 103 -32.60 -16.01 -8.45
CA ALA A 103 -31.77 -17.05 -7.87
C ALA A 103 -31.21 -17.96 -8.96
N GLY A 104 -29.89 -18.10 -8.99
CA GLY A 104 -29.20 -18.90 -9.98
C GLY A 104 -28.58 -18.08 -11.09
N TRP A 105 -29.04 -16.85 -11.27
CA TRP A 105 -28.84 -16.10 -12.49
C TRP A 105 -27.85 -14.97 -12.29
N SER A 106 -27.23 -14.57 -13.40
CA SER A 106 -26.34 -13.42 -13.48
C SER A 106 -26.54 -12.75 -14.83
N LEU A 107 -26.15 -11.48 -14.92
CA LEU A 107 -26.09 -10.76 -16.19
C LEU A 107 -24.69 -10.89 -16.78
N PHE A 108 -24.61 -11.02 -18.10
CA PHE A 108 -23.33 -11.17 -18.80
C PHE A 108 -23.21 -10.02 -19.80
N PRO A 109 -23.03 -8.79 -19.34
CA PRO A 109 -23.09 -7.64 -20.22
C PRO A 109 -21.74 -7.28 -20.80
N CYS A 110 -21.74 -6.93 -22.08
CA CYS A 110 -20.53 -6.40 -22.70
C CYS A 110 -20.03 -5.17 -21.96
N VAL A 111 -20.88 -4.17 -21.77
CA VAL A 111 -20.48 -2.94 -21.11
C VAL A 111 -21.27 -2.83 -19.82
N SER A 112 -20.56 -2.72 -18.71
CA SER A 112 -21.21 -2.55 -17.43
C SER A 112 -21.62 -1.09 -17.28
N THR A 113 -22.64 -0.70 -18.02
CA THR A 113 -23.15 0.66 -17.86
C THR A 113 -23.84 0.79 -16.49
N ARG A 114 -24.47 1.94 -16.28
CA ARG A 114 -25.36 2.11 -15.15
C ARG A 114 -26.64 1.30 -15.35
N ALA A 115 -27.29 1.46 -16.50
CA ALA A 115 -28.51 0.69 -16.74
C ALA A 115 -28.25 -0.80 -16.56
N ALA A 116 -27.05 -1.28 -16.89
CA ALA A 116 -26.74 -2.67 -16.64
C ALA A 116 -26.90 -2.98 -15.15
N ALA A 117 -26.09 -2.33 -14.33
CA ALA A 117 -26.13 -2.59 -12.90
C ALA A 117 -27.56 -2.52 -12.36
N GLN A 118 -28.34 -1.52 -12.81
CA GLN A 118 -29.72 -1.39 -12.33
C GLN A 118 -30.59 -2.55 -12.78
N LEU A 119 -30.23 -3.21 -13.89
CA LEU A 119 -31.02 -4.36 -14.30
C LEU A 119 -30.91 -5.47 -13.27
N THR A 120 -29.68 -5.83 -12.88
CA THR A 120 -29.50 -6.93 -11.96
C THR A 120 -30.36 -6.76 -10.72
N ARG A 121 -30.57 -5.52 -10.29
CA ARG A 121 -31.34 -5.26 -9.07
C ARG A 121 -32.82 -5.52 -9.28
N LYS A 122 -33.41 -4.93 -10.32
CA LYS A 122 -34.85 -5.08 -10.49
C LYS A 122 -35.26 -6.47 -10.95
N LEU A 123 -34.32 -7.29 -11.42
CA LEU A 123 -34.61 -8.68 -11.74
C LEU A 123 -34.26 -9.61 -10.62
N ASN A 124 -33.71 -9.11 -9.52
CA ASN A 124 -33.30 -9.90 -8.37
C ASN A 124 -32.17 -10.85 -8.75
N VAL A 125 -31.51 -10.58 -9.86
CA VAL A 125 -30.40 -11.40 -10.31
C VAL A 125 -29.17 -11.02 -9.49
N ALA A 126 -28.13 -11.84 -9.53
CA ALA A 126 -26.89 -11.53 -8.81
C ALA A 126 -26.38 -10.14 -9.15
N ALA A 127 -25.82 -9.48 -8.14
CA ALA A 127 -25.33 -8.12 -8.30
C ALA A 127 -24.16 -8.07 -9.26
N LEU A 128 -24.15 -7.04 -10.10
CA LEU A 128 -23.02 -6.84 -10.98
C LEU A 128 -21.82 -6.47 -10.11
N ASP A 129 -20.69 -7.16 -10.32
CA ASP A 129 -19.53 -6.80 -9.52
C ASP A 129 -19.05 -5.40 -9.90
N GLY A 130 -18.65 -4.62 -8.90
CA GLY A 130 -18.31 -3.24 -9.17
C GLY A 130 -19.50 -2.33 -9.25
N TYR A 131 -20.68 -2.81 -8.86
CA TYR A 131 -21.94 -2.08 -8.89
C TYR A 131 -21.74 -0.57 -8.78
N GLU A 132 -21.33 -0.10 -7.60
CA GLU A 132 -21.23 1.33 -7.34
C GLU A 132 -20.37 2.04 -8.38
N PHE A 133 -19.23 1.44 -8.74
CA PHE A 133 -18.43 2.00 -9.82
C PHE A 133 -19.28 2.18 -11.07
N ALA A 134 -20.01 1.13 -11.45
CA ALA A 134 -20.89 1.22 -12.59
C ALA A 134 -21.95 2.29 -12.37
N MET A 135 -22.55 2.27 -11.18
CA MET A 135 -23.61 3.24 -10.86
C MET A 135 -23.17 4.68 -11.15
N GLN A 136 -21.86 4.96 -11.10
CA GLN A 136 -21.32 6.27 -11.41
C GLN A 136 -20.77 6.34 -12.82
N ASN A 137 -21.23 5.49 -13.72
CA ASN A 137 -20.70 5.40 -15.07
C ASN A 137 -19.18 5.47 -15.05
N GLY A 138 -18.56 4.79 -14.09
CA GLY A 138 -17.11 4.70 -14.10
C GLY A 138 -16.60 4.20 -15.43
N ILE A 139 -17.18 3.10 -15.92
CA ILE A 139 -16.89 2.52 -17.23
C ILE A 139 -16.69 3.59 -18.29
N ASP A 140 -17.50 4.63 -18.22
CA ASP A 140 -17.40 5.68 -19.23
C ASP A 140 -16.18 6.57 -19.03
N LEU A 141 -15.71 6.75 -17.79
CA LEU A 141 -14.51 7.57 -17.55
C LEU A 141 -13.26 6.85 -18.06
N LEU A 142 -13.08 5.61 -17.62
CA LEU A 142 -12.35 4.64 -18.41
C LEU A 142 -12.92 4.68 -19.83
N ASN A 143 -12.30 4.01 -20.78
CA ASN A 143 -12.83 4.01 -22.15
C ASN A 143 -12.70 5.36 -22.86
N MET A 144 -12.29 6.43 -22.16
CA MET A 144 -11.95 7.65 -22.88
C MET A 144 -10.48 7.61 -23.18
N LYS A 145 -10.14 7.89 -24.44
CA LYS A 145 -8.75 7.90 -24.84
C LYS A 145 -7.95 8.83 -23.94
N SER A 146 -8.45 10.07 -23.76
CA SER A 146 -7.76 11.06 -22.93
C SER A 146 -7.44 10.50 -21.56
N THR A 147 -8.41 9.82 -20.94
CA THR A 147 -8.17 9.18 -19.67
C THR A 147 -6.94 8.29 -19.76
N PHE A 148 -6.89 7.42 -20.77
CA PHE A 148 -5.76 6.51 -20.84
C PHE A 148 -4.43 7.26 -20.93
N ARG A 149 -4.37 8.29 -21.76
CA ARG A 149 -3.11 9.03 -21.84
C ARG A 149 -2.77 9.61 -20.49
N ARG A 150 -3.78 10.04 -19.75
CA ARG A 150 -3.51 10.66 -18.47
C ARG A 150 -2.96 9.62 -17.48
N LEU A 151 -3.72 8.55 -17.22
CA LEU A 151 -3.31 7.56 -16.21
C LEU A 151 -1.96 6.93 -16.53
N ALA A 152 -1.75 6.57 -17.80
CA ALA A 152 -0.49 5.91 -18.14
C ALA A 152 0.67 6.87 -17.94
N ALA A 153 0.51 8.10 -18.40
CA ALA A 153 1.55 9.09 -18.23
C ALA A 153 1.82 9.36 -16.75
N GLY A 154 0.85 9.12 -15.88
CA GLY A 154 1.07 9.30 -14.46
C GLY A 154 1.68 8.06 -13.86
N LEU A 155 1.24 6.91 -14.39
CA LEU A 155 1.70 5.62 -13.89
C LEU A 155 3.10 5.31 -14.39
N GLY A 156 3.43 5.71 -15.61
CA GLY A 156 4.68 5.35 -16.22
C GLY A 156 4.52 4.50 -17.45
N THR A 157 3.31 4.02 -17.74
CA THR A 157 3.10 3.14 -18.87
C THR A 157 3.61 3.78 -20.15
N PRO A 158 4.46 3.09 -20.90
CA PRO A 158 5.00 3.66 -22.14
C PRO A 158 3.89 4.20 -23.03
N LEU A 159 4.02 5.48 -23.39
CA LEU A 159 3.12 6.17 -24.31
C LEU A 159 3.91 6.69 -25.49
N THR A 160 3.21 6.87 -26.60
CA THR A 160 3.74 7.67 -27.70
C THR A 160 3.58 9.15 -27.40
N ASP A 161 4.55 9.95 -27.85
CA ASP A 161 4.42 11.40 -27.70
C ASP A 161 3.05 11.84 -28.15
N GLY A 162 2.46 12.78 -27.44
CA GLY A 162 1.10 13.15 -27.76
C GLY A 162 0.55 14.11 -26.74
N VAL A 163 -0.72 14.48 -26.94
CA VAL A 163 -1.32 15.59 -26.22
C VAL A 163 -2.83 15.35 -26.06
N VAL A 164 -3.36 15.64 -24.88
CA VAL A 164 -4.80 15.80 -24.75
C VAL A 164 -5.15 17.22 -25.22
N ALA A 165 -5.58 17.32 -26.48
CA ALA A 165 -5.82 18.62 -27.13
C ALA A 165 -7.17 19.18 -26.71
N ARG A 166 -7.16 20.35 -26.09
CA ARG A 166 -8.37 20.99 -25.63
C ARG A 166 -9.04 21.86 -26.69
N GLY A 167 -8.41 22.04 -27.87
CA GLY A 167 -8.96 22.87 -28.92
C GLY A 167 -8.14 22.84 -30.20
N PRO A 168 -8.68 23.43 -31.29
CA PRO A 168 -8.03 23.24 -32.62
C PRO A 168 -6.66 23.89 -32.74
N ALA A 169 -6.47 25.08 -32.16
CA ALA A 169 -5.12 25.64 -32.13
C ALA A 169 -4.16 24.66 -31.48
N GLU A 170 -4.58 24.05 -30.36
CA GLU A 170 -3.77 23.00 -29.79
C GLU A 170 -3.52 21.92 -30.83
N VAL A 171 -4.56 21.51 -31.56
CA VAL A 171 -4.42 20.49 -32.60
C VAL A 171 -3.35 20.92 -33.60
N ARG A 172 -3.34 22.21 -33.95
CA ARG A 172 -2.38 22.73 -34.92
C ARG A 172 -0.94 22.51 -34.45
N SER A 173 -0.62 22.99 -33.25
CA SER A 173 0.76 22.91 -32.77
C SER A 173 1.17 21.48 -32.50
N ALA A 174 0.21 20.63 -32.17
CA ALA A 174 0.48 19.21 -31.97
C ALA A 174 0.89 18.55 -33.27
N ILE A 175 0.07 18.70 -34.33
CA ILE A 175 0.44 18.13 -35.61
C ILE A 175 1.79 18.66 -36.04
N GLN A 176 2.04 19.95 -35.76
CA GLN A 176 3.30 20.58 -36.14
C GLN A 176 4.47 19.99 -35.37
N GLU A 177 4.29 19.72 -34.08
CA GLU A 177 5.41 19.13 -33.37
C GLU A 177 5.48 17.62 -33.52
N LEU A 178 4.35 16.95 -33.62
CA LEU A 178 4.35 15.50 -33.55
C LEU A 178 4.54 14.83 -34.92
N ILE A 179 4.53 15.58 -36.02
CA ILE A 179 4.62 14.96 -37.35
C ILE A 179 6.03 14.48 -37.72
N ALA A 180 7.08 14.99 -37.07
CA ALA A 180 8.43 14.86 -37.64
C ALA A 180 8.99 13.46 -37.53
N GLU A 181 8.93 12.85 -36.32
CA GLU A 181 9.69 11.63 -36.04
C GLU A 181 9.46 10.54 -37.10
N THR A 182 8.21 10.30 -37.50
CA THR A 182 7.92 9.28 -38.49
C THR A 182 7.19 9.79 -39.69
N GLY A 183 6.80 11.06 -39.71
CA GLY A 183 5.99 11.57 -40.78
C GLY A 183 4.54 11.18 -40.71
N MET A 184 4.13 10.48 -39.65
CA MET A 184 2.74 10.06 -39.50
C MET A 184 2.26 10.48 -38.12
N VAL A 185 1.17 11.24 -38.10
CA VAL A 185 0.46 11.58 -36.86
C VAL A 185 -0.92 10.92 -36.92
N ILE A 186 -1.43 10.51 -35.76
CA ILE A 186 -2.79 9.99 -35.70
C ILE A 186 -3.61 10.87 -34.78
N ALA A 187 -4.90 10.96 -35.08
CA ALA A 187 -5.82 11.85 -34.37
C ALA A 187 -7.10 11.11 -34.09
N LYS A 188 -7.54 11.09 -32.83
CA LYS A 188 -8.64 10.21 -32.47
C LYS A 188 -9.73 10.92 -31.66
N GLN A 189 -10.96 10.51 -31.92
CA GLN A 189 -12.10 10.82 -31.05
C GLN A 189 -11.86 10.29 -29.64
N ASP A 190 -12.21 11.09 -28.63
CA ASP A 190 -11.93 10.72 -27.23
C ASP A 190 -12.66 9.44 -26.82
N ARG A 191 -13.95 9.32 -27.16
CA ARG A 191 -14.75 8.14 -26.83
C ARG A 191 -15.26 7.49 -28.12
N SER A 192 -14.53 6.49 -28.61
CA SER A 192 -14.92 5.79 -29.83
C SER A 192 -14.22 4.43 -29.85
N GLY A 193 -14.29 3.74 -30.99
CA GLY A 193 -13.72 2.41 -31.06
C GLY A 193 -13.69 1.89 -32.48
N GLY A 194 -13.12 0.69 -32.61
CA GLY A 194 -13.06 0.02 -33.90
C GLY A 194 -12.30 0.77 -34.97
N GLY A 195 -11.46 1.73 -34.59
CA GLY A 195 -10.76 2.56 -35.56
C GLY A 195 -11.65 3.47 -36.36
N HIS A 196 -12.83 3.80 -35.85
CA HIS A 196 -13.77 4.67 -36.56
C HIS A 196 -13.56 6.15 -36.25
N GLY A 197 -12.85 6.47 -35.18
CA GLY A 197 -12.70 7.85 -34.81
C GLY A 197 -11.30 8.37 -35.07
N ASN A 198 -10.45 7.52 -35.64
CA ASN A 198 -9.04 7.84 -35.81
C ASN A 198 -8.81 8.31 -37.23
N ILE A 199 -8.23 9.49 -37.35
CA ILE A 199 -7.94 10.10 -38.64
C ILE A 199 -6.45 10.19 -38.76
N GLY A 200 -5.92 9.73 -39.88
CA GLY A 200 -4.49 9.76 -40.09
C GLY A 200 -4.05 11.04 -40.77
N ILE A 201 -2.83 11.46 -40.45
CA ILE A 201 -2.15 12.57 -41.12
C ILE A 201 -0.80 12.05 -41.63
N SER A 202 -0.55 12.26 -42.91
CA SER A 202 0.61 11.66 -43.55
C SER A 202 1.36 12.72 -44.33
N THR A 203 2.68 12.65 -44.26
CA THR A 203 3.47 13.49 -45.14
C THR A 203 3.82 12.77 -46.45
N SER A 204 3.45 11.49 -46.56
CA SER A 204 3.69 10.75 -47.78
C SER A 204 2.52 9.80 -48.05
N PRO A 205 1.97 9.79 -49.26
CA PRO A 205 1.13 8.65 -49.64
C PRO A 205 2.04 7.44 -49.77
N GLU A 206 1.48 6.25 -49.58
CA GLU A 206 2.20 4.98 -49.40
C GLU A 206 2.35 4.73 -47.90
N SER A 207 1.54 5.42 -47.10
CA SER A 207 1.46 5.20 -45.67
C SER A 207 0.39 4.16 -45.38
N SER A 208 0.74 3.11 -44.65
CA SER A 208 -0.26 2.14 -44.22
C SER A 208 -0.72 2.53 -42.82
N PHE A 209 -1.99 2.88 -42.69
CA PHE A 209 -2.51 3.28 -41.38
C PHE A 209 -3.53 2.30 -40.82
N PRO A 210 -3.11 1.13 -40.33
CA PRO A 210 -4.01 0.33 -39.49
C PRO A 210 -4.65 1.15 -38.38
N GLY A 211 -5.93 0.89 -38.15
CA GLY A 211 -6.64 1.56 -37.09
C GLY A 211 -7.09 2.97 -37.37
N THR A 212 -7.42 3.29 -38.62
CA THR A 212 -7.94 4.61 -38.98
C THR A 212 -9.01 4.48 -40.05
N ARG A 213 -9.86 5.51 -40.17
CA ARG A 213 -10.87 5.55 -41.24
C ARG A 213 -10.39 6.22 -42.52
N GLU A 214 -9.86 7.45 -42.45
CA GLU A 214 -9.31 8.10 -43.63
C GLU A 214 -7.95 8.70 -43.31
N VAL A 215 -7.14 8.92 -44.35
CA VAL A 215 -5.82 9.50 -44.21
C VAL A 215 -5.77 10.77 -45.06
N LEU A 216 -5.25 11.83 -44.46
CA LEU A 216 -5.16 13.12 -45.11
C LEU A 216 -3.70 13.54 -45.20
N ALA A 217 -3.33 14.08 -46.35
CA ALA A 217 -1.97 14.57 -46.55
C ALA A 217 -1.75 15.87 -45.78
N TYR A 218 -0.63 15.93 -45.07
CA TYR A 218 -0.24 17.12 -44.33
C TYR A 218 0.54 18.02 -45.29
N ALA A 219 -0.04 19.14 -45.66
CA ALA A 219 0.78 20.19 -46.22
C ALA A 219 1.14 21.17 -45.12
N ASN A 220 2.19 21.94 -45.36
CA ASN A 220 2.45 23.01 -44.42
C ASN A 220 1.43 24.15 -44.59
N ASP A 221 1.18 24.56 -45.84
CA ASP A 221 0.32 25.71 -46.11
C ASP A 221 -1.16 25.44 -45.89
N GLN A 222 -1.56 24.24 -45.47
CA GLN A 222 -2.94 23.98 -45.04
C GLN A 222 -2.97 23.23 -43.70
N LEU A 223 -1.99 23.46 -42.86
CA LEU A 223 -2.08 22.98 -41.48
C LEU A 223 -3.12 23.76 -40.67
N ASP A 224 -3.51 24.95 -41.15
CA ASP A 224 -4.60 25.69 -40.53
C ASP A 224 -5.88 24.85 -40.54
N THR A 225 -6.41 24.56 -41.72
CA THR A 225 -7.75 23.99 -41.75
C THR A 225 -7.73 22.51 -41.38
N LEU A 226 -6.63 21.81 -41.69
CA LEU A 226 -6.36 20.50 -41.12
C LEU A 226 -6.82 20.46 -39.68
N ALA A 227 -6.30 21.36 -38.84
CA ALA A 227 -6.50 21.27 -37.40
C ALA A 227 -7.96 21.47 -37.02
N ASP A 228 -8.65 22.42 -37.67
CA ASP A 228 -10.06 22.63 -37.35
C ASP A 228 -10.97 21.62 -38.05
N THR A 229 -10.54 21.04 -39.16
CA THR A 229 -11.23 19.91 -39.73
C THR A 229 -11.29 18.74 -38.74
N LEU A 230 -10.14 18.41 -38.14
CA LEU A 230 -10.09 17.34 -37.16
C LEU A 230 -10.88 17.70 -35.92
N TRP A 231 -10.65 18.90 -35.40
CA TRP A 231 -11.37 19.31 -34.22
C TRP A 231 -12.87 19.17 -34.41
N SER A 232 -13.39 19.72 -35.51
CA SER A 232 -14.83 19.81 -35.66
C SER A 232 -15.47 18.44 -35.79
N GLN A 233 -14.73 17.50 -36.32
CA GLN A 233 -15.29 16.22 -36.65
C GLN A 233 -15.02 15.15 -35.61
N LEU A 234 -14.13 15.41 -34.66
CA LEU A 234 -13.82 14.41 -33.65
C LEU A 234 -14.24 14.87 -32.27
N THR A 235 -15.14 15.86 -32.20
CA THR A 235 -15.72 16.37 -30.97
C THR A 235 -17.22 16.58 -31.16
N ASP A 236 -17.90 16.77 -30.04
CA ASP A 236 -19.33 17.05 -29.98
C ASP A 236 -19.64 17.59 -28.59
N THR A 237 -20.92 17.76 -28.28
CA THR A 237 -21.30 18.34 -26.98
C THR A 237 -20.55 17.67 -25.85
N GLN A 238 -20.61 16.35 -25.80
CA GLN A 238 -20.12 15.59 -24.67
C GLN A 238 -18.62 15.31 -24.73
N ASN A 239 -17.88 15.84 -25.71
CA ASN A 239 -16.47 15.48 -25.86
C ASN A 239 -15.67 16.70 -26.30
N GLN A 240 -14.93 17.30 -25.39
CA GLN A 240 -14.10 18.44 -25.75
C GLN A 240 -12.62 18.10 -25.68
N PHE A 241 -12.27 16.85 -25.94
CA PHE A 241 -10.89 16.43 -26.04
C PHE A 241 -10.66 15.69 -27.34
N ILE A 242 -9.51 15.93 -27.96
CA ILE A 242 -9.05 15.12 -29.07
C ILE A 242 -7.61 14.69 -28.81
N THR A 243 -7.32 13.43 -29.05
CA THR A 243 -5.99 12.89 -28.82
C THR A 243 -5.14 13.03 -30.07
N VAL A 244 -3.90 13.50 -29.90
CA VAL A 244 -2.99 13.65 -31.03
C VAL A 244 -1.64 13.08 -30.65
N GLU A 245 -1.11 12.20 -31.49
CA GLU A 245 0.04 11.33 -31.19
C GLU A 245 0.91 11.09 -32.42
N THR A 246 2.17 10.79 -32.17
CA THR A 246 3.06 10.25 -33.19
C THR A 246 2.58 8.87 -33.62
N TYR A 247 2.36 8.67 -34.91
CA TYR A 247 1.99 7.36 -35.42
C TYR A 247 3.26 6.62 -35.82
N HIS A 248 3.43 5.41 -35.30
CA HIS A 248 4.58 4.56 -35.60
C HIS A 248 4.19 3.40 -36.52
N ARG A 249 5.15 2.99 -37.36
CA ARG A 249 5.14 1.69 -38.01
C ARG A 249 5.51 0.60 -36.99
N ALA A 250 4.97 -0.60 -37.16
CA ALA A 250 5.08 -1.57 -36.07
C ALA A 250 5.31 -2.99 -36.57
N ASP A 251 6.22 -3.69 -35.86
CA ASP A 251 6.44 -5.10 -36.09
C ASP A 251 5.22 -5.95 -35.73
N GLN A 252 4.43 -5.51 -34.76
CA GLN A 252 3.31 -6.32 -34.30
C GLN A 252 2.25 -5.41 -33.68
N ARG A 253 0.97 -5.72 -33.92
CA ARG A 253 -0.15 -4.95 -33.39
C ARG A 253 -0.97 -5.91 -32.53
N PHE A 254 -0.83 -5.79 -31.22
CA PHE A 254 -1.27 -6.79 -30.27
C PHE A 254 -2.21 -6.17 -29.24
N PHE A 255 -2.87 -7.04 -28.47
CA PHE A 255 -3.47 -6.62 -27.22
C PHE A 255 -3.55 -7.80 -26.27
N PHE A 256 -3.72 -7.48 -25.00
CA PHE A 256 -3.84 -8.47 -23.94
C PHE A 256 -5.18 -8.28 -23.26
N GLU A 257 -5.95 -9.35 -23.09
CA GLU A 257 -7.24 -9.26 -22.39
C GLU A 257 -7.16 -9.92 -21.02
N TYR A 258 -7.82 -9.30 -20.05
CA TYR A 258 -7.82 -9.72 -18.65
C TYR A 258 -9.25 -9.83 -18.13
N HIS A 259 -9.42 -10.55 -17.01
CA HIS A 259 -10.68 -10.51 -16.26
C HIS A 259 -10.39 -10.11 -14.82
N LEU A 260 -11.28 -9.30 -14.25
CA LEU A 260 -11.02 -8.61 -12.99
C LEU A 260 -12.07 -8.95 -11.93
N ASP A 261 -11.60 -9.27 -10.73
CA ASP A 261 -12.41 -9.40 -9.52
C ASP A 261 -11.67 -8.78 -8.35
N GLY A 262 -12.32 -8.76 -7.19
CA GLY A 262 -11.71 -8.17 -6.01
C GLY A 262 -10.36 -8.76 -5.67
N ASP A 263 -10.11 -10.01 -6.05
CA ASP A 263 -8.92 -10.75 -5.65
C ASP A 263 -7.78 -10.65 -6.63
N ARG A 264 -8.08 -10.67 -7.93
CA ARG A 264 -7.01 -10.80 -8.90
C ARG A 264 -7.43 -10.19 -10.23
N ALA A 265 -6.44 -9.58 -10.88
CA ALA A 265 -6.49 -9.26 -12.30
C ALA A 265 -5.99 -10.49 -13.06
N ARG A 266 -6.83 -11.03 -13.95
CA ARG A 266 -6.63 -12.36 -14.52
C ARG A 266 -6.29 -12.28 -16.00
N PHE A 267 -5.07 -12.71 -16.37
CA PHE A 267 -4.67 -12.79 -17.76
C PHE A 267 -5.47 -13.87 -18.47
N LEU A 268 -6.06 -13.49 -19.59
CA LEU A 268 -6.91 -14.39 -20.36
C LEU A 268 -6.24 -14.84 -21.65
N HIS A 269 -5.76 -13.91 -22.46
CA HIS A 269 -5.19 -14.23 -23.77
C HIS A 269 -4.50 -13.01 -24.34
N SER A 270 -3.66 -13.26 -25.34
CA SER A 270 -3.08 -12.23 -26.19
C SER A 270 -3.42 -12.60 -27.61
N SER A 271 -3.38 -11.61 -28.51
CA SER A 271 -3.90 -11.74 -29.86
C SER A 271 -3.27 -10.70 -30.80
N ILE A 272 -3.05 -11.11 -32.06
CA ILE A 272 -2.48 -10.25 -33.10
C ILE A 272 -3.61 -9.62 -33.92
N LEU A 273 -3.58 -8.29 -34.05
CA LEU A 273 -4.59 -7.56 -34.78
C LEU A 273 -4.17 -7.49 -36.25
N LYS A 274 -5.04 -7.97 -37.13
CA LYS A 274 -4.69 -8.11 -38.52
C LYS A 274 -5.47 -7.08 -39.33
N TYR A 275 -4.76 -6.28 -40.12
CA TYR A 275 -5.34 -5.21 -40.93
C TYR A 275 -5.09 -5.47 -42.40
N GLU A 276 -5.82 -4.75 -43.25
CA GLU A 276 -5.77 -5.03 -44.68
C GLU A 276 -4.42 -4.65 -45.27
N GLN A 277 -3.98 -5.45 -46.24
CA GLN A 277 -2.74 -5.19 -46.97
C GLN A 277 -3.07 -4.39 -48.22
N LEU A 278 -2.69 -3.10 -48.21
CA LEU A 278 -2.92 -2.24 -49.36
C LEU A 278 -1.81 -2.46 -50.39
N PRO A 279 -2.13 -2.48 -51.67
CA PRO A 279 -1.06 -2.67 -52.67
C PRO A 279 -0.16 -1.45 -52.79
N GLU A 280 0.57 -1.11 -51.71
CA GLU A 280 1.35 0.12 -51.54
C GLU A 280 0.68 1.35 -52.16
N GLY A 281 -0.64 1.39 -52.14
CA GLY A 281 -1.35 2.43 -52.84
C GLY A 281 -1.41 3.72 -52.05
N SER A 282 -1.69 4.82 -52.76
CA SER A 282 -1.81 6.15 -52.17
C SER A 282 -2.98 6.27 -51.20
N GLY A 283 -3.81 5.23 -51.10
CA GLY A 283 -4.65 5.07 -49.94
C GLY A 283 -3.81 4.79 -48.71
N GLY A 284 -4.24 5.35 -47.58
CA GLY A 284 -3.56 5.14 -46.33
C GLY A 284 -4.20 4.12 -45.41
N SER A 285 -5.49 4.30 -45.09
CA SER A 285 -6.15 3.50 -44.05
C SER A 285 -6.21 2.02 -44.39
N ALA A 286 -5.78 1.19 -43.44
CA ALA A 286 -5.89 -0.26 -43.55
C ALA A 286 -7.00 -0.72 -42.62
N LYS A 287 -8.07 -1.26 -43.19
CA LYS A 287 -9.18 -1.75 -42.40
C LYS A 287 -8.76 -2.94 -41.57
N TRP A 288 -9.53 -3.22 -40.53
CA TRP A 288 -9.22 -4.33 -39.63
C TRP A 288 -9.95 -5.59 -40.09
N ILE A 289 -9.19 -6.66 -40.27
CA ILE A 289 -9.68 -7.82 -41.00
C ILE A 289 -9.66 -9.09 -40.18
N GLY A 290 -8.95 -9.13 -39.05
CA GLY A 290 -8.95 -10.35 -38.27
C GLY A 290 -8.02 -10.28 -37.09
N LEU A 291 -7.83 -11.45 -36.49
CA LEU A 291 -7.32 -11.62 -35.15
C LEU A 291 -6.67 -12.99 -35.04
N ASP A 292 -5.38 -13.01 -34.70
CA ASP A 292 -4.62 -14.24 -34.48
C ASP A 292 -4.23 -14.29 -33.02
N SER A 293 -4.45 -15.44 -32.34
CA SER A 293 -4.36 -15.25 -30.89
C SER A 293 -3.03 -15.53 -30.26
N PRO A 294 -2.63 -16.82 -30.05
CA PRO A 294 -1.39 -17.03 -29.29
C PRO A 294 -0.33 -16.10 -29.88
N SER A 295 -0.24 -14.91 -29.29
CA SER A 295 0.50 -13.82 -29.92
C SER A 295 2.00 -14.00 -29.71
N ARG A 296 2.76 -13.31 -30.53
CA ARG A 296 4.21 -13.37 -30.42
C ARG A 296 4.76 -12.08 -29.83
N SER A 297 4.07 -11.55 -28.82
CA SER A 297 4.44 -10.27 -28.21
C SER A 297 4.37 -10.31 -26.66
N GLU A 298 4.59 -11.47 -26.05
CA GLU A 298 4.44 -11.65 -24.61
C GLU A 298 5.84 -11.82 -24.02
N PHE A 299 6.42 -10.72 -23.55
CA PHE A 299 7.69 -10.76 -22.84
C PHE A 299 7.64 -9.69 -21.76
N GLU A 300 8.82 -9.37 -21.20
CA GLU A 300 8.91 -8.48 -20.06
C GLU A 300 8.34 -7.09 -20.38
N ALA A 301 8.73 -6.54 -21.52
CA ALA A 301 8.45 -5.15 -21.86
C ALA A 301 6.99 -4.90 -22.22
N THR A 302 6.25 -5.93 -22.63
CA THR A 302 4.83 -5.73 -22.87
C THR A 302 4.00 -6.19 -21.68
N LEU A 303 4.31 -7.35 -21.14
CA LEU A 303 3.51 -7.90 -20.07
C LEU A 303 3.58 -7.01 -18.84
N LYS A 304 4.75 -6.94 -18.21
CA LYS A 304 4.83 -6.31 -16.89
C LYS A 304 4.30 -4.88 -16.84
N PRO A 305 4.63 -3.98 -17.76
CA PRO A 305 4.01 -2.65 -17.70
C PRO A 305 2.49 -2.73 -17.73
N ALA A 306 1.98 -3.38 -18.78
CA ALA A 306 0.54 -3.65 -18.88
C ALA A 306 -0.01 -4.20 -17.58
N GLU A 307 0.65 -5.21 -17.03
CA GLU A 307 0.32 -5.73 -15.71
C GLU A 307 0.13 -4.59 -14.72
N GLU A 308 1.17 -3.78 -14.54
CA GLU A 308 1.09 -2.69 -13.58
C GLU A 308 -0.11 -1.79 -13.87
N PHE A 309 -0.34 -1.47 -15.14
CA PHE A 309 -1.44 -0.56 -15.48
C PHE A 309 -2.78 -1.17 -15.16
N ILE A 310 -2.92 -2.48 -15.38
CA ILE A 310 -4.21 -3.15 -15.22
C ILE A 310 -4.58 -3.29 -13.75
N GLU A 311 -3.57 -3.52 -12.92
CA GLU A 311 -3.80 -3.63 -11.48
C GLU A 311 -4.36 -2.34 -10.91
N MET A 312 -3.78 -1.21 -11.30
CA MET A 312 -4.27 0.06 -10.81
C MET A 312 -5.73 0.26 -11.22
N ILE A 313 -6.08 -0.07 -12.46
CA ILE A 313 -7.49 0.12 -12.77
C ILE A 313 -8.35 -0.89 -12.01
N ARG A 314 -7.77 -1.99 -11.51
CA ARG A 314 -8.49 -2.82 -10.54
C ARG A 314 -8.56 -2.11 -9.19
N THR A 315 -7.46 -1.46 -8.79
CA THR A 315 -7.48 -0.56 -7.64
C THR A 315 -8.61 0.46 -7.76
N ILE A 316 -8.67 1.20 -8.88
CA ILE A 316 -9.74 2.18 -9.03
C ILE A 316 -11.10 1.48 -9.05
N GLY A 317 -11.15 0.25 -9.55
CA GLY A 317 -12.30 -0.55 -9.18
C GLY A 317 -13.17 -1.10 -10.30
N TYR A 318 -12.73 -1.01 -11.53
CA TYR A 318 -13.46 -1.71 -12.58
C TYR A 318 -13.51 -3.21 -12.26
N ARG A 319 -14.62 -3.84 -12.62
CA ARG A 319 -14.80 -5.27 -12.39
C ARG A 319 -15.36 -5.84 -13.67
N GLY A 320 -14.80 -6.95 -14.12
CA GLY A 320 -15.18 -7.51 -15.40
C GLY A 320 -14.01 -7.55 -16.38
N TYR A 321 -14.34 -7.47 -17.68
CA TYR A 321 -13.37 -7.66 -18.76
C TYR A 321 -12.78 -6.34 -19.25
N VAL A 322 -11.48 -6.34 -19.50
CA VAL A 322 -10.80 -5.15 -19.99
C VAL A 322 -9.57 -5.58 -20.78
N ASN A 323 -9.18 -4.76 -21.74
CA ASN A 323 -8.04 -5.11 -22.56
C ASN A 323 -7.21 -3.87 -22.88
N ILE A 324 -5.93 -4.10 -23.16
CA ILE A 324 -4.99 -3.03 -23.42
C ILE A 324 -4.30 -3.31 -24.76
N ASP A 325 -4.34 -2.32 -25.67
CA ASP A 325 -3.83 -2.40 -27.03
C ASP A 325 -2.37 -1.96 -27.04
N GLY A 326 -1.59 -2.45 -28.01
CA GLY A 326 -0.21 -1.99 -28.06
C GLY A 326 0.55 -2.41 -29.31
N ILE A 327 1.72 -1.78 -29.49
CA ILE A 327 2.62 -2.06 -30.61
C ILE A 327 4.04 -2.28 -30.13
N VAL A 328 4.80 -3.05 -30.90
CA VAL A 328 6.22 -3.31 -30.64
C VAL A 328 6.99 -2.88 -31.88
N LEU A 329 8.04 -2.09 -31.69
CA LEU A 329 8.73 -1.43 -32.79
C LEU A 329 9.80 -2.32 -33.41
N ASP A 330 10.12 -2.05 -34.68
CA ASP A 330 11.23 -2.75 -35.34
C ASP A 330 12.50 -2.66 -34.49
N ASP A 331 12.74 -1.52 -33.84
CA ASP A 331 13.87 -1.38 -32.95
C ASP A 331 13.59 -1.86 -31.53
N GLY A 332 12.39 -2.39 -31.26
CA GLY A 332 12.06 -3.01 -29.99
C GLY A 332 11.37 -2.14 -28.96
N ARG A 333 11.07 -0.88 -29.26
CA ARG A 333 10.32 -0.06 -28.33
C ARG A 333 8.89 -0.56 -28.23
N VAL A 334 8.26 -0.33 -27.06
CA VAL A 334 6.87 -0.71 -26.82
C VAL A 334 6.08 0.54 -26.50
N PHE A 335 4.80 0.55 -26.87
CA PHE A 335 3.86 1.61 -26.55
C PHE A 335 2.47 1.00 -26.43
N PHE A 336 1.70 1.52 -25.48
CA PHE A 336 0.31 1.12 -25.30
C PHE A 336 -0.62 2.27 -25.68
N HIS A 337 -1.77 1.94 -26.28
CA HIS A 337 -2.67 2.89 -26.94
C HIS A 337 -3.94 3.21 -26.15
N GLU A 338 -4.59 2.21 -25.56
CA GLU A 338 -5.87 2.43 -24.88
C GLU A 338 -6.20 1.17 -24.10
N ILE A 339 -7.17 1.30 -23.18
CA ILE A 339 -7.90 0.15 -22.66
C ILE A 339 -9.37 0.31 -23.01
N ASN A 340 -10.07 -0.83 -23.13
CA ASN A 340 -11.52 -0.86 -23.32
C ASN A 340 -12.08 -1.72 -22.19
N ALA A 341 -12.80 -1.09 -21.26
CA ALA A 341 -13.58 -1.81 -20.25
C ALA A 341 -14.84 -2.29 -20.94
N ARG A 342 -14.70 -3.42 -21.64
CA ARG A 342 -15.80 -4.19 -22.21
C ARG A 342 -15.27 -5.47 -22.83
N TRP A 343 -16.15 -6.24 -23.46
CA TRP A 343 -15.64 -7.35 -24.23
C TRP A 343 -14.70 -6.82 -25.31
N SER A 344 -13.49 -7.35 -25.36
CA SER A 344 -12.75 -7.18 -26.60
C SER A 344 -13.46 -7.97 -27.70
N GLY A 345 -12.98 -7.81 -28.93
CA GLY A 345 -13.45 -8.66 -30.01
C GLY A 345 -13.10 -10.10 -29.70
N GLY A 346 -11.81 -10.41 -29.57
CA GLY A 346 -11.36 -11.78 -29.50
C GLY A 346 -11.77 -12.55 -28.28
N LEU A 347 -12.62 -11.96 -27.44
CA LEU A 347 -13.05 -12.67 -26.25
C LEU A 347 -13.93 -13.85 -26.61
N ILE A 348 -14.83 -13.66 -27.57
CA ILE A 348 -15.57 -14.82 -28.06
C ILE A 348 -14.62 -15.85 -28.67
N TYR A 349 -13.60 -15.40 -29.42
CA TYR A 349 -12.59 -16.34 -29.91
C TYR A 349 -12.00 -17.12 -28.75
N HIS A 350 -11.39 -16.41 -27.80
CA HIS A 350 -10.81 -17.07 -26.64
C HIS A 350 -11.79 -18.00 -25.98
N THR A 351 -12.95 -17.48 -25.60
CA THR A 351 -14.01 -18.31 -25.06
C THR A 351 -14.12 -19.61 -25.84
N VAL A 352 -14.54 -19.53 -27.11
CA VAL A 352 -14.76 -20.73 -27.90
C VAL A 352 -13.54 -21.62 -27.88
N ALA A 353 -12.35 -21.01 -27.95
CA ALA A 353 -11.13 -21.79 -27.84
C ALA A 353 -11.13 -22.62 -26.58
N GLU A 354 -11.30 -21.97 -25.43
CA GLU A 354 -11.38 -22.67 -24.16
C GLU A 354 -12.39 -23.81 -24.23
N ARG A 355 -13.59 -23.52 -24.74
CA ARG A 355 -14.66 -24.49 -24.65
C ARG A 355 -14.40 -25.71 -25.53
N LEU A 356 -13.74 -25.54 -26.67
CA LEU A 356 -13.56 -26.67 -27.58
C LEU A 356 -12.25 -27.41 -27.37
N LEU A 357 -11.16 -26.72 -27.03
CA LEU A 357 -9.89 -27.39 -26.85
C LEU A 357 -9.38 -27.42 -25.42
N GLY A 358 -9.97 -26.65 -24.52
CA GLY A 358 -9.57 -26.65 -23.13
C GLY A 358 -8.92 -25.33 -22.70
N HIS A 359 -8.76 -25.21 -21.38
CA HIS A 359 -8.31 -23.97 -20.77
C HIS A 359 -6.91 -23.59 -21.24
N ASP A 360 -6.00 -24.54 -21.21
CA ASP A 360 -4.59 -24.27 -21.51
C ASP A 360 -4.28 -24.54 -22.97
N TYR A 361 -5.21 -24.10 -23.82
CA TYR A 361 -5.16 -24.38 -25.25
C TYR A 361 -3.99 -23.69 -25.94
N ALA A 362 -3.60 -22.50 -25.46
CA ALA A 362 -2.59 -21.70 -26.16
C ALA A 362 -1.24 -22.40 -26.21
N ARG A 363 -1.01 -23.38 -25.33
CA ARG A 363 0.24 -24.12 -25.34
C ARG A 363 0.49 -24.76 -26.71
N ASN A 364 -0.47 -25.52 -27.23
CA ASN A 364 -0.28 -26.36 -28.41
C ASN A 364 -1.18 -26.00 -29.57
N ASN A 365 -1.88 -24.88 -29.51
CA ASN A 365 -2.89 -24.60 -30.51
C ASN A 365 -2.77 -23.16 -30.97
N PHE A 366 -3.44 -22.88 -32.08
CA PHE A 366 -3.46 -21.56 -32.66
C PHE A 366 -4.87 -21.33 -33.18
N PHE A 367 -5.31 -20.09 -33.21
CA PHE A 367 -6.57 -19.82 -33.90
C PHE A 367 -6.46 -18.53 -34.69
N SER A 368 -7.38 -18.38 -35.64
CA SER A 368 -7.38 -17.24 -36.54
C SER A 368 -8.76 -17.08 -37.14
N SER A 369 -9.28 -15.86 -37.08
CA SER A 369 -10.61 -15.52 -37.58
C SER A 369 -10.52 -14.95 -38.98
N ILE A 370 -11.69 -14.81 -39.59
CA ILE A 370 -11.89 -14.29 -40.93
C ILE A 370 -13.13 -13.42 -40.91
N LEU A 371 -13.06 -12.25 -41.52
CA LEU A 371 -14.20 -11.36 -41.50
C LEU A 371 -14.88 -11.18 -42.84
N ASN A 372 -14.19 -11.45 -43.96
CA ASN A 372 -14.68 -11.05 -45.27
C ASN A 372 -15.13 -12.21 -46.14
N VAL A 373 -15.50 -13.35 -45.57
CA VAL A 373 -16.08 -14.39 -46.41
C VAL A 373 -17.37 -13.86 -47.01
N VAL A 374 -17.62 -14.25 -48.25
CA VAL A 374 -18.90 -13.95 -48.88
C VAL A 374 -19.99 -14.43 -47.92
N PRO A 375 -20.86 -13.55 -47.47
CA PRO A 375 -21.94 -13.99 -46.57
C PRO A 375 -22.76 -15.07 -47.24
N ALA A 376 -23.39 -15.91 -46.43
CA ALA A 376 -24.14 -17.00 -47.04
C ALA A 376 -25.11 -17.59 -46.03
N GLY A 377 -26.15 -18.23 -46.56
CA GLY A 377 -26.96 -19.07 -45.71
C GLY A 377 -26.08 -20.09 -44.99
N LEU A 378 -26.52 -20.47 -43.79
CA LEU A 378 -25.67 -21.35 -42.99
C LEU A 378 -25.37 -22.64 -43.73
N ALA A 379 -26.42 -23.28 -44.27
CA ALA A 379 -26.18 -24.54 -44.98
C ALA A 379 -25.11 -24.39 -46.05
N ASP A 380 -25.20 -23.32 -46.84
CA ASP A 380 -24.19 -23.14 -47.89
C ASP A 380 -22.81 -22.91 -47.29
N LEU A 381 -22.72 -22.05 -46.27
CA LEU A 381 -21.42 -21.79 -45.67
C LEU A 381 -20.81 -23.06 -45.13
N LEU A 382 -21.63 -23.92 -44.52
CA LEU A 382 -21.13 -25.22 -44.07
C LEU A 382 -20.76 -26.11 -45.24
N ARG A 383 -21.46 -26.02 -46.39
CA ARG A 383 -21.04 -26.79 -47.55
C ARG A 383 -19.61 -26.43 -47.93
N SER A 384 -19.35 -25.13 -48.02
CA SER A 384 -18.07 -24.64 -48.49
C SER A 384 -16.91 -25.21 -47.69
N LEU A 385 -16.99 -25.12 -46.37
CA LEU A 385 -15.93 -25.66 -45.53
C LEU A 385 -15.68 -27.13 -45.87
N GLU A 386 -16.74 -27.95 -45.83
CA GLU A 386 -16.66 -29.32 -46.32
C GLU A 386 -16.00 -29.37 -47.69
N ARG A 387 -16.47 -28.53 -48.61
CA ARG A 387 -15.86 -28.54 -49.93
C ARG A 387 -14.37 -28.24 -49.83
N ALA A 388 -14.00 -27.27 -49.00
CA ALA A 388 -12.60 -26.93 -48.77
C ALA A 388 -11.86 -27.96 -47.91
N GLY A 389 -12.56 -28.91 -47.31
CA GLY A 389 -11.93 -29.93 -46.47
C GLY A 389 -11.52 -29.49 -45.09
N VAL A 390 -12.15 -28.44 -44.55
CA VAL A 390 -11.71 -27.81 -43.30
C VAL A 390 -12.86 -27.44 -42.36
N ARG A 391 -14.02 -28.11 -42.45
CA ARG A 391 -15.02 -27.86 -41.44
C ARG A 391 -14.56 -28.46 -40.12
N TYR A 392 -14.71 -27.69 -39.05
CA TYR A 392 -14.18 -28.07 -37.75
C TYR A 392 -14.42 -29.53 -37.45
N ASP A 393 -13.34 -30.29 -37.30
CA ASP A 393 -13.41 -31.72 -37.06
C ASP A 393 -13.30 -31.93 -35.56
N LYS A 394 -14.43 -32.29 -34.94
CA LYS A 394 -14.45 -32.55 -33.51
C LYS A 394 -13.39 -33.57 -33.12
N ASP A 395 -13.19 -34.58 -33.98
CA ASP A 395 -12.24 -35.65 -33.66
C ASP A 395 -10.83 -35.10 -33.51
N SER A 396 -10.40 -34.24 -34.43
CA SER A 396 -9.03 -33.72 -34.43
C SER A 396 -8.92 -32.29 -33.91
N GLY A 397 -10.03 -31.67 -33.51
CA GLY A 397 -9.97 -30.30 -33.02
C GLY A 397 -9.43 -29.29 -34.01
N GLU A 398 -9.52 -29.58 -35.31
CA GLU A 398 -9.02 -28.75 -36.38
C GLU A 398 -10.19 -28.32 -37.26
N GLY A 399 -10.06 -27.15 -37.89
CA GLY A 399 -11.07 -26.68 -38.83
C GLY A 399 -11.80 -25.45 -38.35
N ALA A 400 -12.77 -25.02 -39.15
CA ALA A 400 -13.42 -23.72 -39.01
C ALA A 400 -14.88 -23.86 -38.58
N VAL A 401 -15.38 -22.80 -37.94
CA VAL A 401 -16.72 -22.75 -37.36
C VAL A 401 -17.32 -21.38 -37.64
N VAL A 402 -18.62 -21.34 -37.93
CA VAL A 402 -19.25 -20.08 -38.31
C VAL A 402 -19.53 -19.26 -37.06
N LEU A 403 -19.17 -17.98 -37.11
CA LEU A 403 -19.57 -17.07 -36.04
C LEU A 403 -20.71 -16.14 -36.44
N GLY A 404 -20.98 -16.00 -37.73
CA GLY A 404 -22.10 -15.21 -38.18
C GLY A 404 -22.18 -15.37 -39.68
N CYS A 405 -23.38 -15.42 -40.22
CA CYS A 405 -23.50 -15.71 -41.65
C CYS A 405 -23.51 -14.45 -42.51
N ASN A 406 -23.76 -13.30 -41.89
CA ASN A 406 -23.83 -12.05 -42.62
C ASN A 406 -23.67 -10.92 -41.61
N SER A 407 -22.44 -10.75 -41.13
CA SER A 407 -22.17 -9.79 -40.07
C SER A 407 -21.54 -8.54 -40.70
N ASP A 408 -21.82 -7.38 -40.13
CA ASP A 408 -21.16 -6.16 -40.59
C ASP A 408 -19.87 -5.90 -39.84
N LEU A 409 -19.46 -6.83 -38.98
CA LEU A 409 -18.14 -6.80 -38.38
C LEU A 409 -17.10 -6.71 -39.48
N GLY A 410 -16.50 -5.53 -39.66
CA GLY A 410 -15.77 -5.23 -40.86
C GLY A 410 -16.58 -5.58 -42.10
N PRO A 411 -16.26 -6.68 -42.72
CA PRO A 411 -16.93 -7.05 -43.97
C PRO A 411 -18.20 -7.84 -43.76
N GLY A 412 -18.14 -9.15 -44.06
CA GLY A 412 -19.30 -10.04 -44.08
C GLY A 412 -19.26 -11.20 -43.07
N ALA A 413 -19.32 -12.44 -43.56
CA ALA A 413 -19.44 -13.60 -42.65
C ALA A 413 -18.14 -13.82 -41.88
N GLU A 414 -18.26 -14.22 -40.62
CA GLU A 414 -17.13 -14.36 -39.73
C GLU A 414 -16.95 -15.83 -39.40
N LEU A 415 -15.73 -16.32 -39.57
CA LEU A 415 -15.41 -17.70 -39.23
C LEU A 415 -14.18 -17.71 -38.34
N LEU A 416 -13.94 -18.83 -37.68
CA LEU A 416 -12.85 -18.95 -36.73
C LEU A 416 -12.19 -20.31 -36.90
N VAL A 417 -10.89 -20.32 -37.25
CA VAL A 417 -10.21 -21.55 -37.66
C VAL A 417 -9.21 -22.00 -36.61
N PHE A 418 -9.18 -23.29 -36.35
CA PHE A 418 -8.27 -23.87 -35.36
C PHE A 418 -7.30 -24.83 -36.02
N SER A 419 -6.14 -24.95 -35.38
CA SER A 419 -5.15 -25.93 -35.79
C SER A 419 -4.07 -25.97 -34.72
N LYS A 420 -3.40 -27.12 -34.64
CA LYS A 420 -2.24 -27.32 -33.78
C LYS A 420 -0.96 -26.91 -34.48
N ASP A 421 -1.07 -26.27 -35.64
CA ASP A 421 0.10 -26.02 -36.47
C ASP A 421 -0.14 -24.75 -37.26
N TRP A 422 0.83 -23.83 -37.26
CA TRP A 422 0.58 -22.50 -37.79
C TRP A 422 0.41 -22.53 -39.30
N ASP A 423 1.30 -23.24 -39.99
CA ASP A 423 1.21 -23.28 -41.44
C ASP A 423 -0.03 -24.01 -41.91
N ARG A 424 -0.41 -25.09 -41.22
CA ARG A 424 -1.62 -25.78 -41.64
C ARG A 424 -2.82 -24.86 -41.56
N LEU A 425 -2.93 -24.07 -40.48
CA LEU A 425 -4.07 -23.19 -40.28
C LEU A 425 -4.20 -22.16 -41.41
N THR A 426 -3.10 -21.46 -41.71
CA THR A 426 -3.08 -20.60 -42.87
C THR A 426 -3.56 -21.36 -44.11
N ALA A 427 -2.92 -22.48 -44.42
CA ALA A 427 -3.33 -23.29 -45.57
C ALA A 427 -4.83 -23.56 -45.57
N MET A 428 -5.43 -23.78 -44.38
CA MET A 428 -6.87 -23.92 -44.31
C MET A 428 -7.56 -22.64 -44.70
N LYS A 429 -6.94 -21.50 -44.41
CA LYS A 429 -7.63 -20.22 -44.58
C LYS A 429 -7.87 -19.92 -46.06
N ASP A 430 -6.81 -19.96 -46.88
CA ASP A 430 -7.00 -19.63 -48.29
C ASP A 430 -7.84 -20.69 -48.98
N GLU A 431 -7.75 -21.94 -48.51
CA GLU A 431 -8.71 -22.95 -48.91
C GLU A 431 -10.13 -22.41 -48.82
N ILE A 432 -10.44 -21.79 -47.68
CA ILE A 432 -11.76 -21.20 -47.48
C ILE A 432 -11.99 -20.04 -48.43
N ALA A 433 -10.96 -19.19 -48.61
CA ALA A 433 -11.11 -18.05 -49.50
C ALA A 433 -11.33 -18.52 -50.94
N THR A 434 -10.66 -19.60 -51.32
CA THR A 434 -10.90 -20.22 -52.62
C THR A 434 -12.30 -20.80 -52.69
N THR A 435 -12.71 -21.45 -51.63
CA THR A 435 -13.90 -22.27 -51.66
C THR A 435 -15.18 -21.46 -51.46
N ALA A 436 -15.17 -20.52 -50.52
CA ALA A 436 -16.36 -19.72 -50.23
C ALA A 436 -16.19 -18.27 -50.64
N GLY A 437 -15.10 -17.93 -51.30
CA GLY A 437 -14.90 -16.59 -51.77
C GLY A 437 -14.70 -15.62 -50.63
N THR A 438 -14.17 -14.45 -50.95
CA THR A 438 -14.07 -13.36 -49.98
C THR A 438 -14.46 -12.05 -50.66
N LEU A 439 -14.85 -11.08 -49.84
CA LEU A 439 -15.18 -9.71 -50.24
C LEU A 439 -13.97 -8.81 -50.00
N SER A 440 -13.06 -8.74 -50.95
CA SER A 440 -11.87 -7.90 -50.76
C SER A 440 -11.90 -6.58 -51.59
N SER B 30 -6.06 47.95 -6.02
CA SER B 30 -6.92 47.94 -4.84
C SER B 30 -6.65 46.75 -3.95
N THR B 31 -7.19 45.61 -4.34
CA THR B 31 -7.25 44.44 -3.48
C THR B 31 -5.91 43.71 -3.47
N ASP B 32 -5.72 42.86 -2.44
CA ASP B 32 -4.46 42.14 -2.29
C ASP B 32 -4.67 40.68 -1.93
N THR B 33 -5.80 40.10 -2.37
CA THR B 33 -6.16 38.72 -2.06
C THR B 33 -5.05 37.73 -2.35
N THR B 34 -4.05 38.11 -3.14
CA THR B 34 -2.94 37.23 -3.46
C THR B 34 -1.73 37.44 -2.56
N ALA B 35 -1.52 38.67 -2.08
CA ALA B 35 -0.45 38.98 -1.14
C ALA B 35 -0.28 37.92 -0.04
N ARG B 36 -1.35 37.23 0.33
CA ARG B 36 -1.24 36.23 1.39
C ARG B 36 -0.15 35.22 1.10
N PHE B 37 -0.04 34.77 -0.16
CA PHE B 37 0.96 33.75 -0.48
C PHE B 37 2.38 34.26 -0.32
N LEU B 38 2.54 35.52 0.02
CA LEU B 38 3.86 36.01 0.41
C LEU B 38 4.38 35.28 1.64
N TRP B 39 3.48 34.72 2.47
CA TRP B 39 4.05 34.04 3.62
C TRP B 39 4.74 32.73 3.26
N HIS B 40 4.68 32.29 2.01
CA HIS B 40 5.40 31.09 1.59
C HIS B 40 6.88 31.36 1.34
N ALA B 41 7.34 32.57 1.61
CA ALA B 41 8.54 33.10 0.97
C ALA B 41 9.78 32.92 1.83
N GLU B 42 10.89 32.67 1.13
CA GLU B 42 12.22 32.58 1.70
C GLU B 42 13.15 33.44 0.86
N ASP B 43 14.38 33.65 1.35
CA ASP B 43 15.32 34.52 0.69
C ASP B 43 15.57 34.10 -0.76
N GLY B 44 15.58 35.08 -1.65
CA GLY B 44 15.78 34.81 -3.06
C GLY B 44 14.51 34.57 -3.83
N ASP B 45 13.36 34.50 -3.16
CA ASP B 45 12.16 34.01 -3.83
C ASP B 45 11.46 35.10 -4.64
N VAL B 46 10.58 34.65 -5.52
CA VAL B 46 9.70 35.49 -6.29
C VAL B 46 8.27 35.13 -5.93
N LEU B 47 7.46 36.14 -5.74
CA LEU B 47 6.03 35.95 -5.77
C LEU B 47 5.51 36.58 -7.06
N VAL B 48 4.45 36.00 -7.59
CA VAL B 48 3.71 36.58 -8.69
C VAL B 48 2.31 36.90 -8.18
N ILE B 49 1.85 38.12 -8.43
CA ILE B 49 0.52 38.53 -8.01
C ILE B 49 -0.16 39.24 -9.17
N PRO B 50 -1.46 39.06 -9.35
CA PRO B 50 -2.25 39.94 -10.22
C PRO B 50 -2.84 41.13 -9.47
N ASP B 51 -2.64 41.20 -8.15
CA ASP B 51 -3.20 42.17 -7.22
C ASP B 51 -2.21 43.33 -7.00
N THR B 52 -2.37 44.03 -5.88
CA THR B 52 -1.40 44.99 -5.35
C THR B 52 -1.01 44.58 -3.95
N VAL B 53 0.13 45.07 -3.50
CA VAL B 53 0.59 44.85 -2.14
C VAL B 53 0.53 46.18 -1.40
N ASP B 54 -0.08 46.16 -0.22
CA ASP B 54 0.10 47.25 0.71
C ASP B 54 1.59 47.51 0.86
N PRO B 55 2.09 48.70 0.53
CA PRO B 55 3.54 48.93 0.41
C PRO B 55 4.37 48.35 1.55
N ASP B 56 3.75 48.29 2.73
CA ASP B 56 4.41 47.84 3.96
C ASP B 56 4.39 46.33 4.15
N PHE B 57 3.37 45.64 3.60
CA PHE B 57 3.07 44.22 3.78
C PHE B 57 4.24 43.25 3.58
N PRO B 58 5.19 43.51 2.68
CA PRO B 58 6.34 42.59 2.55
C PRO B 58 7.33 42.70 3.68
N GLY B 59 7.79 43.91 3.98
CA GLY B 59 8.69 44.06 5.12
C GLY B 59 8.09 43.49 6.38
N TYR B 60 6.85 43.87 6.67
CA TYR B 60 6.15 43.33 7.83
C TYR B 60 6.15 41.80 7.81
N VAL B 61 5.67 41.20 6.71
CA VAL B 61 5.65 39.74 6.61
C VAL B 61 7.06 39.17 6.78
N ALA B 62 8.04 39.78 6.12
CA ALA B 62 9.40 39.26 6.17
C ALA B 62 10.10 39.57 7.48
N ASP B 63 9.64 40.60 8.21
CA ASP B 63 10.16 40.81 9.56
C ASP B 63 9.65 39.75 10.50
N THR B 64 8.33 39.53 10.48
CA THR B 64 7.71 38.43 11.20
C THR B 64 8.34 37.09 10.84
N LEU B 65 8.40 36.78 9.55
CA LEU B 65 9.02 35.52 9.15
C LEU B 65 10.51 35.49 9.43
N GLY B 66 11.08 36.60 9.88
CA GLY B 66 12.49 36.68 10.18
C GLY B 66 13.37 36.39 8.98
N ILE B 67 13.13 37.06 7.86
CA ILE B 67 13.91 36.84 6.65
C ILE B 67 14.18 38.20 6.00
N ASP B 68 15.19 38.22 5.12
CA ASP B 68 15.75 39.44 4.54
C ASP B 68 14.79 40.00 3.51
N GLY B 69 13.92 40.90 3.96
CA GLY B 69 12.92 41.50 3.10
C GLY B 69 13.48 41.87 1.75
N THR B 70 14.66 42.48 1.76
CA THR B 70 15.30 42.91 0.52
C THR B 70 15.76 41.75 -0.36
N SER B 71 15.68 40.51 0.13
CA SER B 71 16.03 39.33 -0.63
C SER B 71 14.79 38.62 -1.17
N VAL B 72 13.66 39.32 -1.25
CA VAL B 72 12.37 38.73 -1.58
C VAL B 72 11.67 39.62 -2.60
N HIS B 73 11.16 39.01 -3.68
CA HIS B 73 10.67 39.78 -4.82
C HIS B 73 9.17 39.60 -5.03
N VAL B 74 8.57 40.60 -5.68
CA VAL B 74 7.17 40.57 -6.06
C VAL B 74 7.07 41.04 -7.51
N GLU B 75 6.59 40.17 -8.37
CA GLU B 75 6.45 40.48 -9.78
C GLU B 75 4.95 40.55 -10.09
N ARG B 76 4.47 41.75 -10.33
CA ARG B 76 3.04 41.96 -10.55
C ARG B 76 2.71 41.83 -12.03
N THR B 77 1.60 41.16 -12.32
CA THR B 77 0.91 41.30 -13.59
C THR B 77 -0.30 42.21 -13.38
N GLN B 78 -0.76 42.82 -14.45
CA GLN B 78 -1.98 43.62 -14.38
C GLN B 78 -3.17 42.87 -14.96
N THR B 79 -3.00 41.59 -15.26
CA THR B 79 -4.03 40.72 -15.81
C THR B 79 -3.90 39.40 -15.09
N PRO B 80 -4.98 38.61 -15.04
CA PRO B 80 -4.98 37.42 -14.18
C PRO B 80 -3.92 36.42 -14.61
N LEU B 81 -3.54 35.56 -13.67
CA LEU B 81 -2.44 34.60 -13.84
C LEU B 81 -2.97 33.35 -14.51
N SER B 82 -3.03 33.36 -15.84
CA SER B 82 -3.71 32.30 -16.57
C SER B 82 -2.73 31.51 -17.44
N GLU B 83 -3.27 30.50 -18.11
CA GLU B 83 -2.45 29.72 -19.03
C GLU B 83 -1.78 30.61 -20.07
N ALA B 84 -2.53 31.58 -20.61
CA ALA B 84 -1.99 32.46 -21.66
C ALA B 84 -0.75 33.19 -21.16
N VAL B 85 -0.85 33.78 -19.96
CA VAL B 85 0.30 34.38 -19.28
C VAL B 85 1.47 33.42 -19.25
N LEU B 86 1.25 32.25 -18.65
CA LEU B 86 2.34 31.30 -18.43
C LEU B 86 3.06 30.97 -19.71
N GLN B 87 2.33 30.93 -20.83
CA GLN B 87 2.92 30.71 -22.14
C GLN B 87 3.57 31.98 -22.70
N ASP B 88 3.05 33.14 -22.33
CA ASP B 88 3.51 34.44 -22.82
C ASP B 88 4.99 34.67 -22.54
N PRO B 89 5.83 34.85 -23.57
CA PRO B 89 7.27 34.93 -23.34
C PRO B 89 7.71 36.24 -22.70
N GLU B 90 6.97 37.33 -22.93
CA GLU B 90 7.17 38.54 -22.15
C GLU B 90 7.11 38.23 -20.67
N PHE B 91 5.95 37.74 -20.25
CA PHE B 91 5.86 37.10 -18.95
C PHE B 91 7.03 36.14 -18.72
N ILE B 92 7.37 35.31 -19.70
CA ILE B 92 8.38 34.28 -19.42
C ILE B 92 9.75 34.90 -19.18
N ASP B 93 10.19 35.82 -20.05
CA ASP B 93 11.49 36.43 -19.82
C ASP B 93 11.52 37.25 -18.54
N ARG B 94 10.40 37.86 -18.15
CA ARG B 94 10.33 38.50 -16.83
C ARG B 94 10.92 37.61 -15.76
N LEU B 95 10.48 36.35 -15.71
CA LEU B 95 10.99 35.40 -14.71
C LEU B 95 12.42 34.99 -15.02
N ALA B 96 12.75 34.81 -16.30
CA ALA B 96 14.10 34.44 -16.69
C ALA B 96 15.13 35.46 -16.23
N ALA B 97 14.71 36.71 -15.98
CA ALA B 97 15.63 37.69 -15.42
C ALA B 97 16.16 37.22 -14.07
N HIS B 98 15.26 36.68 -13.24
CA HIS B 98 15.70 36.15 -11.95
C HIS B 98 16.41 34.81 -12.13
N THR B 99 15.79 33.89 -12.86
CA THR B 99 16.31 32.53 -12.89
C THR B 99 17.59 32.43 -13.72
N GLY B 100 17.79 33.34 -14.67
CA GLY B 100 18.96 33.34 -15.53
C GLY B 100 19.29 31.99 -16.13
N THR B 101 20.17 31.23 -15.48
CA THR B 101 20.46 29.89 -15.98
C THR B 101 19.42 28.86 -15.54
N GLY B 102 18.67 29.14 -14.49
CA GLY B 102 17.74 28.18 -13.93
C GLY B 102 18.34 27.30 -12.84
N ALA B 103 19.66 27.25 -12.72
CA ALA B 103 20.31 26.39 -11.74
C ALA B 103 19.88 26.77 -10.34
N GLY B 104 19.54 25.76 -9.54
CA GLY B 104 19.09 26.00 -8.19
C GLY B 104 17.80 26.76 -8.08
N TRP B 105 17.03 26.87 -9.17
CA TRP B 105 15.70 27.45 -9.15
C TRP B 105 14.63 26.39 -9.36
N SER B 106 13.47 26.63 -8.76
CA SER B 106 12.31 25.74 -8.86
C SER B 106 11.06 26.60 -8.94
N LEU B 107 9.96 26.01 -9.39
CA LEU B 107 8.69 26.71 -9.53
C LEU B 107 7.70 26.15 -8.50
N PHE B 108 6.85 27.01 -7.94
CA PHE B 108 5.97 26.65 -6.82
C PHE B 108 4.53 26.95 -7.17
N PRO B 109 3.94 26.18 -8.08
CA PRO B 109 2.64 26.55 -8.63
C PRO B 109 1.49 26.11 -7.73
N CYS B 110 0.40 26.87 -7.81
CA CYS B 110 -0.78 26.52 -7.04
C CYS B 110 -1.53 25.36 -7.67
N VAL B 111 -1.54 25.30 -9.00
CA VAL B 111 -2.28 24.28 -9.74
C VAL B 111 -1.29 23.71 -10.75
N SER B 112 -0.88 22.46 -10.57
CA SER B 112 0.23 21.99 -11.39
C SER B 112 -0.22 21.70 -12.82
N THR B 113 -0.50 22.78 -13.56
CA THR B 113 -1.08 22.79 -14.90
C THR B 113 -0.05 22.41 -15.97
N ARG B 114 -0.58 22.17 -17.18
CA ARG B 114 0.28 21.88 -18.32
C ARG B 114 1.21 23.05 -18.62
N ALA B 115 0.70 24.29 -18.53
CA ALA B 115 1.56 25.44 -18.78
C ALA B 115 2.63 25.56 -17.71
N ALA B 116 2.30 25.19 -16.47
CA ALA B 116 3.26 25.28 -15.38
C ALA B 116 4.42 24.31 -15.58
N ALA B 117 4.13 23.11 -16.10
CA ALA B 117 5.21 22.20 -16.43
C ALA B 117 6.10 22.79 -17.50
N GLN B 118 5.50 23.15 -18.65
CA GLN B 118 6.22 23.78 -19.74
C GLN B 118 7.02 25.00 -19.29
N LEU B 119 6.49 25.76 -18.32
CA LEU B 119 7.25 26.85 -17.73
C LEU B 119 8.51 26.36 -17.03
N THR B 120 8.45 25.22 -16.32
CA THR B 120 9.70 24.65 -15.80
C THR B 120 10.61 24.17 -16.94
N ARG B 121 10.03 23.64 -18.00
CA ARG B 121 10.80 23.26 -19.17
C ARG B 121 11.50 24.47 -19.76
N LYS B 122 10.74 25.54 -19.96
CA LYS B 122 11.26 26.68 -20.71
C LYS B 122 12.30 27.45 -19.90
N LEU B 123 12.19 27.47 -18.57
CA LEU B 123 13.11 28.22 -17.73
C LEU B 123 14.38 27.44 -17.40
N ASN B 124 14.47 26.16 -17.79
CA ASN B 124 15.55 25.24 -17.42
C ASN B 124 15.58 25.00 -15.93
N VAL B 125 14.46 25.32 -15.28
CA VAL B 125 14.28 25.30 -13.84
C VAL B 125 14.09 23.84 -13.38
N ALA B 126 14.02 23.61 -12.07
CA ALA B 126 13.73 22.26 -11.58
C ALA B 126 12.54 21.68 -12.35
N ALA B 127 12.73 20.50 -12.92
CA ALA B 127 11.61 19.80 -13.53
C ALA B 127 10.48 19.66 -12.52
N LEU B 128 9.27 20.03 -12.93
CA LEU B 128 8.10 19.73 -12.13
C LEU B 128 8.01 18.23 -11.87
N ASP B 129 7.68 17.88 -10.63
CA ASP B 129 7.42 16.48 -10.32
C ASP B 129 6.08 16.09 -10.94
N GLY B 130 5.99 14.83 -11.39
CA GLY B 130 4.81 14.43 -12.14
C GLY B 130 4.66 15.16 -13.46
N TYR B 131 5.77 15.57 -14.07
CA TYR B 131 5.72 16.42 -15.25
C TYR B 131 4.77 15.83 -16.31
N GLU B 132 4.85 14.52 -16.55
CA GLU B 132 4.08 13.92 -17.63
C GLU B 132 2.59 13.90 -17.33
N PHE B 133 2.21 13.52 -16.12
CA PHE B 133 0.80 13.63 -15.76
C PHE B 133 0.29 15.02 -16.11
N ALA B 134 1.04 16.06 -15.73
CA ALA B 134 0.60 17.43 -15.95
C ALA B 134 0.53 17.76 -17.45
N MET B 135 1.52 17.28 -18.22
CA MET B 135 1.55 17.60 -19.65
C MET B 135 0.33 17.02 -20.36
N GLN B 136 -0.26 15.95 -19.81
CA GLN B 136 -1.49 15.40 -20.37
C GLN B 136 -2.71 15.99 -19.68
N ASN B 137 -2.56 17.15 -19.03
CA ASN B 137 -3.64 17.83 -18.33
C ASN B 137 -4.27 16.90 -17.30
N GLY B 138 -3.43 16.05 -16.73
CA GLY B 138 -3.92 15.03 -15.83
C GLY B 138 -4.55 15.61 -14.58
N ILE B 139 -4.05 16.77 -14.13
CA ILE B 139 -4.57 17.26 -12.86
C ILE B 139 -5.96 17.84 -13.01
N ASP B 140 -6.49 17.88 -14.24
CA ASP B 140 -7.85 18.33 -14.49
C ASP B 140 -8.90 17.21 -14.49
N LEU B 141 -8.53 15.93 -14.63
CA LEU B 141 -9.52 14.88 -14.36
C LEU B 141 -9.89 14.90 -12.92
N LEU B 142 -8.89 14.72 -12.06
CA LEU B 142 -8.99 15.14 -10.68
C LEU B 142 -9.38 16.60 -10.72
N ASN B 143 -9.95 17.09 -9.65
CA ASN B 143 -10.56 18.42 -9.63
C ASN B 143 -11.80 18.46 -10.49
N MET B 144 -12.38 17.31 -10.77
CA MET B 144 -13.76 17.20 -11.18
C MET B 144 -14.52 16.51 -10.09
N LYS B 145 -15.72 17.00 -9.80
CA LYS B 145 -16.52 16.25 -8.85
C LYS B 145 -16.99 14.92 -9.42
N SER B 146 -17.20 14.84 -10.75
CA SER B 146 -17.57 13.57 -11.37
C SER B 146 -16.49 12.52 -11.15
N THR B 147 -15.23 12.85 -11.52
CA THR B 147 -14.12 11.94 -11.30
C THR B 147 -14.05 11.44 -9.86
N PHE B 148 -14.34 12.33 -8.91
CA PHE B 148 -14.19 11.94 -7.52
C PHE B 148 -15.12 10.77 -7.20
N ARG B 149 -16.43 10.98 -7.38
CA ARG B 149 -17.40 9.93 -7.04
C ARG B 149 -17.06 8.63 -7.76
N ARG B 150 -16.80 8.72 -9.06
CA ARG B 150 -16.38 7.55 -9.81
C ARG B 150 -15.26 6.84 -9.10
N LEU B 151 -14.22 7.58 -8.73
CA LEU B 151 -13.06 6.96 -8.12
C LEU B 151 -13.40 6.38 -6.76
N ALA B 152 -14.32 7.01 -6.05
CA ALA B 152 -14.60 6.61 -4.70
C ALA B 152 -15.63 5.50 -4.63
N ALA B 153 -16.53 5.43 -5.59
CA ALA B 153 -17.37 4.26 -5.70
C ALA B 153 -16.51 3.01 -5.91
N GLY B 154 -15.70 3.01 -6.97
CA GLY B 154 -14.93 1.83 -7.29
C GLY B 154 -14.04 1.40 -6.16
N LEU B 155 -13.45 2.37 -5.46
CA LEU B 155 -12.52 2.02 -4.40
C LEU B 155 -13.21 1.65 -3.12
N GLY B 156 -14.42 2.15 -2.92
CA GLY B 156 -15.12 1.95 -1.67
C GLY B 156 -15.05 3.12 -0.73
N THR B 157 -14.39 4.20 -1.12
CA THR B 157 -14.36 5.39 -0.29
C THR B 157 -15.76 5.94 -0.09
N PRO B 158 -16.12 6.33 1.14
CA PRO B 158 -17.52 6.66 1.46
C PRO B 158 -18.04 7.96 0.84
N LEU B 159 -19.32 7.91 0.43
CA LEU B 159 -19.97 8.98 -0.31
C LEU B 159 -21.44 9.06 0.08
N THR B 160 -21.94 10.29 0.22
CA THR B 160 -23.39 10.47 0.19
C THR B 160 -23.95 9.84 -1.08
N ASP B 161 -25.16 9.30 -0.98
CA ASP B 161 -25.83 8.84 -2.18
C ASP B 161 -25.84 9.94 -3.23
N GLY B 162 -25.30 9.63 -4.40
CA GLY B 162 -25.15 10.64 -5.42
C GLY B 162 -25.40 10.08 -6.80
N VAL B 163 -25.70 11.00 -7.71
CA VAL B 163 -25.77 10.71 -9.13
C VAL B 163 -24.87 11.71 -9.87
N VAL B 164 -24.05 11.19 -10.78
CA VAL B 164 -23.33 12.01 -11.75
C VAL B 164 -24.31 12.27 -12.90
N ALA B 165 -25.02 13.39 -12.83
CA ALA B 165 -26.08 13.68 -13.80
C ALA B 165 -25.48 13.94 -15.18
N ARG B 166 -26.15 13.43 -16.20
CA ARG B 166 -25.68 13.61 -17.57
C ARG B 166 -26.61 14.48 -18.39
N GLY B 167 -27.63 15.09 -17.80
CA GLY B 167 -28.56 15.91 -18.54
C GLY B 167 -29.78 16.25 -17.72
N PRO B 168 -30.61 17.20 -18.21
CA PRO B 168 -31.73 17.66 -17.37
C PRO B 168 -32.67 16.53 -17.00
N ALA B 169 -32.89 15.58 -17.92
CA ALA B 169 -33.71 14.44 -17.55
C ALA B 169 -33.15 13.75 -16.33
N GLU B 170 -31.85 13.43 -16.34
CA GLU B 170 -31.24 12.69 -15.25
C GLU B 170 -31.15 13.53 -13.98
N VAL B 171 -31.06 14.85 -14.13
CA VAL B 171 -31.13 15.73 -12.98
C VAL B 171 -32.51 15.67 -12.33
N ARG B 172 -33.57 15.49 -13.13
CA ARG B 172 -34.91 15.48 -12.56
C ARG B 172 -35.15 14.23 -11.71
N SER B 173 -34.73 13.07 -12.19
CA SER B 173 -34.94 11.85 -11.43
C SER B 173 -34.16 11.90 -10.13
N ALA B 174 -32.89 12.31 -10.21
CA ALA B 174 -32.02 12.19 -9.04
C ALA B 174 -32.56 12.97 -7.85
N ILE B 175 -33.16 14.13 -8.10
CA ILE B 175 -33.76 14.85 -6.98
C ILE B 175 -35.04 14.16 -6.52
N GLN B 176 -35.77 13.47 -7.41
CA GLN B 176 -36.98 12.79 -6.99
C GLN B 176 -36.69 11.68 -5.99
N GLU B 177 -35.45 11.21 -5.93
CA GLU B 177 -35.06 10.12 -5.05
C GLU B 177 -34.19 10.55 -3.87
N LEU B 178 -33.13 11.35 -4.10
CA LEU B 178 -32.20 11.73 -3.03
C LEU B 178 -32.78 12.75 -2.05
N ILE B 179 -33.93 13.33 -2.38
CA ILE B 179 -34.57 14.30 -1.51
C ILE B 179 -35.12 13.66 -0.25
N ALA B 180 -35.31 12.35 -0.23
CA ALA B 180 -36.20 11.76 0.75
C ALA B 180 -35.52 11.53 2.09
N GLU B 181 -34.25 11.10 2.11
CA GLU B 181 -33.61 10.78 3.39
C GLU B 181 -33.63 11.98 4.34
N THR B 182 -33.35 13.15 3.81
CA THR B 182 -33.12 14.33 4.61
C THR B 182 -34.01 15.47 4.22
N GLY B 183 -34.71 15.39 3.10
CA GLY B 183 -35.27 16.62 2.60
C GLY B 183 -34.25 17.59 2.07
N MET B 184 -33.01 17.16 1.85
CA MET B 184 -31.98 18.10 1.42
C MET B 184 -31.10 17.50 0.34
N VAL B 185 -30.83 18.30 -0.70
CA VAL B 185 -30.09 17.84 -1.86
C VAL B 185 -29.20 18.96 -2.38
N ILE B 186 -28.07 18.58 -2.99
CA ILE B 186 -27.07 19.51 -3.52
C ILE B 186 -26.82 19.21 -4.99
N ALA B 187 -26.47 20.23 -5.75
CA ALA B 187 -26.15 20.08 -7.16
C ALA B 187 -24.89 20.88 -7.44
N LYS B 188 -23.82 20.20 -7.80
CA LYS B 188 -22.51 20.80 -7.89
C LYS B 188 -22.10 20.85 -9.35
N GLN B 189 -21.65 22.00 -9.82
CA GLN B 189 -20.97 22.08 -11.11
C GLN B 189 -19.65 21.31 -11.06
N ASP B 190 -19.28 20.65 -12.17
CA ASP B 190 -18.26 19.61 -12.13
C ASP B 190 -16.87 20.18 -11.84
N ARG B 191 -16.52 21.29 -12.49
CA ARG B 191 -15.30 22.03 -12.21
C ARG B 191 -15.67 23.31 -11.47
N SER B 192 -15.19 23.46 -10.24
CA SER B 192 -15.53 24.63 -9.41
C SER B 192 -14.85 24.48 -8.06
N GLY B 193 -14.82 25.57 -7.32
CA GLY B 193 -14.22 25.56 -6.00
C GLY B 193 -14.99 26.42 -5.00
N GLY B 194 -14.61 26.24 -3.73
CA GLY B 194 -15.01 27.09 -2.63
C GLY B 194 -16.47 27.03 -2.22
N GLY B 195 -17.27 26.17 -2.84
CA GLY B 195 -18.70 26.22 -2.66
C GLY B 195 -19.44 27.11 -3.64
N HIS B 196 -18.81 27.44 -4.79
CA HIS B 196 -19.30 28.45 -5.72
C HIS B 196 -20.18 27.88 -6.82
N GLY B 197 -20.06 26.59 -7.15
CA GLY B 197 -20.84 26.01 -8.22
C GLY B 197 -21.93 25.09 -7.69
N ASN B 198 -22.29 25.34 -6.44
CA ASN B 198 -23.21 24.49 -5.69
C ASN B 198 -24.52 25.24 -5.45
N ILE B 199 -25.62 24.60 -5.82
CA ILE B 199 -26.97 25.02 -5.43
C ILE B 199 -27.56 23.91 -4.58
N GLY B 200 -28.31 24.27 -3.54
CA GLY B 200 -29.00 23.32 -2.71
C GLY B 200 -30.47 23.23 -3.09
N ILE B 201 -31.13 22.21 -2.54
CA ILE B 201 -32.55 21.98 -2.75
C ILE B 201 -33.16 21.63 -1.40
N SER B 202 -34.17 22.38 -1.01
CA SER B 202 -34.73 22.32 0.33
C SER B 202 -36.19 21.89 0.28
N THR B 203 -36.59 21.15 1.30
CA THR B 203 -37.99 20.99 1.62
C THR B 203 -38.38 21.78 2.87
N SER B 204 -37.48 22.64 3.37
CA SER B 204 -37.76 23.44 4.57
C SER B 204 -36.93 24.71 4.61
N PRO B 205 -37.57 25.88 4.54
CA PRO B 205 -36.82 27.14 4.51
C PRO B 205 -35.93 27.37 5.72
N GLU B 206 -36.11 26.63 6.82
CA GLU B 206 -35.22 26.74 7.96
C GLU B 206 -34.15 25.67 7.93
N SER B 207 -33.81 25.18 6.74
CA SER B 207 -32.65 24.33 6.55
C SER B 207 -31.53 25.16 5.91
N SER B 208 -30.33 25.03 6.46
CA SER B 208 -29.19 25.85 6.06
C SER B 208 -28.15 24.99 5.35
N PHE B 209 -27.54 25.55 4.29
CA PHE B 209 -26.72 24.79 3.36
C PHE B 209 -25.33 25.39 3.27
N PRO B 210 -24.44 25.07 4.20
CA PRO B 210 -23.02 25.39 4.01
C PRO B 210 -22.51 24.77 2.72
N GLY B 211 -21.77 25.57 1.96
CA GLY B 211 -21.18 25.05 0.76
C GLY B 211 -22.08 25.13 -0.44
N THR B 212 -23.15 25.92 -0.38
CA THR B 212 -24.01 26.22 -1.50
C THR B 212 -23.96 27.71 -1.82
N ARG B 213 -24.55 28.10 -2.94
CA ARG B 213 -24.70 29.52 -3.28
C ARG B 213 -26.15 29.96 -3.11
N GLU B 214 -27.05 29.62 -4.02
CA GLU B 214 -28.47 29.77 -3.77
C GLU B 214 -28.95 28.53 -3.02
N VAL B 215 -30.23 28.53 -2.63
CA VAL B 215 -30.96 27.32 -2.26
C VAL B 215 -32.36 27.46 -2.81
N LEU B 216 -32.80 26.49 -3.61
CA LEU B 216 -34.11 26.48 -4.25
C LEU B 216 -35.01 25.46 -3.58
N ALA B 217 -36.30 25.79 -3.45
CA ALA B 217 -37.22 24.92 -2.72
C ALA B 217 -37.74 23.78 -3.59
N TYR B 218 -37.85 22.59 -3.01
CA TYR B 218 -38.41 21.46 -3.73
C TYR B 218 -39.86 21.74 -4.11
N ALA B 219 -40.29 21.15 -5.23
CA ALA B 219 -41.61 21.45 -5.76
C ALA B 219 -41.99 20.33 -6.74
N ASN B 220 -42.81 19.40 -6.26
CA ASN B 220 -43.18 18.22 -7.04
C ASN B 220 -43.77 18.59 -8.40
N ASP B 221 -44.69 19.54 -8.40
CA ASP B 221 -45.38 20.01 -9.58
C ASP B 221 -44.47 20.72 -10.57
N GLN B 222 -43.26 21.06 -10.18
CA GLN B 222 -42.31 21.75 -11.05
C GLN B 222 -40.92 21.21 -10.75
N LEU B 223 -40.57 20.13 -11.43
CA LEU B 223 -39.21 19.62 -11.36
C LEU B 223 -38.53 19.55 -12.71
N ASP B 224 -39.28 19.28 -13.79
CA ASP B 224 -38.75 19.51 -15.14
C ASP B 224 -38.22 20.92 -15.26
N THR B 225 -38.95 21.89 -14.72
CA THR B 225 -38.45 23.26 -14.74
C THR B 225 -37.31 23.42 -13.74
N LEU B 226 -37.38 22.70 -12.62
CA LEU B 226 -36.41 22.88 -11.55
C LEU B 226 -35.04 22.30 -11.92
N ALA B 227 -35.02 21.20 -12.68
CA ALA B 227 -33.76 20.67 -13.17
C ALA B 227 -33.22 21.48 -14.35
N ASP B 228 -34.11 22.13 -15.11
CA ASP B 228 -33.68 23.05 -16.16
C ASP B 228 -32.78 24.14 -15.60
N THR B 229 -33.30 24.93 -14.67
CA THR B 229 -32.48 25.95 -14.04
C THR B 229 -31.24 25.34 -13.40
N LEU B 230 -31.34 24.10 -12.94
CA LEU B 230 -30.16 23.42 -12.40
C LEU B 230 -29.18 23.06 -13.52
N TRP B 231 -29.70 22.58 -14.65
CA TRP B 231 -28.84 22.28 -15.78
C TRP B 231 -28.16 23.55 -16.29
N SER B 232 -28.97 24.49 -16.76
CA SER B 232 -28.40 25.63 -17.47
C SER B 232 -27.40 26.40 -16.60
N GLN B 233 -27.62 26.43 -15.28
CA GLN B 233 -26.76 27.26 -14.47
C GLN B 233 -25.43 26.57 -14.12
N LEU B 234 -25.39 25.24 -14.12
CA LEU B 234 -24.16 24.55 -13.73
C LEU B 234 -23.53 23.71 -14.86
N THR B 235 -23.92 23.94 -16.13
CA THR B 235 -23.26 23.29 -17.26
C THR B 235 -22.84 24.33 -18.29
N ASP B 236 -21.72 24.04 -18.96
CA ASP B 236 -21.30 24.85 -20.10
C ASP B 236 -20.78 23.93 -21.20
N THR B 237 -19.81 24.41 -21.97
CA THR B 237 -19.37 23.62 -23.12
C THR B 237 -18.38 22.54 -22.72
N GLN B 238 -17.54 22.82 -21.72
CA GLN B 238 -16.55 21.88 -21.24
C GLN B 238 -17.06 21.00 -20.11
N ASN B 239 -18.09 21.44 -19.40
CA ASN B 239 -18.64 20.77 -18.24
C ASN B 239 -20.05 20.30 -18.56
N GLN B 240 -20.20 18.99 -18.87
CA GLN B 240 -21.49 18.38 -19.19
C GLN B 240 -21.88 17.30 -18.17
N PHE B 241 -21.24 17.30 -17.00
CA PHE B 241 -21.59 16.40 -15.90
C PHE B 241 -22.06 17.24 -14.71
N ILE B 242 -23.15 16.84 -14.09
CA ILE B 242 -23.57 17.46 -12.83
C ILE B 242 -23.66 16.38 -11.78
N THR B 243 -23.26 16.71 -10.57
CA THR B 243 -23.42 15.82 -9.44
C THR B 243 -24.61 16.31 -8.63
N VAL B 244 -25.39 15.37 -8.12
CA VAL B 244 -26.51 15.69 -7.24
C VAL B 244 -26.51 14.71 -6.07
N GLU B 245 -26.37 15.24 -4.85
CA GLU B 245 -26.18 14.41 -3.66
C GLU B 245 -27.23 14.71 -2.60
N THR B 246 -27.47 13.70 -1.77
CA THR B 246 -28.14 13.94 -0.52
C THR B 246 -27.28 14.86 0.33
N TYR B 247 -27.81 16.04 0.62
CA TYR B 247 -27.18 16.89 1.61
C TYR B 247 -27.51 16.39 3.01
N HIS B 248 -26.47 16.25 3.82
CA HIS B 248 -26.60 15.86 5.21
C HIS B 248 -26.18 17.00 6.12
N ARG B 249 -26.96 17.25 7.18
CA ARG B 249 -26.52 18.15 8.24
C ARG B 249 -25.39 17.48 9.01
N ALA B 250 -24.23 18.13 9.06
CA ALA B 250 -23.04 17.53 9.63
C ALA B 250 -22.71 18.16 10.97
N ASP B 251 -22.16 17.34 11.87
CA ASP B 251 -21.62 17.83 13.13
C ASP B 251 -20.18 18.31 13.00
N GLN B 252 -19.47 17.87 11.96
CA GLN B 252 -18.09 18.27 11.74
C GLN B 252 -17.91 18.43 10.25
N ARG B 253 -17.51 19.62 9.82
CA ARG B 253 -17.23 19.89 8.44
C ARG B 253 -15.74 20.14 8.38
N PHE B 254 -15.00 19.17 7.85
CA PHE B 254 -13.54 19.15 7.92
C PHE B 254 -12.94 18.79 6.56
N PHE B 255 -11.61 18.80 6.51
CA PHE B 255 -10.84 18.32 5.37
C PHE B 255 -9.42 18.09 5.82
N PHE B 256 -8.67 17.35 5.01
CA PHE B 256 -7.29 16.95 5.29
C PHE B 256 -6.44 17.37 4.10
N GLU B 257 -5.29 17.99 4.34
CA GLU B 257 -4.42 18.36 3.23
C GLU B 257 -3.13 17.55 3.29
N TYR B 258 -2.65 17.14 2.12
CA TYR B 258 -1.55 16.21 1.97
C TYR B 258 -0.48 16.82 1.08
N HIS B 259 0.73 16.25 1.15
CA HIS B 259 1.75 16.49 0.14
C HIS B 259 2.22 15.17 -0.44
N LEU B 260 2.43 15.14 -1.76
CA LEU B 260 2.72 13.92 -2.50
C LEU B 260 4.00 14.04 -3.33
N ASP B 261 4.81 12.97 -3.31
CA ASP B 261 6.00 12.80 -4.14
C ASP B 261 6.11 11.33 -4.56
N GLY B 262 7.24 10.98 -5.17
CA GLY B 262 7.42 9.62 -5.65
C GLY B 262 7.57 8.56 -4.58
N ASP B 263 7.64 8.96 -3.32
CA ASP B 263 7.81 8.00 -2.27
C ASP B 263 6.57 7.83 -1.42
N ARG B 264 5.96 8.93 -0.98
CA ARG B 264 4.95 8.85 0.06
C ARG B 264 3.97 10.00 -0.08
N ALA B 265 2.93 9.93 0.73
CA ALA B 265 2.00 11.03 0.92
C ALA B 265 2.13 11.44 2.39
N ARG B 266 2.82 12.55 2.66
CA ARG B 266 2.92 13.05 4.02
C ARG B 266 1.63 13.79 4.36
N PHE B 267 0.95 13.34 5.40
CA PHE B 267 -0.18 14.08 5.96
C PHE B 267 0.30 15.45 6.45
N LEU B 268 -0.25 16.51 5.88
CA LEU B 268 0.20 17.83 6.30
C LEU B 268 -0.59 18.36 7.50
N HIS B 269 -1.91 18.33 7.45
CA HIS B 269 -2.71 18.82 8.57
C HIS B 269 -4.18 18.47 8.33
N SER B 270 -5.03 18.92 9.26
CA SER B 270 -6.47 18.91 9.13
C SER B 270 -7.02 20.20 9.72
N SER B 271 -8.16 20.66 9.21
CA SER B 271 -8.76 21.90 9.66
C SER B 271 -10.28 21.79 9.57
N ILE B 272 -10.98 22.83 10.03
CA ILE B 272 -12.43 22.85 10.06
C ILE B 272 -12.93 23.95 9.13
N LEU B 273 -13.80 23.58 8.21
CA LEU B 273 -14.50 24.57 7.41
C LEU B 273 -15.56 25.23 8.28
N LYS B 274 -15.36 26.48 8.61
CA LYS B 274 -16.27 27.20 9.51
C LYS B 274 -17.25 28.01 8.66
N TYR B 275 -18.54 27.88 8.95
CA TYR B 275 -19.60 28.56 8.21
C TYR B 275 -20.45 29.42 9.15
N GLU B 276 -21.41 30.14 8.56
CA GLU B 276 -22.43 30.85 9.34
C GLU B 276 -23.60 31.24 8.44
N GLN B 277 -24.06 32.49 8.50
CA GLN B 277 -25.23 32.96 7.76
C GLN B 277 -26.49 32.11 8.02
N LEU B 278 -26.78 31.81 9.31
CA LEU B 278 -28.01 31.10 9.66
C LEU B 278 -28.54 31.53 11.03
N PRO B 279 -29.72 32.20 11.10
CA PRO B 279 -30.14 32.79 12.37
C PRO B 279 -31.36 32.15 13.02
N GLU B 280 -32.14 31.40 12.23
CA GLU B 280 -33.45 30.86 12.65
C GLU B 280 -34.45 31.98 12.88
N SER B 285 -27.88 31.67 2.42
CA SER B 285 -27.39 30.39 2.89
C SER B 285 -25.98 30.47 3.39
N ALA B 286 -25.52 29.40 4.01
CA ALA B 286 -24.37 29.46 4.90
C ALA B 286 -23.10 29.77 4.14
N LYS B 287 -22.62 31.00 4.26
CA LYS B 287 -21.39 31.39 3.59
C LYS B 287 -20.18 30.98 4.41
N TRP B 288 -19.09 30.67 3.70
CA TRP B 288 -17.80 30.40 4.32
C TRP B 288 -17.27 31.65 5.02
N ILE B 289 -16.60 31.49 6.18
CA ILE B 289 -16.15 32.63 6.99
C ILE B 289 -14.74 32.48 7.58
N GLY B 290 -14.17 31.28 7.52
CA GLY B 290 -12.87 31.09 8.13
C GLY B 290 -12.52 29.62 8.26
N LEU B 291 -11.31 29.38 8.69
CA LEU B 291 -10.84 28.03 8.95
C LEU B 291 -10.32 27.95 10.37
N ASP B 292 -10.39 26.76 10.93
CA ASP B 292 -9.91 26.51 12.28
C ASP B 292 -8.90 25.38 12.26
N SER B 293 -7.95 25.44 13.19
CA SER B 293 -6.72 24.67 13.34
C SER B 293 -7.04 23.21 13.65
N PRO B 294 -6.23 22.37 14.48
CA PRO B 294 -6.51 20.93 14.43
C PRO B 294 -7.99 20.65 14.44
N SER B 295 -8.53 20.06 13.39
CA SER B 295 -9.93 19.68 13.39
C SER B 295 -10.21 18.78 14.59
N ARG B 296 -11.43 18.89 15.10
CA ARG B 296 -11.94 17.97 16.12
C ARG B 296 -12.46 16.71 15.46
N SER B 297 -11.68 16.19 14.51
CA SER B 297 -12.14 15.13 13.64
C SER B 297 -10.84 14.53 13.08
N GLU B 298 -10.28 13.58 13.79
CA GLU B 298 -9.09 12.93 13.28
C GLU B 298 -8.94 11.58 13.96
N PHE B 299 -9.88 10.68 13.64
CA PHE B 299 -9.86 9.31 14.11
C PHE B 299 -9.62 8.38 12.93
N GLU B 300 -9.60 7.07 13.21
CA GLU B 300 -9.27 6.11 12.18
C GLU B 300 -10.31 6.11 11.07
N ALA B 301 -11.60 6.09 11.45
CA ALA B 301 -12.69 6.05 10.48
C ALA B 301 -12.68 7.23 9.52
N THR B 302 -11.87 8.25 9.78
CA THR B 302 -11.67 9.34 8.83
C THR B 302 -10.30 9.27 8.18
N LEU B 303 -9.26 9.08 8.99
CA LEU B 303 -7.90 9.06 8.46
C LEU B 303 -7.70 7.91 7.48
N LYS B 304 -8.08 6.69 7.89
CA LYS B 304 -7.76 5.51 7.09
C LYS B 304 -8.44 5.52 5.72
N PRO B 305 -9.74 5.79 5.59
CA PRO B 305 -10.32 5.79 4.23
C PRO B 305 -9.77 6.90 3.34
N ALA B 306 -9.59 8.09 3.92
CA ALA B 306 -9.03 9.21 3.16
C ALA B 306 -7.59 8.94 2.76
N GLU B 307 -6.81 8.32 3.65
CA GLU B 307 -5.43 8.01 3.34
C GLU B 307 -5.33 6.99 2.20
N GLU B 308 -6.21 5.98 2.21
CA GLU B 308 -6.18 4.98 1.15
C GLU B 308 -6.49 5.60 -0.21
N PHE B 309 -7.59 6.36 -0.29
CA PHE B 309 -7.94 7.08 -1.52
C PHE B 309 -6.77 7.92 -2.00
N ILE B 310 -6.18 8.70 -1.09
CA ILE B 310 -5.10 9.61 -1.44
C ILE B 310 -3.99 8.85 -2.17
N GLU B 311 -3.57 7.72 -1.59
CA GLU B 311 -2.48 6.95 -2.18
C GLU B 311 -2.85 6.44 -3.58
N MET B 312 -4.08 5.97 -3.77
CA MET B 312 -4.49 5.57 -5.11
C MET B 312 -4.26 6.72 -6.07
N ILE B 313 -4.59 7.94 -5.66
CA ILE B 313 -4.25 9.07 -6.50
C ILE B 313 -2.74 9.23 -6.60
N ARG B 314 -2.01 9.02 -5.50
CA ARG B 314 -0.55 8.99 -5.64
C ARG B 314 -0.14 8.00 -6.71
N THR B 315 -0.78 6.82 -6.72
CA THR B 315 -0.46 5.79 -7.69
C THR B 315 -0.75 6.24 -9.13
N ILE B 316 -1.86 6.93 -9.37
CA ILE B 316 -2.15 7.30 -10.75
C ILE B 316 -1.26 8.43 -11.25
N GLY B 317 -0.57 9.16 -10.36
CA GLY B 317 0.52 10.00 -10.83
C GLY B 317 0.69 11.40 -10.25
N TYR B 318 -0.35 11.94 -9.63
CA TYR B 318 -0.31 13.31 -9.16
C TYR B 318 0.86 13.55 -8.20
N ARG B 319 1.70 14.49 -8.54
CA ARG B 319 2.79 14.91 -7.67
C ARG B 319 2.50 16.31 -7.15
N GLY B 320 2.11 16.41 -5.88
CA GLY B 320 2.05 17.70 -5.22
C GLY B 320 1.07 17.69 -4.04
N TYR B 321 0.62 18.90 -3.69
CA TYR B 321 -0.37 19.10 -2.64
C TYR B 321 -1.76 18.73 -3.12
N VAL B 322 -2.48 17.97 -2.31
CA VAL B 322 -3.88 17.65 -2.55
C VAL B 322 -4.60 17.57 -1.21
N ASN B 323 -5.88 17.93 -1.20
CA ASN B 323 -6.70 17.88 0.00
C ASN B 323 -8.03 17.21 -0.27
N ILE B 324 -8.62 16.59 0.75
CA ILE B 324 -9.87 15.86 0.62
C ILE B 324 -10.90 16.47 1.59
N ASP B 325 -12.01 16.97 1.06
CA ASP B 325 -13.08 17.48 1.92
C ASP B 325 -13.89 16.30 2.47
N GLY B 326 -14.58 16.53 3.60
CA GLY B 326 -15.44 15.53 4.20
C GLY B 326 -16.22 16.04 5.40
N ILE B 327 -17.22 15.24 5.81
CA ILE B 327 -18.03 15.54 6.98
C ILE B 327 -18.00 14.38 7.98
N VAL B 328 -18.48 14.67 9.20
CA VAL B 328 -18.77 13.67 10.23
C VAL B 328 -20.13 14.01 10.84
N LEU B 329 -20.95 12.99 11.05
CA LEU B 329 -22.34 13.17 11.46
C LEU B 329 -22.50 12.94 12.96
N ASP B 330 -23.63 13.40 13.49
CA ASP B 330 -23.90 13.19 14.92
C ASP B 330 -23.90 11.70 15.25
N ASP B 331 -24.66 10.91 14.49
CA ASP B 331 -24.68 9.47 14.73
C ASP B 331 -23.28 8.88 14.58
N GLY B 332 -22.57 9.26 13.51
CA GLY B 332 -21.17 8.91 13.35
C GLY B 332 -20.68 8.66 11.93
N ARG B 333 -21.59 8.55 10.95
CA ARG B 333 -21.19 8.18 9.61
C ARG B 333 -20.27 9.22 9.00
N VAL B 334 -19.23 8.73 8.34
CA VAL B 334 -18.21 9.59 7.74
C VAL B 334 -18.46 9.65 6.24
N PHE B 335 -18.21 10.81 5.64
CA PHE B 335 -18.44 11.02 4.22
C PHE B 335 -17.37 11.94 3.66
N PHE B 336 -17.00 11.74 2.39
CA PHE B 336 -16.07 12.60 1.69
C PHE B 336 -16.74 13.22 0.46
N HIS B 337 -16.32 14.43 0.09
CA HIS B 337 -16.91 15.14 -1.05
C HIS B 337 -16.00 15.21 -2.27
N GLU B 338 -14.76 15.66 -2.12
CA GLU B 338 -13.92 15.91 -3.28
C GLU B 338 -12.48 15.84 -2.84
N ILE B 339 -11.59 15.70 -3.82
CA ILE B 339 -10.21 16.15 -3.70
C ILE B 339 -10.06 17.34 -4.63
N ASN B 340 -9.35 18.34 -4.19
CA ASN B 340 -8.83 19.40 -5.05
C ASN B 340 -7.32 19.19 -5.08
N ALA B 341 -6.77 18.98 -6.27
CA ALA B 341 -5.31 18.83 -6.45
C ALA B 341 -4.72 20.21 -6.65
N ARG B 342 -4.64 20.95 -5.55
CA ARG B 342 -4.16 22.34 -5.52
C ARG B 342 -4.00 22.70 -4.04
N TRP B 343 -3.50 23.92 -3.78
CA TRP B 343 -3.38 24.40 -2.40
C TRP B 343 -4.76 24.46 -1.79
N SER B 344 -4.96 23.82 -0.64
CA SER B 344 -6.29 23.81 -0.06
C SER B 344 -6.89 25.19 0.08
N GLY B 345 -6.07 26.24 0.17
CA GLY B 345 -6.56 27.55 0.55
C GLY B 345 -6.36 27.86 2.02
N GLY B 346 -6.23 26.84 2.86
CA GLY B 346 -5.67 26.99 4.17
C GLY B 346 -4.27 26.44 4.29
N LEU B 347 -3.66 26.01 3.18
CA LEU B 347 -2.25 25.65 3.20
C LEU B 347 -1.43 26.80 3.75
N ILE B 348 -1.78 28.04 3.35
CA ILE B 348 -1.03 29.20 3.80
C ILE B 348 -1.12 29.32 5.31
N TYR B 349 -2.30 29.07 5.88
CA TYR B 349 -2.45 29.09 7.33
C TYR B 349 -1.48 28.13 7.98
N HIS B 350 -1.42 26.92 7.46
CA HIS B 350 -0.54 25.89 7.99
C HIS B 350 0.92 26.28 7.86
N THR B 351 1.31 26.75 6.67
CA THR B 351 2.70 27.19 6.49
C THR B 351 3.05 28.19 7.57
N VAL B 352 2.18 29.19 7.74
CA VAL B 352 2.45 30.26 8.70
C VAL B 352 2.72 29.66 10.07
N ALA B 353 1.80 28.82 10.53
CA ALA B 353 1.91 28.21 11.85
C ALA B 353 3.25 27.53 12.02
N GLU B 354 3.65 26.70 11.06
CA GLU B 354 4.90 25.96 11.16
C GLU B 354 6.11 26.87 11.15
N ARG B 355 6.05 27.98 10.41
CA ARG B 355 7.20 28.86 10.32
C ARG B 355 7.33 29.76 11.54
N LEU B 356 6.24 29.92 12.29
CA LEU B 356 6.22 30.72 13.50
C LEU B 356 6.37 29.87 14.74
N LEU B 357 5.66 28.74 14.79
CA LEU B 357 5.52 27.93 15.98
C LEU B 357 6.30 26.64 15.96
N GLY B 358 6.39 25.96 14.83
CA GLY B 358 7.16 24.73 14.76
C GLY B 358 6.43 23.61 14.06
N HIS B 359 7.20 22.78 13.36
CA HIS B 359 6.72 21.59 12.65
C HIS B 359 5.55 20.92 13.36
N ASP B 360 5.70 20.73 14.67
CA ASP B 360 4.69 20.06 15.48
C ASP B 360 3.69 21.02 16.10
N TYR B 361 3.55 22.22 15.55
CA TYR B 361 2.76 23.25 16.23
C TYR B 361 1.39 22.76 16.68
N ALA B 362 0.75 21.88 15.92
CA ALA B 362 -0.62 21.51 16.22
C ALA B 362 -0.79 20.89 17.60
N ARG B 363 0.26 20.31 18.15
CA ARG B 363 0.16 19.66 19.44
C ARG B 363 -0.41 20.60 20.52
N ASN B 364 0.14 21.82 20.64
CA ASN B 364 -0.27 22.75 21.70
C ASN B 364 -0.83 24.07 21.22
N ASN B 365 -1.09 24.23 19.93
CA ASN B 365 -1.50 25.51 19.39
C ASN B 365 -2.80 25.39 18.63
N PHE B 366 -3.41 26.55 18.39
CA PHE B 366 -4.63 26.67 17.62
C PHE B 366 -4.53 27.94 16.79
N PHE B 367 -4.91 27.84 15.52
CA PHE B 367 -5.05 29.03 14.69
C PHE B 367 -6.46 29.13 14.14
N SER B 368 -6.83 30.36 13.84
CA SER B 368 -8.15 30.64 13.32
C SER B 368 -8.10 31.93 12.50
N SER B 369 -9.02 32.04 11.55
CA SER B 369 -8.93 33.09 10.55
C SER B 369 -10.21 33.89 10.54
N ILE B 370 -10.05 35.21 10.46
CA ILE B 370 -11.15 36.15 10.34
C ILE B 370 -11.10 36.73 8.93
N LEU B 371 -12.27 36.92 8.34
CA LEU B 371 -12.41 37.75 7.15
C LEU B 371 -13.58 38.70 7.40
N ASN B 372 -13.82 39.61 6.47
CA ASN B 372 -14.75 40.72 6.66
C ASN B 372 -14.32 41.66 7.80
N VAL B 373 -13.08 41.58 8.27
CA VAL B 373 -12.54 42.64 9.13
C VAL B 373 -12.53 43.92 8.32
N VAL B 374 -13.02 45.00 8.93
CA VAL B 374 -13.04 46.31 8.28
C VAL B 374 -11.65 46.59 7.75
N PRO B 375 -11.44 46.60 6.43
CA PRO B 375 -10.09 46.74 5.88
C PRO B 375 -9.48 48.09 6.20
N ALA B 376 -8.16 48.13 6.15
CA ALA B 376 -7.46 49.39 6.36
C ALA B 376 -6.00 49.18 5.98
N GLY B 377 -5.25 50.28 6.02
CA GLY B 377 -3.81 50.19 5.86
C GLY B 377 -3.22 49.20 6.83
N LEU B 378 -2.05 48.65 6.46
CA LEU B 378 -1.38 47.72 7.37
C LEU B 378 -1.06 48.38 8.70
N ALA B 379 -0.57 49.62 8.66
CA ALA B 379 -0.39 50.44 9.85
C ALA B 379 -1.66 50.52 10.68
N ASP B 380 -2.75 50.98 10.06
CA ASP B 380 -4.00 51.06 10.80
C ASP B 380 -4.44 49.69 11.27
N LEU B 381 -4.05 48.62 10.55
CA LEU B 381 -4.39 47.28 11.03
C LEU B 381 -3.56 46.92 12.25
N LEU B 382 -2.24 47.10 12.17
CA LEU B 382 -1.38 46.72 13.29
C LEU B 382 -1.79 47.45 14.56
N ARG B 383 -2.22 48.71 14.46
CA ARG B 383 -2.55 49.47 15.66
C ARG B 383 -3.76 48.87 16.40
N SER B 384 -4.81 48.52 15.67
CA SER B 384 -5.97 47.94 16.34
C SER B 384 -5.61 46.61 16.97
N LEU B 385 -4.79 45.81 16.29
CA LEU B 385 -4.33 44.58 16.91
C LEU B 385 -3.59 44.90 18.18
N GLU B 386 -2.74 45.92 18.15
CA GLU B 386 -2.11 46.40 19.37
C GLU B 386 -3.15 46.95 20.34
N ARG B 387 -4.03 47.85 19.86
CA ARG B 387 -5.07 48.39 20.73
C ARG B 387 -5.90 47.29 21.36
N ALA B 388 -6.04 46.14 20.68
CA ALA B 388 -6.75 44.99 21.26
C ALA B 388 -5.88 44.12 22.16
N GLY B 389 -4.56 44.24 22.06
CA GLY B 389 -3.68 43.41 22.86
C GLY B 389 -3.37 42.05 22.29
N VAL B 390 -3.63 41.83 20.99
CA VAL B 390 -3.54 40.51 20.41
C VAL B 390 -2.70 40.47 19.14
N ARG B 391 -1.77 41.40 18.96
CA ARG B 391 -0.86 41.25 17.83
C ARG B 391 0.03 40.03 18.06
N TYR B 392 0.43 39.37 16.97
CA TYR B 392 1.33 38.23 17.15
C TYR B 392 2.58 38.67 17.88
N ASP B 393 3.01 37.83 18.81
CA ASP B 393 4.08 38.16 19.76
C ASP B 393 4.96 36.93 19.91
N LYS B 394 6.14 36.95 19.27
CA LYS B 394 6.97 35.74 19.17
C LYS B 394 7.22 35.09 20.52
N ASP B 395 7.28 35.88 21.60
CA ASP B 395 7.58 35.34 22.92
C ASP B 395 6.52 34.34 23.35
N SER B 396 5.26 34.76 23.37
CA SER B 396 4.18 33.89 23.78
C SER B 396 3.77 32.90 22.69
N GLY B 397 4.00 33.25 21.42
CA GLY B 397 3.42 32.47 20.35
C GLY B 397 1.95 32.74 20.17
N GLU B 398 1.48 33.84 20.74
CA GLU B 398 0.07 34.20 20.76
C GLU B 398 -0.18 35.42 19.89
N GLY B 399 -1.39 35.50 19.36
CA GLY B 399 -1.81 36.66 18.66
C GLY B 399 -2.02 36.41 17.18
N ALA B 400 -2.01 37.50 16.42
CA ALA B 400 -2.58 37.51 15.10
C ALA B 400 -1.66 38.21 14.11
N VAL B 401 -1.74 37.77 12.86
CA VAL B 401 -0.95 38.32 11.78
C VAL B 401 -1.88 38.60 10.61
N VAL B 402 -1.38 39.43 9.70
CA VAL B 402 -2.14 39.95 8.57
C VAL B 402 -1.75 39.19 7.31
N LEU B 403 -2.76 38.65 6.64
CA LEU B 403 -2.55 38.01 5.34
C LEU B 403 -3.15 38.83 4.20
N GLY B 404 -3.52 40.08 4.45
CA GLY B 404 -4.08 40.88 3.39
C GLY B 404 -4.92 42.01 3.94
N CYS B 405 -4.61 43.23 3.51
CA CYS B 405 -5.37 44.35 4.06
C CYS B 405 -6.69 44.54 3.35
N ASN B 406 -6.88 43.91 2.21
CA ASN B 406 -8.03 44.24 1.37
C ASN B 406 -8.25 43.14 0.35
N SER B 407 -8.94 42.08 0.74
CA SER B 407 -9.05 40.94 -0.14
C SER B 407 -10.52 40.62 -0.43
N ASP B 408 -10.71 39.87 -1.50
CA ASP B 408 -12.04 39.52 -1.99
C ASP B 408 -12.55 38.21 -1.44
N LEU B 409 -11.68 37.40 -0.84
CA LEU B 409 -12.06 36.03 -0.49
C LEU B 409 -13.08 36.00 0.64
N GLY B 410 -12.80 36.70 1.72
CA GLY B 410 -13.82 37.02 2.69
C GLY B 410 -13.79 38.53 2.80
N PRO B 411 -14.56 39.21 1.89
CA PRO B 411 -14.24 40.61 1.55
C PRO B 411 -13.94 41.37 2.81
N GLY B 412 -12.70 41.81 2.97
CA GLY B 412 -12.27 42.45 4.19
C GLY B 412 -10.79 42.24 4.35
N ALA B 413 -10.29 42.59 5.53
CA ALA B 413 -8.94 42.21 5.89
C ALA B 413 -8.94 40.77 6.35
N GLU B 414 -7.95 40.00 5.91
CA GLU B 414 -7.83 38.59 6.30
C GLU B 414 -6.74 38.42 7.34
N LEU B 415 -7.12 37.99 8.54
CA LEU B 415 -6.23 37.77 9.66
C LEU B 415 -6.07 36.28 9.98
N LEU B 416 -4.96 35.95 10.61
CA LEU B 416 -4.69 34.62 11.14
C LEU B 416 -4.26 34.80 12.59
N VAL B 417 -4.84 34.01 13.51
CA VAL B 417 -4.67 34.23 14.95
C VAL B 417 -4.25 32.95 15.68
N PHE B 418 -3.27 33.07 16.58
CA PHE B 418 -2.65 31.92 17.25
C PHE B 418 -2.93 31.93 18.73
N SER B 419 -3.03 30.74 19.32
CA SER B 419 -3.20 30.64 20.77
C SER B 419 -3.00 29.21 21.26
N LYS B 420 -2.28 29.09 22.39
CA LYS B 420 -2.16 27.80 23.07
C LYS B 420 -3.46 27.33 23.67
N ASP B 421 -4.55 28.07 23.50
CA ASP B 421 -5.78 27.80 24.23
C ASP B 421 -6.95 28.24 23.37
N TRP B 422 -7.88 27.32 23.08
CA TRP B 422 -9.01 27.67 22.22
C TRP B 422 -9.79 28.83 22.81
N ASP B 423 -10.09 28.77 24.12
CA ASP B 423 -10.94 29.79 24.73
C ASP B 423 -10.29 31.18 24.66
N ARG B 424 -8.98 31.25 24.89
CA ARG B 424 -8.29 32.52 24.70
C ARG B 424 -8.45 33.01 23.25
N LEU B 425 -8.22 32.11 22.28
CA LEU B 425 -8.37 32.45 20.87
C LEU B 425 -9.74 33.07 20.58
N THR B 426 -10.78 32.52 21.21
CA THR B 426 -12.15 33.02 21.02
C THR B 426 -12.32 34.42 21.59
N ALA B 427 -11.67 34.70 22.72
CA ALA B 427 -11.71 36.07 23.24
C ALA B 427 -10.93 37.00 22.34
N MET B 428 -9.71 36.62 21.96
CA MET B 428 -8.90 37.45 21.08
C MET B 428 -9.66 37.85 19.82
N LYS B 429 -10.38 36.90 19.21
CA LYS B 429 -11.14 37.22 18.01
C LYS B 429 -12.22 38.25 18.31
N ASP B 430 -12.98 38.04 19.38
CA ASP B 430 -14.05 38.98 19.74
C ASP B 430 -13.48 40.36 20.03
N GLU B 431 -12.25 40.44 20.51
CA GLU B 431 -11.58 41.73 20.63
C GLU B 431 -11.33 42.35 19.27
N ILE B 432 -10.74 41.57 18.34
CA ILE B 432 -10.48 42.08 17.01
C ILE B 432 -11.77 42.57 16.37
N ALA B 433 -12.87 41.87 16.63
CA ALA B 433 -14.18 42.43 16.35
C ALA B 433 -14.30 43.82 16.99
N THR B 434 -14.20 43.88 18.32
CA THR B 434 -14.41 45.13 19.07
C THR B 434 -13.53 46.26 18.56
N THR B 435 -12.24 45.99 18.44
CA THR B 435 -11.22 47.03 18.28
C THR B 435 -10.96 47.40 16.84
N ALA B 436 -11.06 46.43 15.92
CA ALA B 436 -10.71 46.62 14.52
C ALA B 436 -11.92 46.70 13.61
N GLY B 437 -12.99 46.00 13.94
CA GLY B 437 -14.21 46.18 13.19
C GLY B 437 -14.41 45.12 12.15
N THR B 438 -15.57 44.50 12.18
CA THR B 438 -16.03 43.58 11.16
C THR B 438 -17.13 44.24 10.34
N LEU B 439 -17.46 43.60 9.23
CA LEU B 439 -18.62 43.97 8.44
C LEU B 439 -19.58 42.80 8.47
N SER B 440 -20.87 43.10 8.61
CA SER B 440 -21.88 42.07 8.72
C SER B 440 -22.31 41.51 7.34
N SER C 30 14.04 -44.99 1.14
CA SER C 30 12.84 -45.75 1.51
C SER C 30 11.56 -44.94 1.27
N THR C 31 11.56 -43.68 1.71
CA THR C 31 10.40 -42.82 1.59
C THR C 31 10.42 -42.08 0.25
N ASP C 32 9.25 -41.64 -0.18
CA ASP C 32 9.14 -40.75 -1.33
C ASP C 32 8.32 -39.53 -0.96
N THR C 33 8.53 -39.03 0.24
CA THR C 33 7.73 -37.93 0.75
C THR C 33 7.86 -36.70 -0.14
N THR C 34 9.09 -36.31 -0.45
CA THR C 34 9.33 -35.15 -1.32
C THR C 34 8.89 -35.36 -2.75
N ALA C 35 8.45 -36.56 -3.15
CA ALA C 35 8.06 -36.78 -4.53
C ALA C 35 6.84 -35.96 -4.89
N ARG C 36 6.04 -35.58 -3.89
CA ARG C 36 4.86 -34.77 -4.16
C ARG C 36 5.21 -33.47 -4.87
N PHE C 37 6.46 -33.03 -4.78
CA PHE C 37 6.86 -31.75 -5.30
C PHE C 37 7.31 -31.81 -6.74
N LEU C 38 7.35 -33.01 -7.34
CA LEU C 38 7.58 -33.08 -8.77
C LEU C 38 6.47 -32.40 -9.57
N TRP C 39 5.25 -32.35 -9.02
CA TRP C 39 4.11 -31.74 -9.71
C TRP C 39 4.25 -30.21 -9.92
N HIS C 40 5.29 -29.55 -9.44
CA HIS C 40 5.54 -28.16 -9.82
C HIS C 40 6.25 -28.06 -11.16
N ALA C 41 6.79 -29.17 -11.66
CA ALA C 41 7.82 -29.08 -12.66
C ALA C 41 7.24 -28.64 -14.00
N GLU C 42 7.94 -27.74 -14.69
CA GLU C 42 7.72 -27.46 -16.10
C GLU C 42 8.86 -28.06 -16.91
N ASP C 43 8.68 -28.06 -18.24
CA ASP C 43 9.73 -28.51 -19.14
C ASP C 43 11.05 -27.87 -18.76
N GLY C 44 12.01 -28.71 -18.40
CA GLY C 44 13.33 -28.25 -18.04
C GLY C 44 13.62 -28.32 -16.56
N ASP C 45 12.61 -28.27 -15.70
CA ASP C 45 12.84 -28.08 -14.27
C ASP C 45 13.71 -29.18 -13.69
N VAL C 46 14.41 -28.84 -12.61
CA VAL C 46 15.20 -29.81 -11.84
C VAL C 46 14.61 -29.89 -10.46
N LEU C 47 14.18 -31.11 -10.07
CA LEU C 47 13.73 -31.39 -8.71
C LEU C 47 14.85 -32.02 -7.89
N VAL C 48 15.11 -31.46 -6.72
CA VAL C 48 16.17 -31.90 -5.82
C VAL C 48 15.51 -32.54 -4.60
N ILE C 49 15.49 -33.88 -4.58
CA ILE C 49 14.91 -34.66 -3.49
C ILE C 49 15.97 -35.38 -2.68
N PRO C 50 15.84 -35.41 -1.36
CA PRO C 50 16.53 -36.45 -0.57
C PRO C 50 15.82 -37.76 -0.87
N ASP C 51 15.82 -38.74 0.03
CA ASP C 51 15.02 -39.97 -0.14
C ASP C 51 14.90 -40.42 -1.61
N THR C 52 13.75 -40.91 -2.08
CA THR C 52 13.73 -41.53 -3.41
C THR C 52 12.44 -41.23 -4.15
N VAL C 53 12.33 -41.79 -5.35
CA VAL C 53 11.11 -41.68 -6.14
C VAL C 53 10.85 -43.03 -6.78
N ASP C 54 9.60 -43.46 -6.74
CA ASP C 54 9.19 -44.66 -7.44
C ASP C 54 9.64 -44.59 -8.89
N PRO C 55 10.47 -45.55 -9.36
CA PRO C 55 11.05 -45.48 -10.72
C PRO C 55 10.10 -44.97 -11.79
N ASP C 56 8.80 -45.20 -11.59
CA ASP C 56 7.76 -44.84 -12.54
C ASP C 56 7.12 -43.48 -12.27
N PHE C 57 7.23 -42.98 -11.05
CA PHE C 57 6.61 -41.71 -10.72
C PHE C 57 6.90 -40.59 -11.71
N PRO C 58 8.14 -40.32 -12.11
CA PRO C 58 8.39 -39.12 -12.94
C PRO C 58 7.51 -39.09 -14.17
N GLY C 59 7.78 -40.02 -15.09
CA GLY C 59 6.96 -40.09 -16.29
C GLY C 59 5.50 -40.06 -15.99
N TYR C 60 5.09 -40.69 -14.88
CA TYR C 60 3.70 -40.70 -14.49
C TYR C 60 3.18 -39.29 -14.32
N VAL C 61 3.87 -38.50 -13.50
CA VAL C 61 3.54 -37.10 -13.37
C VAL C 61 3.60 -36.43 -14.75
N ALA C 62 4.58 -36.82 -15.56
CA ALA C 62 4.77 -36.18 -16.87
C ALA C 62 3.55 -36.36 -17.78
N ASP C 63 3.08 -37.61 -17.93
CA ASP C 63 1.98 -37.89 -18.85
C ASP C 63 0.74 -37.11 -18.46
N THR C 64 0.37 -37.19 -17.17
CA THR C 64 -0.80 -36.51 -16.63
C THR C 64 -0.74 -35.00 -16.86
N LEU C 65 0.40 -34.40 -16.56
CA LEU C 65 0.51 -32.95 -16.72
C LEU C 65 0.64 -32.53 -18.19
N GLY C 66 1.07 -33.44 -19.06
CA GLY C 66 1.29 -33.10 -20.46
C GLY C 66 2.66 -32.53 -20.76
N ILE C 67 3.66 -32.90 -20.01
CA ILE C 67 4.97 -32.27 -20.13
C ILE C 67 5.97 -33.29 -20.69
N ASP C 68 6.95 -32.78 -21.43
CA ASP C 68 8.04 -33.62 -21.93
C ASP C 68 8.85 -34.13 -20.75
N GLY C 69 8.58 -35.37 -20.33
CA GLY C 69 9.30 -35.96 -19.23
C GLY C 69 10.79 -36.02 -19.43
N THR C 70 11.26 -36.06 -20.68
CA THR C 70 12.70 -36.06 -20.90
C THR C 70 13.32 -34.77 -20.41
N SER C 71 12.62 -33.64 -20.59
CA SER C 71 13.15 -32.36 -20.16
C SER C 71 13.34 -32.30 -18.64
N VAL C 72 12.47 -32.97 -17.88
CA VAL C 72 12.49 -32.86 -16.42
C VAL C 72 13.43 -33.92 -15.85
N HIS C 73 14.29 -33.52 -14.91
CA HIS C 73 15.25 -34.40 -14.24
C HIS C 73 15.05 -34.31 -12.73
N VAL C 74 15.42 -35.37 -12.04
CA VAL C 74 15.41 -35.37 -10.58
C VAL C 74 16.81 -35.70 -10.11
N GLU C 75 17.24 -35.04 -9.05
CA GLU C 75 18.63 -35.03 -8.60
C GLU C 75 18.63 -35.42 -7.12
N ARG C 76 18.96 -36.67 -6.82
CA ARG C 76 18.87 -37.20 -5.47
C ARG C 76 20.13 -36.85 -4.72
N THR C 77 20.02 -35.97 -3.74
CA THR C 77 21.07 -35.90 -2.74
C THR C 77 20.94 -37.14 -1.85
N GLN C 78 21.87 -37.33 -0.93
CA GLN C 78 21.76 -38.51 -0.08
C GLN C 78 21.42 -38.16 1.35
N THR C 79 21.31 -36.89 1.67
CA THR C 79 21.02 -36.40 3.02
C THR C 79 19.88 -35.40 2.93
N PRO C 80 19.40 -34.92 4.07
CA PRO C 80 18.46 -33.80 4.06
C PRO C 80 19.06 -32.54 3.44
N LEU C 81 18.16 -31.63 3.03
CA LEU C 81 18.55 -30.51 2.19
C LEU C 81 19.07 -29.37 3.04
N SER C 82 19.89 -29.70 4.02
CA SER C 82 20.34 -28.77 5.05
C SER C 82 21.21 -27.68 4.44
N GLU C 83 21.46 -26.64 5.24
CA GLU C 83 22.30 -25.53 4.80
C GLU C 83 23.66 -26.02 4.35
N ALA C 84 24.24 -27.00 5.06
CA ALA C 84 25.54 -27.51 4.69
C ALA C 84 25.53 -28.04 3.27
N VAL C 85 24.50 -28.82 2.93
CA VAL C 85 24.37 -29.32 1.57
C VAL C 85 24.34 -28.15 0.59
N LEU C 86 23.49 -27.15 0.85
CA LEU C 86 23.43 -26.03 -0.09
C LEU C 86 24.75 -25.29 -0.20
N GLN C 87 25.63 -25.37 0.81
CA GLN C 87 26.95 -24.78 0.70
C GLN C 87 28.01 -25.77 0.23
N ASP C 88 27.65 -27.05 0.09
CA ASP C 88 28.57 -28.05 -0.42
C ASP C 88 29.01 -27.71 -1.84
N PRO C 89 30.32 -27.57 -2.09
CA PRO C 89 30.79 -27.43 -3.49
C PRO C 89 30.46 -28.61 -4.39
N GLU C 90 30.51 -29.84 -3.86
CA GLU C 90 29.96 -30.99 -4.57
C GLU C 90 28.59 -30.67 -5.16
N PHE C 91 27.68 -30.27 -4.27
CA PHE C 91 26.25 -30.21 -4.56
C PHE C 91 25.95 -29.02 -5.46
N ILE C 92 26.54 -27.88 -5.13
CA ILE C 92 26.47 -26.72 -6.01
C ILE C 92 26.85 -27.09 -7.44
N ASP C 93 28.06 -27.63 -7.60
CA ASP C 93 28.54 -27.95 -8.94
C ASP C 93 27.52 -28.82 -9.65
N ARG C 94 27.09 -29.91 -9.01
CA ARG C 94 26.03 -30.73 -9.56
C ARG C 94 24.85 -29.89 -10.01
N LEU C 95 24.48 -28.89 -9.22
CA LEU C 95 23.42 -27.98 -9.64
C LEU C 95 23.84 -27.18 -10.85
N ALA C 96 25.11 -26.83 -10.95
CA ALA C 96 25.55 -25.98 -12.05
C ALA C 96 25.71 -26.74 -13.35
N ALA C 97 25.63 -28.07 -13.32
CA ALA C 97 25.62 -28.83 -14.56
C ALA C 97 24.35 -28.56 -15.34
N HIS C 98 23.23 -28.41 -14.63
CA HIS C 98 21.99 -27.99 -15.27
C HIS C 98 21.99 -26.48 -15.51
N THR C 99 22.33 -25.73 -14.46
CA THR C 99 22.30 -24.26 -14.49
C THR C 99 23.66 -23.75 -14.90
N GLY C 100 23.93 -23.74 -16.20
CA GLY C 100 25.19 -23.21 -16.69
C GLY C 100 24.99 -21.82 -17.26
N THR C 101 25.86 -20.91 -16.84
CA THR C 101 25.73 -19.47 -17.09
C THR C 101 24.55 -18.91 -16.30
N GLY C 102 23.68 -19.79 -15.79
CA GLY C 102 22.56 -19.38 -14.94
C GLY C 102 21.42 -18.70 -15.67
N ALA C 103 21.61 -18.31 -16.92
CA ALA C 103 20.60 -17.55 -17.63
C ALA C 103 19.34 -18.38 -17.83
N GLY C 104 18.19 -17.75 -17.64
CA GLY C 104 16.93 -18.44 -17.78
C GLY C 104 16.54 -19.31 -16.62
N TRP C 105 17.31 -19.32 -15.54
CA TRP C 105 17.15 -20.25 -14.43
C TRP C 105 16.88 -19.49 -13.14
N SER C 106 15.85 -19.92 -12.42
CA SER C 106 15.54 -19.44 -11.09
C SER C 106 15.65 -20.58 -10.10
N LEU C 107 15.67 -20.23 -8.82
CA LEU C 107 15.56 -21.18 -7.73
C LEU C 107 14.17 -21.06 -7.11
N PHE C 108 13.54 -22.20 -6.85
CA PHE C 108 12.17 -22.29 -6.36
C PHE C 108 12.21 -23.00 -5.01
N PRO C 109 12.66 -22.32 -3.95
CA PRO C 109 12.90 -22.97 -2.65
C PRO C 109 11.69 -22.99 -1.71
N CYS C 110 11.59 -24.07 -0.97
CA CYS C 110 10.55 -24.15 0.04
C CYS C 110 10.77 -23.12 1.11
N VAL C 111 11.99 -23.09 1.63
CA VAL C 111 12.36 -22.18 2.69
C VAL C 111 13.48 -21.32 2.18
N SER C 112 13.15 -20.08 1.87
CA SER C 112 14.12 -19.09 1.43
C SER C 112 15.17 -18.80 2.49
N THR C 113 16.10 -19.72 2.72
CA THR C 113 17.10 -19.46 3.73
C THR C 113 18.24 -18.59 3.18
N ARG C 114 19.13 -18.22 4.10
CA ARG C 114 20.35 -17.50 3.72
C ARG C 114 21.19 -18.33 2.74
N ALA C 115 21.16 -19.66 2.85
CA ALA C 115 21.94 -20.47 1.92
C ALA C 115 21.25 -20.59 0.58
N ALA C 116 19.92 -20.53 0.54
CA ALA C 116 19.24 -20.44 -0.75
C ALA C 116 19.69 -19.19 -1.48
N ALA C 117 19.46 -18.02 -0.86
CA ALA C 117 19.92 -16.76 -1.41
C ALA C 117 21.38 -16.84 -1.85
N GLN C 118 22.24 -17.35 -0.97
CA GLN C 118 23.64 -17.54 -1.34
C GLN C 118 23.77 -18.48 -2.53
N LEU C 119 22.96 -19.54 -2.57
CA LEU C 119 23.11 -20.48 -3.68
C LEU C 119 22.80 -19.79 -5.00
N THR C 120 21.77 -18.94 -5.03
CA THR C 120 21.43 -18.25 -6.27
C THR C 120 22.62 -17.48 -6.80
N ARG C 121 23.42 -16.89 -5.90
CA ARG C 121 24.62 -16.18 -6.32
C ARG C 121 25.67 -17.13 -6.86
N LYS C 122 25.95 -18.21 -6.12
CA LYS C 122 26.90 -19.22 -6.59
C LYS C 122 26.56 -19.71 -8.00
N LEU C 123 25.30 -20.07 -8.23
CA LEU C 123 24.86 -20.57 -9.54
C LEU C 123 24.58 -19.46 -10.54
N ASN C 124 24.72 -18.20 -10.12
CA ASN C 124 24.37 -17.02 -10.92
C ASN C 124 23.07 -17.22 -11.67
N VAL C 125 22.05 -17.63 -10.94
CA VAL C 125 20.71 -17.70 -11.49
C VAL C 125 20.03 -16.42 -11.05
N ALA C 126 18.76 -16.22 -11.43
CA ALA C 126 18.04 -15.04 -10.98
C ALA C 126 18.06 -14.94 -9.46
N ALA C 127 18.39 -13.76 -8.94
CA ALA C 127 18.52 -13.57 -7.50
C ALA C 127 17.21 -13.89 -6.78
N LEU C 128 17.34 -14.53 -5.62
CA LEU C 128 16.18 -14.87 -4.81
C LEU C 128 15.45 -13.61 -4.41
N ASP C 129 14.15 -13.53 -4.69
CA ASP C 129 13.43 -12.30 -4.41
C ASP C 129 13.38 -12.06 -2.90
N GLY C 130 13.72 -10.85 -2.49
CA GLY C 130 13.92 -10.58 -1.07
C GLY C 130 15.26 -11.08 -0.57
N TYR C 131 16.26 -11.12 -1.47
CA TYR C 131 17.59 -11.65 -1.19
C TYR C 131 18.12 -11.16 0.15
N GLU C 132 18.06 -9.83 0.37
CA GLU C 132 18.62 -9.20 1.56
C GLU C 132 17.94 -9.64 2.85
N PHE C 133 16.62 -9.76 2.82
CA PHE C 133 15.89 -10.24 3.97
C PHE C 133 16.34 -11.65 4.34
N ALA C 134 16.61 -12.49 3.32
CA ALA C 134 16.93 -13.90 3.55
C ALA C 134 18.32 -14.06 4.17
N MET C 135 19.34 -13.45 3.56
CA MET C 135 20.50 -13.04 4.34
C MET C 135 20.01 -12.27 5.56
N GLN C 136 20.75 -12.33 6.66
CA GLN C 136 20.24 -11.82 7.94
C GLN C 136 19.11 -12.70 8.46
N ASN C 137 18.66 -13.67 7.66
CA ASN C 137 17.78 -14.74 8.11
C ASN C 137 16.43 -14.19 8.55
N GLY C 138 15.87 -13.34 7.70
CA GLY C 138 14.52 -12.85 7.83
C GLY C 138 13.51 -13.94 8.11
N ILE C 139 13.37 -14.89 7.18
CA ILE C 139 12.27 -15.86 7.29
C ILE C 139 12.35 -16.61 8.61
N ASP C 140 13.55 -16.74 9.17
CA ASP C 140 13.65 -17.34 10.50
C ASP C 140 12.94 -16.51 11.56
N LEU C 141 12.89 -15.20 11.37
CA LEU C 141 12.32 -14.35 12.41
C LEU C 141 10.82 -14.50 12.46
N LEU C 142 10.17 -14.38 11.31
CA LEU C 142 8.86 -14.98 11.11
C LEU C 142 9.07 -16.48 11.23
N ASN C 143 8.02 -17.27 11.14
CA ASN C 143 8.17 -18.72 11.42
C ASN C 143 8.67 -18.90 12.84
N MET C 144 8.27 -17.98 13.70
CA MET C 144 8.47 -18.08 15.13
C MET C 144 7.15 -17.73 15.74
N LYS C 145 6.61 -18.61 16.56
CA LYS C 145 5.29 -18.32 17.08
C LYS C 145 5.32 -17.07 17.96
N SER C 146 6.38 -16.92 18.76
CA SER C 146 6.52 -15.71 19.57
C SER C 146 6.49 -14.45 18.70
N THR C 147 7.09 -14.51 17.50
CA THR C 147 7.02 -13.36 16.62
C THR C 147 5.60 -13.11 16.19
N PHE C 148 4.86 -14.16 15.83
CA PHE C 148 3.49 -13.97 15.42
C PHE C 148 2.67 -13.33 16.54
N ARG C 149 2.62 -13.98 17.71
CA ARG C 149 1.83 -13.43 18.81
C ARG C 149 2.16 -11.97 19.03
N ARG C 150 3.42 -11.60 18.81
CA ARG C 150 3.82 -10.22 19.06
C ARG C 150 3.27 -9.30 17.97
N LEU C 151 3.55 -9.61 16.71
CA LEU C 151 3.06 -8.74 15.65
C LEU C 151 1.54 -8.65 15.70
N ALA C 152 0.87 -9.78 15.83
CA ALA C 152 -0.59 -9.76 15.75
C ALA C 152 -1.19 -8.95 16.88
N ALA C 153 -0.62 -9.11 18.09
CA ALA C 153 -1.01 -8.22 19.16
C ALA C 153 -0.71 -6.76 18.79
N GLY C 154 0.41 -6.51 18.13
CA GLY C 154 0.71 -5.14 17.78
C GLY C 154 -0.33 -4.56 16.84
N LEU C 155 -0.55 -5.24 15.71
CA LEU C 155 -1.47 -4.76 14.69
C LEU C 155 -2.91 -4.65 15.21
N GLY C 156 -3.30 -5.55 16.09
CA GLY C 156 -4.70 -5.81 16.34
C GLY C 156 -5.24 -7.01 15.61
N THR C 157 -4.38 -7.87 15.07
CA THR C 157 -4.87 -9.11 14.46
C THR C 157 -5.36 -10.06 15.54
N PRO C 158 -6.63 -10.49 15.51
CA PRO C 158 -7.22 -11.26 16.63
C PRO C 158 -6.45 -12.52 16.99
N LEU C 159 -6.50 -12.84 18.28
CA LEU C 159 -5.52 -13.70 18.94
C LEU C 159 -6.10 -14.18 20.27
N THR C 160 -6.31 -15.49 20.40
CA THR C 160 -6.68 -16.10 21.68
C THR C 160 -5.81 -15.59 22.82
N ASP C 161 -6.38 -15.55 24.02
CA ASP C 161 -5.63 -15.19 25.20
C ASP C 161 -4.39 -16.06 25.30
N GLY C 162 -3.25 -15.43 25.55
CA GLY C 162 -2.02 -16.17 25.72
C GLY C 162 -0.90 -15.24 26.12
N VAL C 163 0.20 -15.83 26.57
CA VAL C 163 1.41 -15.11 26.92
C VAL C 163 2.55 -15.58 26.01
N VAL C 164 3.63 -14.79 25.98
CA VAL C 164 4.91 -15.22 25.43
C VAL C 164 5.81 -15.52 26.62
N ALA C 165 5.91 -16.81 26.96
CA ALA C 165 6.45 -17.24 28.23
C ALA C 165 7.96 -17.38 28.17
N ARG C 166 8.63 -16.84 29.17
CA ARG C 166 10.08 -16.76 29.13
C ARG C 166 10.74 -17.69 30.14
N GLY C 167 9.97 -18.43 30.94
CA GLY C 167 10.50 -19.44 31.82
C GLY C 167 9.39 -20.30 32.39
N PRO C 168 9.77 -21.30 33.18
CA PRO C 168 8.74 -22.13 33.86
C PRO C 168 7.74 -21.33 34.69
N ALA C 169 8.18 -20.34 35.47
CA ALA C 169 7.25 -19.61 36.33
C ALA C 169 6.21 -18.87 35.50
N GLU C 170 6.63 -18.26 34.39
CA GLU C 170 5.66 -17.70 33.45
C GLU C 170 4.75 -18.80 32.91
N VAL C 171 5.31 -19.98 32.61
CA VAL C 171 4.48 -21.09 32.12
C VAL C 171 3.41 -21.45 33.15
N ARG C 172 3.79 -21.58 34.43
CA ARG C 172 2.85 -22.01 35.45
C ARG C 172 1.67 -21.06 35.54
N SER C 173 1.94 -19.80 35.90
CA SER C 173 0.90 -18.79 35.94
C SER C 173 0.13 -18.75 34.64
N ALA C 174 0.84 -18.85 33.51
CA ALA C 174 0.18 -18.92 32.22
C ALA C 174 -0.87 -20.02 32.20
N ILE C 175 -0.48 -21.24 32.61
CA ILE C 175 -1.45 -22.33 32.65
C ILE C 175 -2.55 -22.01 33.65
N GLN C 176 -2.16 -21.66 34.88
CA GLN C 176 -3.14 -21.41 35.93
C GLN C 176 -4.16 -20.37 35.50
N GLU C 177 -3.76 -19.43 34.66
CA GLU C 177 -4.61 -18.32 34.29
C GLU C 177 -5.44 -18.60 33.04
N LEU C 178 -4.86 -19.33 32.07
CA LEU C 178 -5.48 -19.53 30.78
C LEU C 178 -6.39 -20.77 30.70
N ILE C 179 -6.19 -21.76 31.58
CA ILE C 179 -6.95 -23.01 31.54
C ILE C 179 -8.44 -22.78 31.76
N ALA C 180 -8.80 -21.74 32.50
CA ALA C 180 -10.16 -21.66 33.04
C ALA C 180 -11.20 -21.46 31.95
N GLU C 181 -10.97 -20.54 31.02
CA GLU C 181 -12.05 -20.06 30.13
C GLU C 181 -12.72 -21.20 29.38
N THR C 182 -11.99 -22.30 29.14
CA THR C 182 -12.46 -23.38 28.29
C THR C 182 -12.11 -24.77 28.80
N GLY C 183 -11.09 -24.93 29.62
CA GLY C 183 -10.67 -26.23 30.04
C GLY C 183 -9.56 -26.82 29.21
N MET C 184 -8.98 -26.04 28.30
CA MET C 184 -7.90 -26.52 27.44
C MET C 184 -6.89 -25.42 27.22
N VAL C 185 -5.65 -25.69 27.56
CA VAL C 185 -4.52 -24.86 27.19
C VAL C 185 -3.72 -25.61 26.13
N ILE C 186 -3.04 -24.85 25.27
CA ILE C 186 -2.10 -25.37 24.30
C ILE C 186 -0.76 -24.66 24.47
N ALA C 187 0.32 -25.41 24.32
CA ALA C 187 1.66 -24.92 24.61
C ALA C 187 2.58 -25.41 23.50
N LYS C 188 3.26 -24.47 22.83
CA LYS C 188 3.89 -24.68 21.55
C LYS C 188 5.35 -24.29 21.61
N GLN C 189 6.23 -25.15 21.10
CA GLN C 189 7.60 -24.77 20.88
C GLN C 189 7.67 -23.62 19.89
N ASP C 190 8.59 -22.67 20.11
CA ASP C 190 8.56 -21.44 19.32
C ASP C 190 9.00 -21.66 17.87
N ARG C 191 9.85 -22.65 17.59
CA ARG C 191 10.38 -22.80 16.22
C ARG C 191 9.75 -23.95 15.44
N SER C 192 9.68 -25.13 16.04
CA SER C 192 9.15 -26.33 15.37
C SER C 192 7.80 -26.06 14.72
N GLY C 193 7.72 -26.28 13.41
CA GLY C 193 6.46 -26.30 12.72
C GLY C 193 5.93 -27.73 12.56
N GLY C 194 4.72 -27.82 12.00
CA GLY C 194 4.10 -29.09 11.67
C GLY C 194 3.07 -29.62 12.65
N GLY C 195 2.83 -28.93 13.77
CA GLY C 195 2.07 -29.51 14.86
C GLY C 195 2.87 -30.43 15.77
N HIS C 196 4.20 -30.45 15.63
CA HIS C 196 5.09 -31.44 16.23
C HIS C 196 5.66 -31.02 17.58
N GLY C 197 5.75 -29.72 17.86
CA GLY C 197 6.28 -29.27 19.14
C GLY C 197 5.23 -28.64 20.03
N ASN C 198 4.00 -29.15 19.94
CA ASN C 198 2.88 -28.66 20.73
C ASN C 198 2.51 -29.67 21.79
N ILE C 199 1.97 -29.18 22.90
CA ILE C 199 1.42 -30.03 23.95
C ILE C 199 0.09 -29.44 24.39
N GLY C 200 -0.81 -30.31 24.84
CA GLY C 200 -2.09 -29.90 25.35
C GLY C 200 -2.17 -30.08 26.85
N ILE C 201 -3.19 -29.47 27.43
CA ILE C 201 -3.43 -29.49 28.87
C ILE C 201 -4.96 -29.58 29.02
N SER C 202 -5.46 -30.72 29.45
CA SER C 202 -6.88 -31.02 29.35
C SER C 202 -7.50 -31.13 30.73
N THR C 203 -8.76 -30.72 30.83
CA THR C 203 -9.56 -30.89 32.02
C THR C 203 -10.32 -32.22 32.00
N SER C 204 -10.96 -32.56 30.88
CA SER C 204 -11.63 -33.82 30.72
C SER C 204 -10.91 -34.62 29.64
N PRO C 205 -10.65 -35.91 29.84
CA PRO C 205 -10.08 -36.71 28.74
C PRO C 205 -10.98 -36.80 27.52
N GLU C 206 -12.21 -36.26 27.59
CA GLU C 206 -13.02 -36.22 26.38
C GLU C 206 -12.52 -35.15 25.39
N SER C 207 -11.77 -34.16 25.86
CA SER C 207 -11.31 -33.06 25.02
C SER C 207 -10.31 -33.55 23.98
N SER C 208 -10.63 -33.34 22.70
CA SER C 208 -9.71 -33.59 21.61
C SER C 208 -8.84 -32.36 21.38
N PHE C 209 -7.77 -32.53 20.58
CA PHE C 209 -6.75 -31.50 20.44
C PHE C 209 -6.07 -31.63 19.08
N PRO C 210 -6.77 -31.28 17.99
CA PRO C 210 -6.10 -31.21 16.70
C PRO C 210 -4.97 -30.19 16.74
N GLY C 211 -3.80 -30.57 16.24
CA GLY C 211 -2.65 -29.70 16.20
C GLY C 211 -1.61 -29.95 17.28
N THR C 212 -1.74 -31.04 18.05
CA THR C 212 -0.87 -31.34 19.19
C THR C 212 -0.19 -32.70 18.99
N ARG C 213 0.81 -32.97 19.85
CA ARG C 213 1.55 -34.25 19.92
C ARG C 213 1.17 -35.11 21.11
N GLU C 214 1.07 -34.54 22.30
CA GLU C 214 0.52 -35.24 23.45
C GLU C 214 -0.46 -34.31 24.14
N VAL C 215 -1.20 -34.86 25.10
CA VAL C 215 -2.14 -34.08 25.92
C VAL C 215 -2.14 -34.66 27.33
N LEU C 216 -1.87 -33.81 28.31
CA LEU C 216 -1.83 -34.21 29.71
C LEU C 216 -3.01 -33.60 30.45
N ALA C 217 -3.30 -34.16 31.62
CA ALA C 217 -4.39 -33.66 32.43
C ALA C 217 -3.90 -32.52 33.31
N TYR C 218 -4.81 -31.61 33.66
CA TYR C 218 -4.45 -30.42 34.43
C TYR C 218 -4.42 -30.83 35.90
N ALA C 219 -3.26 -31.24 36.38
CA ALA C 219 -3.11 -31.54 37.81
C ALA C 219 -2.82 -30.23 38.52
N ASN C 220 -3.88 -29.62 39.04
CA ASN C 220 -3.75 -28.47 39.93
C ASN C 220 -2.64 -28.70 40.95
N ASP C 221 -2.64 -29.89 41.58
CA ASP C 221 -1.57 -30.24 42.52
C ASP C 221 -0.19 -30.28 41.85
N GLN C 222 -0.13 -30.60 40.56
CA GLN C 222 1.14 -30.70 39.83
C GLN C 222 1.35 -29.52 38.88
N LEU C 223 0.56 -28.46 39.04
CA LEU C 223 0.75 -27.26 38.23
C LEU C 223 2.19 -26.77 38.32
N ASP C 224 2.87 -27.05 39.42
CA ASP C 224 4.30 -26.79 39.49
C ASP C 224 5.06 -27.64 38.48
N THR C 225 4.79 -28.93 38.45
CA THR C 225 5.64 -29.79 37.62
C THR C 225 5.16 -29.89 36.17
N LEU C 226 3.87 -29.72 35.89
CA LEU C 226 3.49 -29.59 34.48
C LEU C 226 4.25 -28.45 33.82
N ALA C 227 4.40 -27.33 34.51
CA ALA C 227 5.10 -26.19 33.92
C ALA C 227 6.55 -26.52 33.64
N ASP C 228 7.22 -27.20 34.57
CA ASP C 228 8.63 -27.49 34.38
C ASP C 228 8.80 -28.51 33.27
N THR C 229 7.89 -29.48 33.16
CA THR C 229 7.95 -30.45 32.08
C THR C 229 7.82 -29.76 30.71
N LEU C 230 7.06 -28.66 30.64
CA LEU C 230 6.80 -27.98 29.37
C LEU C 230 7.95 -27.08 28.97
N TRP C 231 8.46 -26.27 29.89
CA TRP C 231 9.66 -25.52 29.60
C TRP C 231 10.79 -26.46 29.21
N SER C 232 10.83 -27.63 29.85
CA SER C 232 11.98 -28.52 29.73
C SER C 232 12.06 -29.14 28.35
N GLN C 233 10.93 -29.57 27.81
CA GLN C 233 10.90 -30.38 26.60
C GLN C 233 10.62 -29.57 25.35
N LEU C 234 10.30 -28.28 25.48
CA LEU C 234 10.03 -27.41 24.34
C LEU C 234 10.92 -26.17 24.34
N THR C 235 12.06 -26.21 25.02
CA THR C 235 13.08 -25.18 24.93
C THR C 235 14.41 -25.83 24.60
N ASP C 236 15.24 -25.10 23.86
CA ASP C 236 16.66 -25.46 23.71
C ASP C 236 17.44 -24.15 23.83
N THR C 237 18.68 -24.16 23.37
CA THR C 237 19.48 -22.94 23.45
C THR C 237 19.03 -21.91 22.43
N GLN C 238 18.54 -22.37 21.28
CA GLN C 238 18.05 -21.46 20.27
C GLN C 238 16.73 -20.85 20.69
N ASN C 239 15.85 -21.64 21.30
CA ASN C 239 14.50 -21.22 21.66
C ASN C 239 14.43 -21.02 23.15
N GLN C 240 14.40 -19.77 23.59
CA GLN C 240 14.17 -19.46 24.99
C GLN C 240 12.80 -18.84 25.20
N PHE C 241 11.86 -19.06 24.28
CA PHE C 241 10.46 -18.75 24.53
C PHE C 241 9.61 -19.99 24.31
N ILE C 242 8.49 -20.04 25.03
CA ILE C 242 7.41 -20.98 24.76
C ILE C 242 6.13 -20.17 24.71
N THR C 243 5.22 -20.53 23.81
CA THR C 243 3.93 -19.86 23.73
C THR C 243 2.87 -20.70 24.42
N VAL C 244 1.93 -20.03 25.08
CA VAL C 244 0.90 -20.66 25.89
C VAL C 244 -0.43 -19.95 25.66
N GLU C 245 -1.42 -20.68 25.13
CA GLU C 245 -2.69 -20.04 24.85
C GLU C 245 -3.87 -20.86 25.38
N THR C 246 -4.96 -20.17 25.66
CA THR C 246 -6.25 -20.82 25.76
C THR C 246 -6.58 -21.50 24.44
N TYR C 247 -7.26 -22.66 24.51
CA TYR C 247 -7.57 -23.50 23.35
C TYR C 247 -9.07 -23.61 23.15
N HIS C 248 -9.54 -23.31 21.95
CA HIS C 248 -10.97 -23.20 21.67
C HIS C 248 -11.43 -24.32 20.74
N ARG C 249 -12.69 -24.68 20.92
CA ARG C 249 -13.35 -25.63 20.03
C ARG C 249 -13.72 -24.88 18.75
N ALA C 250 -13.09 -25.27 17.65
CA ALA C 250 -13.24 -24.57 16.39
C ALA C 250 -14.30 -25.27 15.54
N ASP C 251 -15.32 -24.52 15.11
CA ASP C 251 -16.18 -25.05 14.06
C ASP C 251 -15.35 -25.39 12.83
N GLN C 252 -14.53 -24.43 12.38
CA GLN C 252 -13.74 -24.56 11.17
C GLN C 252 -12.27 -24.34 11.50
N ARG C 253 -11.41 -25.19 10.94
CA ARG C 253 -9.96 -25.02 11.00
C ARG C 253 -9.46 -24.78 9.58
N PHE C 254 -8.83 -23.64 9.37
CA PHE C 254 -8.52 -23.23 8.00
C PHE C 254 -7.15 -22.57 7.96
N PHE C 255 -6.72 -22.22 6.74
CA PHE C 255 -5.63 -21.29 6.52
C PHE C 255 -5.76 -20.70 5.12
N PHE C 256 -5.00 -19.63 4.88
CA PHE C 256 -4.98 -18.90 3.62
C PHE C 256 -3.55 -18.84 3.10
N GLU C 257 -3.35 -19.08 1.80
CA GLU C 257 -2.03 -19.06 1.20
C GLU C 257 -1.88 -17.84 0.32
N TYR C 258 -0.82 -17.10 0.52
CA TYR C 258 -0.54 -15.92 -0.28
C TYR C 258 0.79 -16.09 -1.00
N HIS C 259 0.98 -15.26 -2.01
CA HIS C 259 2.28 -15.07 -2.62
C HIS C 259 2.65 -13.60 -2.51
N LEU C 260 3.93 -13.33 -2.27
CA LEU C 260 4.39 -11.99 -1.97
C LEU C 260 5.49 -11.59 -2.95
N ASP C 261 5.27 -10.50 -3.71
CA ASP C 261 6.04 -10.20 -4.91
C ASP C 261 6.76 -8.87 -4.91
N GLY C 262 6.47 -7.97 -3.99
CA GLY C 262 7.09 -6.67 -4.04
C GLY C 262 6.26 -5.62 -4.73
N ASP C 263 5.16 -6.02 -5.35
CA ASP C 263 4.12 -5.09 -5.77
C ASP C 263 2.74 -5.44 -5.24
N ARG C 264 2.55 -6.61 -4.61
CA ARG C 264 1.23 -7.14 -4.31
C ARG C 264 1.34 -8.35 -3.41
N ALA C 265 0.33 -8.51 -2.56
CA ALA C 265 0.10 -9.76 -1.83
C ALA C 265 -1.15 -10.38 -2.42
N ARG C 266 -0.97 -11.50 -3.14
CA ARG C 266 -2.02 -12.17 -3.90
C ARG C 266 -2.51 -13.44 -3.21
N PHE C 267 -3.82 -13.52 -3.00
CA PHE C 267 -4.48 -14.69 -2.44
C PHE C 267 -4.43 -15.87 -3.42
N LEU C 268 -3.97 -17.01 -2.94
CA LEU C 268 -3.97 -18.15 -3.85
C LEU C 268 -5.19 -19.02 -3.65
N HIS C 269 -5.53 -19.31 -2.40
CA HIS C 269 -6.53 -20.32 -2.09
C HIS C 269 -6.77 -20.33 -0.59
N SER C 270 -7.95 -20.79 -0.19
CA SER C 270 -8.26 -21.15 1.18
C SER C 270 -8.43 -22.66 1.28
N SER C 271 -8.07 -23.24 2.43
CA SER C 271 -8.10 -24.71 2.60
C SER C 271 -8.46 -25.09 4.03
N ILE C 272 -8.90 -26.34 4.20
CA ILE C 272 -9.42 -26.82 5.49
C ILE C 272 -8.49 -27.88 6.06
N LEU C 273 -8.02 -27.65 7.28
CA LEU C 273 -7.14 -28.61 7.94
C LEU C 273 -7.98 -29.75 8.51
N LYS C 274 -7.93 -30.91 7.88
CA LYS C 274 -8.69 -32.04 8.35
C LYS C 274 -7.83 -32.86 9.31
N TYR C 275 -8.49 -33.36 10.36
CA TYR C 275 -7.84 -34.08 11.45
C TYR C 275 -8.59 -35.40 11.70
N GLU C 276 -8.08 -36.20 12.65
CA GLU C 276 -8.71 -37.45 13.06
C GLU C 276 -9.90 -37.19 13.99
N GLN C 277 -11.04 -37.83 13.71
CA GLN C 277 -12.17 -37.80 14.64
C GLN C 277 -12.05 -38.97 15.61
N LEU C 278 -11.93 -38.67 16.86
CA LEU C 278 -11.44 -39.60 17.87
C LEU C 278 -12.60 -40.34 18.56
N PRO C 279 -12.33 -41.53 19.13
CA PRO C 279 -13.42 -42.36 19.65
C PRO C 279 -14.25 -41.64 20.71
N GLU C 280 -15.57 -41.77 20.58
CA GLU C 280 -16.53 -41.28 21.57
C GLU C 280 -16.28 -39.82 21.99
N SER C 282 -12.83 -42.15 23.33
CA SER C 282 -11.52 -41.66 23.73
C SER C 282 -11.38 -40.16 23.47
N GLY C 283 -10.14 -39.69 23.36
CA GLY C 283 -9.89 -38.27 23.25
C GLY C 283 -8.40 -37.98 23.18
N GLY C 284 -8.06 -36.71 23.33
CA GLY C 284 -6.68 -36.25 23.23
C GLY C 284 -6.26 -35.84 21.82
N SER C 285 -4.99 -36.11 21.49
CA SER C 285 -4.44 -35.64 20.21
C SER C 285 -5.14 -36.29 19.03
N ALA C 286 -5.50 -35.46 18.04
CA ALA C 286 -6.10 -35.88 16.78
C ALA C 286 -5.21 -35.39 15.64
N LYS C 287 -4.26 -36.22 15.20
CA LYS C 287 -3.29 -35.73 14.24
C LYS C 287 -3.91 -35.57 12.84
N TRP C 288 -3.10 -35.02 11.94
CA TRP C 288 -3.56 -34.41 10.70
C TRP C 288 -3.75 -35.47 9.61
N ILE C 289 -4.92 -35.47 8.97
CA ILE C 289 -5.25 -36.51 8.00
C ILE C 289 -5.25 -36.00 6.58
N GLY C 290 -5.32 -34.68 6.37
CA GLY C 290 -5.20 -34.11 5.04
C GLY C 290 -5.79 -32.70 4.99
N LEU C 291 -6.20 -32.33 3.77
CA LEU C 291 -6.72 -31.00 3.51
C LEU C 291 -7.88 -31.13 2.53
N ASP C 292 -8.79 -30.14 2.58
CA ASP C 292 -9.97 -30.05 1.71
C ASP C 292 -9.96 -28.70 0.99
N SER C 293 -10.96 -28.54 0.07
CA SER C 293 -10.94 -27.77 -1.17
C SER C 293 -11.21 -26.31 -0.79
N PRO C 294 -11.96 -25.36 -1.54
CA PRO C 294 -12.16 -24.07 -0.92
C PRO C 294 -12.68 -24.26 0.49
N SER C 295 -12.00 -23.65 1.45
CA SER C 295 -12.56 -23.64 2.77
C SER C 295 -13.93 -23.01 2.70
N ARG C 296 -14.74 -23.29 3.71
CA ARG C 296 -15.98 -22.54 3.93
C ARG C 296 -15.77 -21.43 4.97
N SER C 297 -14.60 -20.79 4.97
CA SER C 297 -14.26 -19.73 5.94
C SER C 297 -13.64 -18.51 5.24
N GLU C 298 -14.17 -18.16 4.07
CA GLU C 298 -13.72 -16.99 3.30
C GLU C 298 -14.73 -15.87 3.44
N PHE C 299 -14.84 -15.32 4.63
CA PHE C 299 -15.65 -14.13 4.83
C PHE C 299 -14.78 -12.98 5.32
N GLU C 300 -15.42 -11.83 5.58
CA GLU C 300 -14.65 -10.61 5.77
C GLU C 300 -13.99 -10.56 7.13
N ALA C 301 -14.65 -11.14 8.14
CA ALA C 301 -14.04 -11.25 9.47
C ALA C 301 -12.74 -12.04 9.39
N THR C 302 -12.69 -13.05 8.54
CA THR C 302 -11.41 -13.71 8.41
C THR C 302 -10.54 -13.03 7.37
N LEU C 303 -11.11 -12.67 6.22
CA LEU C 303 -10.27 -12.25 5.09
C LEU C 303 -9.61 -10.91 5.37
N LYS C 304 -10.37 -9.94 5.85
CA LYS C 304 -9.81 -8.60 6.00
C LYS C 304 -8.67 -8.56 7.01
N PRO C 305 -8.80 -9.07 8.25
CA PRO C 305 -7.63 -9.06 9.14
C PRO C 305 -6.47 -9.87 8.60
N ALA C 306 -6.72 -10.89 7.77
CA ALA C 306 -5.60 -11.64 7.21
C ALA C 306 -4.89 -10.85 6.13
N GLU C 307 -5.67 -10.14 5.29
CA GLU C 307 -5.08 -9.20 4.34
C GLU C 307 -4.22 -8.17 5.08
N GLU C 308 -4.78 -7.53 6.10
CA GLU C 308 -4.02 -6.56 6.86
C GLU C 308 -2.70 -7.16 7.32
N PHE C 309 -2.75 -8.36 7.92
CA PHE C 309 -1.53 -8.94 8.48
C PHE C 309 -0.53 -9.31 7.38
N ILE C 310 -0.98 -10.05 6.37
CA ILE C 310 -0.08 -10.45 5.30
C ILE C 310 0.56 -9.23 4.66
N GLU C 311 -0.20 -8.15 4.54
CA GLU C 311 0.34 -6.92 3.96
C GLU C 311 1.52 -6.38 4.77
N MET C 312 1.41 -6.42 6.09
CA MET C 312 2.50 -5.89 6.88
C MET C 312 3.74 -6.77 6.77
N ILE C 313 3.57 -8.10 6.59
CA ILE C 313 4.77 -8.92 6.40
C ILE C 313 5.35 -8.69 5.01
N ARG C 314 4.55 -8.25 4.04
CA ARG C 314 5.17 -7.80 2.80
C ARG C 314 6.00 -6.54 3.04
N THR C 315 5.54 -5.67 3.95
CA THR C 315 6.27 -4.46 4.31
C THR C 315 7.56 -4.77 5.03
N ILE C 316 7.54 -5.65 6.02
CA ILE C 316 8.79 -6.00 6.67
C ILE C 316 9.73 -6.72 5.71
N GLY C 317 9.18 -7.30 4.65
CA GLY C 317 9.99 -7.60 3.49
C GLY C 317 10.02 -9.02 2.97
N TYR C 318 9.17 -9.90 3.48
CA TYR C 318 9.22 -11.27 2.99
C TYR C 318 8.68 -11.33 1.56
N ARG C 319 9.31 -12.18 0.73
CA ARG C 319 9.01 -12.33 -0.69
C ARG C 319 8.93 -13.83 -0.99
N GLY C 320 7.76 -14.30 -1.36
CA GLY C 320 7.54 -15.72 -1.49
C GLY C 320 6.19 -16.11 -0.94
N TYR C 321 6.02 -17.42 -0.73
CA TYR C 321 4.75 -17.98 -0.26
C TYR C 321 4.64 -17.85 1.24
N VAL C 322 3.43 -17.55 1.70
CA VAL C 322 3.16 -17.47 3.12
C VAL C 322 1.73 -17.90 3.35
N ASN C 323 1.45 -18.36 4.57
CA ASN C 323 0.09 -18.66 4.96
C ASN C 323 -0.13 -18.30 6.43
N ILE C 324 -1.40 -18.07 6.76
CA ILE C 324 -1.81 -17.71 8.11
C ILE C 324 -2.87 -18.72 8.52
N ASP C 325 -2.63 -19.38 9.65
CA ASP C 325 -3.59 -20.37 10.14
C ASP C 325 -4.64 -19.68 11.02
N GLY C 326 -5.79 -20.33 11.19
CA GLY C 326 -6.81 -19.74 12.06
C GLY C 326 -8.06 -20.58 12.18
N ILE C 327 -8.91 -20.16 13.11
CA ILE C 327 -10.14 -20.85 13.47
C ILE C 327 -11.33 -19.90 13.45
N VAL C 328 -12.52 -20.46 13.21
CA VAL C 328 -13.79 -19.75 13.34
C VAL C 328 -14.62 -20.48 14.41
N LEU C 329 -14.98 -19.76 15.48
CA LEU C 329 -15.66 -20.36 16.63
C LEU C 329 -17.16 -20.59 16.36
N ASP C 330 -17.87 -21.10 17.38
CA ASP C 330 -19.34 -21.25 17.29
C ASP C 330 -20.05 -19.93 17.48
N ASP C 331 -19.70 -19.21 18.54
CA ASP C 331 -20.28 -17.90 18.77
C ASP C 331 -20.04 -16.95 17.61
N GLY C 332 -19.19 -17.35 16.65
CA GLY C 332 -18.93 -16.60 15.44
C GLY C 332 -17.54 -16.01 15.38
N ARG C 333 -16.76 -16.17 16.45
CA ARG C 333 -15.48 -15.50 16.57
C ARG C 333 -14.44 -16.15 15.68
N VAL C 334 -13.35 -15.42 15.50
CA VAL C 334 -12.25 -15.80 14.63
C VAL C 334 -10.96 -15.65 15.40
N PHE C 335 -10.05 -16.60 15.23
CA PHE C 335 -8.71 -16.46 15.77
C PHE C 335 -7.73 -16.98 14.75
N PHE C 336 -6.58 -16.31 14.63
CA PHE C 336 -5.46 -16.77 13.82
C PHE C 336 -4.32 -17.17 14.73
N HIS C 337 -3.56 -18.19 14.30
CA HIS C 337 -2.55 -18.82 15.15
C HIS C 337 -1.11 -18.54 14.76
N GLU C 338 -0.76 -18.67 13.48
CA GLU C 338 0.63 -18.50 13.08
C GLU C 338 0.66 -18.02 11.64
N ILE C 339 1.83 -17.58 11.23
CA ILE C 339 2.16 -17.56 9.82
C ILE C 339 3.29 -18.55 9.64
N ASN C 340 3.33 -19.17 8.46
CA ASN C 340 4.44 -20.01 8.03
C ASN C 340 5.05 -19.38 6.78
N ALA C 341 6.32 -19.01 6.85
CA ALA C 341 6.97 -18.35 5.72
C ALA C 341 7.70 -19.38 4.87
N ARG C 342 6.91 -20.13 4.10
CA ARG C 342 7.39 -21.30 3.35
C ARG C 342 6.23 -21.91 2.59
N TRP C 343 6.50 -22.91 1.77
CA TRP C 343 5.42 -23.63 1.11
C TRP C 343 4.43 -24.10 2.14
N SER C 344 3.14 -23.99 1.83
CA SER C 344 2.20 -24.70 2.67
C SER C 344 2.16 -26.18 2.25
N GLY C 345 1.53 -27.00 3.09
CA GLY C 345 1.27 -28.40 2.74
C GLY C 345 0.31 -28.57 1.56
N GLY C 346 -0.47 -27.54 1.25
CA GLY C 346 -1.46 -27.67 0.20
C GLY C 346 -1.12 -26.85 -1.01
N LEU C 347 0.02 -26.17 -0.94
CA LEU C 347 0.47 -25.39 -2.08
C LEU C 347 0.50 -26.25 -3.33
N ILE C 348 1.12 -27.42 -3.24
CA ILE C 348 1.05 -28.30 -4.40
C ILE C 348 -0.37 -28.71 -4.67
N TYR C 349 -1.21 -28.81 -3.63
CA TYR C 349 -2.60 -29.15 -3.89
C TYR C 349 -3.17 -28.10 -4.83
N HIS C 350 -2.88 -26.84 -4.50
CA HIS C 350 -3.33 -25.73 -5.32
C HIS C 350 -2.73 -25.78 -6.72
N THR C 351 -1.43 -26.05 -6.80
CA THR C 351 -0.73 -26.04 -8.09
C THR C 351 -1.27 -27.11 -9.04
N VAL C 352 -1.35 -28.37 -8.59
CA VAL C 352 -1.92 -29.43 -9.42
C VAL C 352 -3.30 -29.03 -9.95
N ALA C 353 -4.12 -28.42 -9.07
CA ALA C 353 -5.46 -27.98 -9.46
C ALA C 353 -5.43 -26.98 -10.62
N GLU C 354 -4.59 -25.93 -10.51
CA GLU C 354 -4.43 -24.94 -11.58
C GLU C 354 -4.03 -25.61 -12.88
N ARG C 355 -3.13 -26.57 -12.81
CA ARG C 355 -2.59 -27.14 -14.02
C ARG C 355 -3.59 -28.10 -14.65
N LEU C 356 -4.38 -28.78 -13.83
CA LEU C 356 -5.34 -29.74 -14.34
C LEU C 356 -6.68 -29.09 -14.62
N LEU C 357 -7.20 -28.33 -13.67
CA LEU C 357 -8.55 -27.81 -13.78
C LEU C 357 -8.60 -26.35 -14.22
N GLY C 358 -7.44 -25.72 -14.45
CA GLY C 358 -7.38 -24.34 -14.89
C GLY C 358 -7.40 -23.35 -13.74
N HIS C 359 -7.11 -22.09 -14.09
CA HIS C 359 -7.14 -21.00 -13.12
C HIS C 359 -8.54 -20.78 -12.58
N ASP C 360 -8.63 -20.23 -11.37
CA ASP C 360 -9.91 -20.03 -10.70
C ASP C 360 -10.75 -21.30 -10.74
N TYR C 361 -10.08 -22.46 -10.65
CA TYR C 361 -10.75 -23.75 -10.61
C TYR C 361 -11.77 -23.83 -9.49
N ALA C 362 -11.54 -23.07 -8.41
CA ALA C 362 -12.38 -23.12 -7.23
C ALA C 362 -13.77 -22.61 -7.50
N ARG C 363 -13.99 -21.99 -8.64
CA ARG C 363 -15.34 -21.74 -9.11
C ARG C 363 -16.19 -22.99 -8.97
N ASN C 364 -15.88 -24.03 -9.75
CA ASN C 364 -16.79 -25.16 -9.81
C ASN C 364 -16.10 -26.49 -9.52
N ASN C 365 -15.01 -26.46 -8.76
CA ASN C 365 -14.28 -27.68 -8.48
C ASN C 365 -13.91 -27.78 -7.01
N PHE C 366 -13.92 -29.01 -6.50
CA PHE C 366 -13.43 -29.35 -5.18
C PHE C 366 -12.31 -30.37 -5.26
N PHE C 367 -11.41 -30.34 -4.25
CA PHE C 367 -10.40 -31.37 -4.03
C PHE C 367 -10.24 -31.67 -2.54
N SER C 368 -9.45 -32.71 -2.28
CA SER C 368 -9.20 -33.20 -0.92
C SER C 368 -8.15 -34.30 -1.00
N SER C 369 -7.49 -34.54 0.14
CA SER C 369 -6.29 -35.36 0.21
C SER C 369 -6.44 -36.50 1.20
N ILE C 370 -5.94 -37.65 0.82
CA ILE C 370 -5.79 -38.80 1.71
C ILE C 370 -4.30 -38.93 1.99
N LEU C 371 -3.93 -38.90 3.26
CA LEU C 371 -2.55 -39.15 3.68
C LEU C 371 -2.28 -40.59 4.07
N ASN C 372 -3.31 -41.35 4.47
CA ASN C 372 -3.12 -42.66 5.06
C ASN C 372 -3.52 -43.80 4.13
N VAL C 373 -3.39 -43.63 2.82
CA VAL C 373 -3.60 -44.79 1.97
C VAL C 373 -2.50 -45.80 2.27
N VAL C 374 -2.85 -47.08 2.25
CA VAL C 374 -1.86 -48.14 2.45
C VAL C 374 -0.79 -48.01 1.37
N PRO C 375 0.47 -47.89 1.77
CA PRO C 375 1.55 -47.71 0.79
C PRO C 375 1.60 -48.85 -0.21
N ALA C 376 2.13 -48.55 -1.38
CA ALA C 376 2.20 -49.54 -2.44
C ALA C 376 2.94 -48.90 -3.60
N GLY C 377 3.39 -49.75 -4.52
CA GLY C 377 4.02 -49.26 -5.72
C GLY C 377 3.06 -48.41 -6.52
N LEU C 378 3.61 -47.78 -7.57
CA LEU C 378 2.80 -46.95 -8.44
C LEU C 378 1.79 -47.80 -9.22
N ALA C 379 2.19 -49.01 -9.63
CA ALA C 379 1.30 -49.92 -10.35
C ALA C 379 0.09 -50.30 -9.52
N ASP C 380 0.34 -50.83 -8.31
CA ASP C 380 -0.76 -51.29 -7.45
C ASP C 380 -1.65 -50.13 -7.04
N LEU C 381 -1.08 -48.95 -6.91
CA LEU C 381 -1.85 -47.78 -6.50
C LEU C 381 -2.77 -47.32 -7.62
N LEU C 382 -2.19 -47.09 -8.80
CA LEU C 382 -3.01 -46.72 -9.94
C LEU C 382 -4.01 -47.82 -10.24
N ARG C 383 -3.62 -49.07 -10.07
CA ARG C 383 -4.53 -50.15 -10.39
C ARG C 383 -5.76 -50.10 -9.49
N SER C 384 -5.53 -49.88 -8.19
CA SER C 384 -6.64 -49.81 -7.23
C SER C 384 -7.57 -48.65 -7.54
N LEU C 385 -7.01 -47.48 -7.88
CA LEU C 385 -7.86 -46.39 -8.32
C LEU C 385 -8.69 -46.82 -9.51
N GLU C 386 -8.04 -47.42 -10.50
CA GLU C 386 -8.77 -48.02 -11.60
C GLU C 386 -9.80 -48.99 -11.07
N ARG C 387 -9.41 -49.82 -10.10
CA ARG C 387 -10.36 -50.74 -9.50
C ARG C 387 -11.56 -49.99 -8.91
N ALA C 388 -11.34 -48.82 -8.33
CA ALA C 388 -12.42 -48.12 -7.65
C ALA C 388 -13.25 -47.24 -8.58
N GLY C 389 -12.81 -47.04 -9.84
CA GLY C 389 -13.50 -46.12 -10.73
C GLY C 389 -13.24 -44.66 -10.47
N VAL C 390 -12.12 -44.32 -9.83
CA VAL C 390 -11.86 -42.96 -9.38
C VAL C 390 -10.50 -42.48 -9.88
N ARG C 391 -9.92 -43.17 -10.85
CA ARG C 391 -8.66 -42.69 -11.42
C ARG C 391 -8.91 -41.41 -12.20
N TYR C 392 -7.99 -40.45 -12.08
CA TYR C 392 -8.21 -39.14 -12.66
C TYR C 392 -8.38 -39.20 -14.18
N ASP C 393 -9.47 -38.61 -14.68
CA ASP C 393 -9.71 -38.53 -16.12
C ASP C 393 -9.72 -37.08 -16.57
N LYS C 394 -8.80 -36.76 -17.47
CA LYS C 394 -8.78 -35.42 -18.07
C LYS C 394 -10.09 -35.09 -18.77
N ASP C 395 -10.83 -36.11 -19.23
CA ASP C 395 -12.06 -35.86 -19.96
C ASP C 395 -13.16 -35.29 -19.07
N SER C 396 -13.03 -35.40 -17.76
CA SER C 396 -14.06 -34.89 -16.86
C SER C 396 -13.50 -34.00 -15.77
N GLY C 397 -12.20 -34.02 -15.55
CA GLY C 397 -11.61 -33.29 -14.43
C GLY C 397 -12.02 -33.85 -13.09
N GLU C 398 -12.23 -35.17 -13.01
CA GLU C 398 -12.65 -35.82 -11.79
C GLU C 398 -11.79 -37.06 -11.59
N GLY C 399 -11.55 -37.39 -10.32
CA GLY C 399 -10.65 -38.47 -10.00
C GLY C 399 -9.48 -38.15 -9.09
N ALA C 400 -8.47 -39.01 -9.13
CA ALA C 400 -7.38 -38.94 -8.18
C ALA C 400 -6.06 -39.21 -8.88
N VAL C 401 -5.00 -38.74 -8.23
CA VAL C 401 -3.64 -38.82 -8.73
C VAL C 401 -2.76 -39.10 -7.51
N VAL C 402 -1.53 -39.51 -7.74
CA VAL C 402 -0.66 -39.97 -6.67
C VAL C 402 0.40 -38.91 -6.42
N LEU C 403 0.57 -38.54 -5.14
CA LEU C 403 1.60 -37.63 -4.66
C LEU C 403 2.68 -38.33 -3.85
N GLY C 404 2.54 -39.63 -3.62
CA GLY C 404 3.54 -40.34 -2.85
C GLY C 404 3.09 -41.77 -2.65
N CYS C 405 3.97 -42.71 -2.98
CA CYS C 405 3.64 -44.13 -2.89
C CYS C 405 3.82 -44.67 -1.49
N ASN C 406 4.60 -43.95 -0.67
CA ASN C 406 5.11 -44.40 0.61
C ASN C 406 5.74 -43.22 1.33
N SER C 407 4.90 -42.29 1.79
CA SER C 407 5.39 -41.02 2.27
C SER C 407 5.30 -40.90 3.80
N ASP C 408 6.18 -40.09 4.35
CA ASP C 408 6.15 -39.82 5.79
C ASP C 408 4.97 -38.94 6.19
N LEU C 409 4.42 -38.17 5.25
CA LEU C 409 3.23 -37.35 5.50
C LEU C 409 2.06 -38.20 5.98
N GLY C 410 1.68 -38.06 7.24
CA GLY C 410 0.74 -39.00 7.83
C GLY C 410 1.30 -40.41 7.85
N PRO C 411 0.45 -41.36 7.67
CA PRO C 411 0.98 -42.71 7.54
C PRO C 411 1.80 -42.85 6.26
N GLY C 412 1.17 -42.80 5.10
CA GLY C 412 1.82 -43.47 3.99
C GLY C 412 1.50 -42.96 2.61
N ALA C 413 0.70 -43.68 1.83
CA ALA C 413 0.44 -43.25 0.47
C ALA C 413 -0.45 -42.01 0.48
N GLU C 414 -0.09 -41.02 -0.35
CA GLU C 414 -0.75 -39.72 -0.39
C GLU C 414 -1.43 -39.55 -1.75
N LEU C 415 -2.68 -39.14 -1.72
CA LEU C 415 -3.44 -38.98 -2.96
C LEU C 415 -4.25 -37.70 -2.87
N LEU C 416 -4.48 -37.11 -4.04
CA LEU C 416 -5.33 -35.94 -4.23
C LEU C 416 -6.53 -36.32 -5.09
N VAL C 417 -7.72 -35.86 -4.72
CA VAL C 417 -8.95 -36.23 -5.43
C VAL C 417 -9.69 -34.98 -5.87
N PHE C 418 -10.14 -34.97 -7.11
CA PHE C 418 -10.88 -33.86 -7.70
C PHE C 418 -12.29 -34.29 -8.07
N SER C 419 -13.19 -33.31 -8.11
CA SER C 419 -14.58 -33.51 -8.51
C SER C 419 -15.34 -32.18 -8.61
N LYS C 420 -16.24 -32.05 -9.58
CA LYS C 420 -17.09 -30.87 -9.64
C LYS C 420 -18.30 -31.00 -8.74
N ASP C 421 -18.28 -31.94 -7.78
CA ASP C 421 -19.38 -32.21 -6.86
C ASP C 421 -18.85 -32.84 -5.58
N TRP C 422 -19.02 -32.12 -4.45
CA TRP C 422 -18.36 -32.48 -3.20
C TRP C 422 -18.74 -33.87 -2.73
N ASP C 423 -20.02 -34.21 -2.86
CA ASP C 423 -20.47 -35.52 -2.42
C ASP C 423 -19.87 -36.62 -3.28
N ARG C 424 -19.81 -36.42 -4.60
CA ARG C 424 -19.07 -37.35 -5.44
C ARG C 424 -17.67 -37.52 -4.91
N LEU C 425 -17.01 -36.41 -4.56
CA LEU C 425 -15.68 -36.49 -3.98
C LEU C 425 -15.67 -37.38 -2.76
N THR C 426 -16.61 -37.13 -1.84
CA THR C 426 -16.75 -37.96 -0.65
C THR C 426 -16.86 -39.44 -0.99
N ALA C 427 -17.81 -39.79 -1.86
CA ALA C 427 -17.98 -41.19 -2.24
C ALA C 427 -16.71 -41.73 -2.89
N MET C 428 -16.04 -40.88 -3.67
CA MET C 428 -14.80 -41.29 -4.31
C MET C 428 -13.77 -41.65 -3.25
N LYS C 429 -13.59 -40.74 -2.28
CA LYS C 429 -12.61 -40.96 -1.22
C LYS C 429 -12.74 -42.36 -0.67
N ASP C 430 -13.92 -42.73 -0.18
CA ASP C 430 -13.94 -44.03 0.48
C ASP C 430 -14.01 -45.20 -0.48
N GLU C 431 -14.33 -45.00 -1.76
CA GLU C 431 -14.05 -46.11 -2.67
C GLU C 431 -12.55 -46.36 -2.74
N ILE C 432 -11.74 -45.34 -2.45
CA ILE C 432 -10.31 -45.54 -2.31
C ILE C 432 -10.02 -46.29 -1.02
N ALA C 433 -10.64 -45.85 0.08
CA ALA C 433 -10.56 -46.61 1.31
C ALA C 433 -11.04 -48.04 1.09
N THR C 434 -12.13 -48.20 0.35
CA THR C 434 -12.63 -49.53 0.08
C THR C 434 -11.59 -50.33 -0.68
N THR C 435 -10.98 -49.71 -1.68
CA THR C 435 -10.23 -50.47 -2.66
C THR C 435 -8.72 -50.37 -2.44
N ALA C 436 -8.22 -49.20 -2.03
CA ALA C 436 -6.80 -49.10 -1.73
C ALA C 436 -6.52 -49.43 -0.27
N GLY C 437 -7.51 -49.23 0.60
CA GLY C 437 -7.34 -49.53 2.00
C GLY C 437 -6.43 -48.51 2.66
N THR C 438 -6.83 -48.02 3.82
CA THR C 438 -6.10 -46.98 4.52
C THR C 438 -5.28 -47.55 5.66
N LEU C 439 -4.41 -46.71 6.22
CA LEU C 439 -3.54 -47.07 7.34
C LEU C 439 -4.01 -46.42 8.63
N SER C 440 -5.26 -46.69 9.04
CA SER C 440 -5.81 -46.06 10.25
C SER C 440 -5.28 -46.76 11.48
N SER D 30 25.96 5.85 46.19
CA SER D 30 25.85 7.25 46.57
C SER D 30 25.61 8.06 45.30
N THR D 31 24.99 7.41 44.34
CA THR D 31 24.88 7.92 42.99
C THR D 31 23.50 8.53 42.78
N ASP D 32 23.46 9.57 41.93
CA ASP D 32 22.18 10.21 41.57
C ASP D 32 21.98 10.26 40.07
N THR D 33 22.45 9.26 39.35
CA THR D 33 21.94 9.06 38.00
C THR D 33 20.43 8.89 38.11
N THR D 34 19.73 9.06 37.00
CA THR D 34 18.27 8.99 37.00
C THR D 34 17.62 10.14 37.81
N ALA D 35 18.41 10.97 38.51
CA ALA D 35 17.84 12.21 39.02
C ALA D 35 17.57 13.19 37.89
N ARG D 36 18.31 13.07 36.79
CA ARG D 36 18.04 13.88 35.63
C ARG D 36 16.57 13.89 35.25
N PHE D 37 15.85 12.81 35.51
CA PHE D 37 14.48 12.75 34.99
C PHE D 37 13.49 13.56 35.81
N LEU D 38 13.92 14.15 36.93
CA LEU D 38 13.05 15.11 37.60
C LEU D 38 12.62 16.22 36.64
N TRP D 39 13.40 16.50 35.60
CA TRP D 39 13.03 17.58 34.70
C TRP D 39 11.79 17.28 33.88
N HIS D 40 11.22 16.09 34.04
CA HIS D 40 9.98 15.70 33.40
C HIS D 40 8.77 16.12 34.19
N ALA D 41 8.96 16.42 35.46
CA ALA D 41 7.87 16.54 36.41
C ALA D 41 6.92 17.67 36.06
N GLU D 42 5.72 17.56 36.61
CA GLU D 42 4.72 18.60 36.64
C GLU D 42 4.08 18.56 38.03
N ASP D 43 3.06 19.39 38.24
CA ASP D 43 2.40 19.47 39.54
C ASP D 43 1.80 18.12 39.95
N GLY D 44 2.21 17.62 41.10
CA GLY D 44 1.64 16.40 41.64
C GLY D 44 2.25 15.11 41.14
N ASP D 45 3.23 15.19 40.22
CA ASP D 45 3.84 13.99 39.66
C ASP D 45 4.65 13.23 40.73
N VAL D 46 5.04 12.01 40.37
CA VAL D 46 5.91 11.19 41.19
C VAL D 46 7.11 10.74 40.36
N LEU D 47 8.29 10.74 40.97
CA LEU D 47 9.48 10.16 40.39
C LEU D 47 9.93 8.98 41.23
N VAL D 48 10.25 7.87 40.57
CA VAL D 48 10.87 6.72 41.20
C VAL D 48 12.33 6.67 40.78
N ILE D 49 13.21 6.43 41.74
CA ILE D 49 14.64 6.37 41.48
C ILE D 49 15.25 5.19 42.23
N PRO D 50 16.10 4.40 41.60
CA PRO D 50 16.87 3.42 42.36
C PRO D 50 17.90 4.06 43.26
N ASP D 51 18.14 5.37 43.11
CA ASP D 51 19.35 6.03 43.53
C ASP D 51 19.13 6.86 44.79
N THR D 52 20.00 7.85 44.98
CA THR D 52 19.89 8.90 45.97
C THR D 52 19.85 10.24 45.24
N VAL D 53 19.31 11.26 45.88
CA VAL D 53 19.12 12.55 45.23
C VAL D 53 19.61 13.65 46.15
N ASP D 54 20.46 14.53 45.63
CA ASP D 54 20.98 15.65 46.41
C ASP D 54 19.82 16.37 47.08
N PRO D 55 19.92 16.71 48.36
CA PRO D 55 18.74 17.19 49.11
C PRO D 55 18.08 18.42 48.53
N ASP D 56 18.78 19.17 47.68
CA ASP D 56 18.26 20.43 47.18
C ASP D 56 17.77 20.37 45.73
N PHE D 57 18.16 19.33 45.00
CA PHE D 57 17.86 19.23 43.57
C PHE D 57 16.39 19.35 43.20
N PRO D 58 15.44 18.76 43.94
CA PRO D 58 14.02 18.95 43.56
C PRO D 58 13.55 20.38 43.67
N GLY D 59 13.81 21.01 44.82
CA GLY D 59 13.49 22.42 44.94
C GLY D 59 14.04 23.24 43.80
N TYR D 60 15.34 23.10 43.54
CA TYR D 60 15.99 23.84 42.47
C TYR D 60 15.44 23.51 41.10
N VAL D 61 15.12 22.23 40.86
CA VAL D 61 14.57 21.85 39.56
C VAL D 61 13.18 22.45 39.38
N ALA D 62 12.42 22.52 40.46
CA ALA D 62 11.09 23.15 40.44
C ALA D 62 11.18 24.63 40.08
N ASP D 63 12.02 25.39 40.78
CA ASP D 63 12.12 26.83 40.55
C ASP D 63 12.47 27.13 39.10
N THR D 64 13.63 26.60 38.65
CA THR D 64 14.03 26.77 37.26
C THR D 64 12.87 26.48 36.32
N LEU D 65 12.08 25.45 36.65
CA LEU D 65 11.06 24.93 35.76
C LEU D 65 9.77 25.74 35.85
N GLY D 66 9.43 26.18 37.06
CA GLY D 66 8.29 27.02 37.29
C GLY D 66 7.11 26.38 38.00
N ILE D 67 7.30 25.25 38.67
CA ILE D 67 6.20 24.40 39.12
C ILE D 67 6.22 24.27 40.64
N ASP D 68 5.16 23.67 41.18
CA ASP D 68 4.92 23.64 42.62
C ASP D 68 5.66 22.45 43.23
N GLY D 69 6.86 22.70 43.75
CA GLY D 69 7.67 21.62 44.28
C GLY D 69 6.98 20.83 45.37
N THR D 70 6.19 21.50 46.21
CA THR D 70 5.53 20.80 47.31
C THR D 70 4.47 19.81 46.84
N SER D 71 4.07 19.88 45.56
CA SER D 71 3.12 18.93 44.98
C SER D 71 3.79 17.68 44.46
N VAL D 72 5.03 17.80 44.01
CA VAL D 72 5.74 16.69 43.40
C VAL D 72 6.28 15.79 44.49
N HIS D 73 6.05 14.49 44.36
CA HIS D 73 6.56 13.51 45.31
C HIS D 73 7.62 12.64 44.65
N VAL D 74 8.47 12.04 45.47
CA VAL D 74 9.52 11.17 44.96
C VAL D 74 9.70 10.02 45.94
N GLU D 75 9.53 8.80 45.46
CA GLU D 75 9.65 7.60 46.25
C GLU D 75 10.92 6.88 45.79
N ARG D 76 11.92 6.83 46.67
CA ARG D 76 13.12 6.08 46.36
C ARG D 76 12.91 4.60 46.64
N THR D 77 13.67 3.77 45.92
CA THR D 77 13.82 2.35 46.23
C THR D 77 15.30 2.03 46.36
N GLN D 78 15.65 1.14 47.29
CA GLN D 78 17.06 0.80 47.46
C GLN D 78 17.56 -0.15 46.38
N THR D 79 16.65 -0.87 45.71
CA THR D 79 17.02 -1.81 44.66
C THR D 79 16.68 -1.24 43.28
N PRO D 80 17.26 -1.78 42.21
CA PRO D 80 16.92 -1.32 40.86
C PRO D 80 15.47 -1.64 40.48
N LEU D 81 14.92 -0.80 39.61
CA LEU D 81 13.53 -0.95 39.16
C LEU D 81 13.45 -2.18 38.25
N SER D 82 13.29 -3.36 38.86
CA SER D 82 13.16 -4.59 38.09
C SER D 82 11.70 -4.97 37.89
N GLU D 83 11.47 -5.84 36.90
CA GLU D 83 10.14 -6.40 36.73
C GLU D 83 9.64 -6.97 38.03
N ALA D 84 10.53 -7.61 38.79
CA ALA D 84 10.18 -8.05 40.14
C ALA D 84 9.66 -6.88 40.96
N VAL D 85 10.37 -5.75 40.90
CA VAL D 85 9.96 -4.58 41.66
C VAL D 85 8.59 -4.11 41.16
N LEU D 86 8.40 -4.09 39.83
CA LEU D 86 7.10 -3.66 39.32
C LEU D 86 6.02 -4.68 39.59
N GLN D 87 6.40 -5.90 39.96
CA GLN D 87 5.43 -6.93 40.34
C GLN D 87 5.30 -7.09 41.85
N ASP D 88 6.25 -6.57 42.63
CA ASP D 88 6.13 -6.60 44.08
C ASP D 88 4.92 -5.77 44.50
N PRO D 89 3.92 -6.38 45.13
CA PRO D 89 2.76 -5.60 45.59
C PRO D 89 3.08 -4.65 46.74
N GLU D 90 4.14 -4.95 47.50
CA GLU D 90 4.64 -3.95 48.44
C GLU D 90 5.02 -2.68 47.71
N PHE D 91 5.68 -2.83 46.57
CA PHE D 91 5.93 -1.69 45.70
C PHE D 91 4.62 -1.15 45.13
N ILE D 92 3.81 -2.04 44.53
CA ILE D 92 2.59 -1.62 43.84
C ILE D 92 1.66 -0.86 44.77
N ASP D 93 1.67 -1.18 46.06
CA ASP D 93 0.82 -0.40 46.96
C ASP D 93 1.37 1.01 47.19
N ARG D 94 2.70 1.19 47.18
CA ARG D 94 3.27 2.53 47.33
C ARG D 94 2.68 3.49 46.32
N LEU D 95 2.89 3.18 45.04
CA LEU D 95 2.32 3.99 43.98
C LEU D 95 0.83 4.18 44.18
N ALA D 96 0.11 3.09 44.44
CA ALA D 96 -1.34 3.13 44.55
C ALA D 96 -1.80 4.25 45.46
N ALA D 97 -0.94 4.66 46.40
CA ALA D 97 -1.30 5.70 47.36
C ALA D 97 -1.71 6.99 46.67
N HIS D 98 -0.78 7.59 45.91
CA HIS D 98 -1.10 8.84 45.24
C HIS D 98 -2.25 8.66 44.26
N THR D 99 -2.26 7.53 43.53
CA THR D 99 -3.19 7.40 42.42
C THR D 99 -4.63 7.33 42.89
N GLY D 100 -4.89 6.59 43.97
CA GLY D 100 -6.22 6.53 44.54
C GLY D 100 -7.13 5.66 43.70
N THR D 101 -8.22 6.24 43.17
CA THR D 101 -9.01 5.52 42.18
C THR D 101 -8.21 5.28 40.91
N GLY D 102 -7.26 6.18 40.63
CA GLY D 102 -6.46 6.11 39.43
C GLY D 102 -6.96 6.93 38.27
N ALA D 103 -7.83 7.91 38.49
CA ALA D 103 -8.51 8.57 37.39
C ALA D 103 -7.62 9.62 36.71
N GLY D 104 -7.10 10.57 37.48
CA GLY D 104 -6.32 11.63 36.88
C GLY D 104 -4.83 11.32 36.82
N TRP D 105 -4.49 10.06 36.65
CA TRP D 105 -3.11 9.62 36.73
C TRP D 105 -2.75 8.81 35.50
N SER D 106 -1.44 8.71 35.24
CA SER D 106 -0.92 7.80 34.23
C SER D 106 0.49 7.39 34.64
N LEU D 107 1.06 6.46 33.89
CA LEU D 107 2.42 5.98 34.11
C LEU D 107 3.31 6.48 32.99
N PHE D 108 4.59 6.65 33.29
CA PHE D 108 5.53 7.30 32.37
C PHE D 108 6.84 6.54 32.45
N PRO D 109 6.86 5.30 31.97
CA PRO D 109 8.03 4.45 32.14
C PRO D 109 9.02 4.61 30.99
N CYS D 110 10.27 4.38 31.33
CA CYS D 110 11.31 4.43 30.30
C CYS D 110 11.16 3.29 29.31
N VAL D 111 10.81 2.10 29.80
CA VAL D 111 10.70 0.90 28.98
C VAL D 111 9.33 0.28 29.25
N SER D 112 8.58 0.06 28.18
CA SER D 112 7.19 -0.39 28.29
C SER D 112 7.10 -1.91 28.39
N THR D 113 7.81 -2.47 29.37
CA THR D 113 7.83 -3.88 29.60
C THR D 113 6.44 -4.46 29.83
N ARG D 114 6.40 -5.80 29.85
CA ARG D 114 5.16 -6.48 30.20
C ARG D 114 4.74 -6.11 31.62
N ALA D 115 5.71 -6.05 32.55
CA ALA D 115 5.36 -5.65 33.91
C ALA D 115 4.83 -4.21 33.94
N ALA D 116 5.33 -3.37 33.05
CA ALA D 116 4.86 -1.98 32.99
C ALA D 116 3.39 -1.92 32.59
N ALA D 117 3.01 -2.62 31.52
CA ALA D 117 1.61 -2.61 31.12
C ALA D 117 0.73 -3.08 32.27
N GLN D 118 1.12 -4.17 32.93
CA GLN D 118 0.31 -4.71 34.02
C GLN D 118 0.27 -3.76 35.20
N LEU D 119 1.31 -2.94 35.38
CA LEU D 119 1.29 -1.96 36.45
C LEU D 119 0.19 -0.94 36.24
N THR D 120 -0.01 -0.51 34.98
CA THR D 120 -1.11 0.39 34.68
C THR D 120 -2.44 -0.17 35.16
N ARG D 121 -2.67 -1.47 34.90
CA ARG D 121 -3.95 -2.07 35.20
C ARG D 121 -4.11 -2.34 36.70
N LYS D 122 -3.08 -2.86 37.36
CA LYS D 122 -3.17 -3.07 38.81
C LYS D 122 -3.33 -1.77 39.60
N LEU D 123 -3.34 -0.62 38.91
CA LEU D 123 -3.61 0.66 39.55
C LEU D 123 -4.88 1.31 39.05
N ASN D 124 -5.50 0.74 38.00
CA ASN D 124 -6.61 1.36 37.31
C ASN D 124 -6.28 2.81 36.97
N VAL D 125 -5.13 2.99 36.36
CA VAL D 125 -4.61 4.35 36.22
C VAL D 125 -4.93 4.91 34.83
N ALA D 126 -4.17 4.54 33.80
CA ALA D 126 -4.47 4.91 32.43
C ALA D 126 -3.82 3.86 31.55
N ALA D 127 -4.56 3.37 30.56
CA ALA D 127 -4.09 2.23 29.81
C ALA D 127 -2.87 2.61 28.99
N LEU D 128 -1.79 1.87 29.19
CA LEU D 128 -0.60 2.05 28.39
C LEU D 128 -0.93 1.90 26.92
N ASP D 129 -0.53 2.89 26.11
CA ASP D 129 -0.66 2.78 24.66
C ASP D 129 0.26 1.70 24.11
N GLY D 130 -0.29 0.89 23.21
CA GLY D 130 0.39 -0.31 22.77
C GLY D 130 0.32 -1.43 23.79
N TYR D 131 -0.76 -1.47 24.57
CA TYR D 131 -0.87 -2.40 25.68
C TYR D 131 -0.64 -3.84 25.24
N GLU D 132 -1.39 -4.27 24.24
CA GLU D 132 -1.35 -5.67 23.84
C GLU D 132 0.02 -6.04 23.31
N PHE D 133 0.60 -5.20 22.46
CA PHE D 133 1.94 -5.45 21.97
C PHE D 133 2.90 -5.63 23.13
N ALA D 134 2.83 -4.71 24.09
CA ALA D 134 3.75 -4.78 25.22
C ALA D 134 3.51 -6.02 26.04
N MET D 135 2.25 -6.45 26.13
CA MET D 135 1.93 -7.63 26.92
C MET D 135 2.61 -8.87 26.36
N GLN D 136 2.79 -8.95 25.05
CA GLN D 136 3.45 -10.07 24.41
C GLN D 136 4.97 -9.93 24.37
N ASN D 137 5.55 -9.10 25.25
CA ASN D 137 6.99 -8.84 25.26
C ASN D 137 7.48 -8.33 23.90
N GLY D 138 6.72 -7.41 23.30
CA GLY D 138 7.01 -6.97 21.95
C GLY D 138 8.24 -6.08 21.86
N ILE D 139 8.43 -5.20 22.84
CA ILE D 139 9.45 -4.19 22.64
C ILE D 139 10.85 -4.78 22.73
N ASP D 140 10.98 -5.96 23.36
CA ASP D 140 12.25 -6.69 23.38
C ASP D 140 12.47 -7.47 22.11
N LEU D 141 11.42 -7.74 21.34
CA LEU D 141 11.66 -8.15 19.96
C LEU D 141 12.41 -7.05 19.23
N LEU D 142 11.92 -5.82 19.34
CA LEU D 142 12.75 -4.65 19.04
C LEU D 142 13.88 -4.64 20.07
N ASN D 143 14.67 -3.59 20.09
CA ASN D 143 15.78 -3.54 21.02
C ASN D 143 16.69 -4.76 20.89
N MET D 144 16.55 -5.54 19.83
CA MET D 144 17.56 -6.50 19.41
C MET D 144 18.16 -5.98 18.12
N LYS D 145 19.50 -6.04 18.03
CA LYS D 145 20.17 -5.61 16.81
C LYS D 145 19.84 -6.55 15.65
N SER D 146 19.73 -7.85 15.93
CA SER D 146 19.35 -8.78 14.89
C SER D 146 17.98 -8.43 14.34
N THR D 147 17.08 -7.98 15.21
CA THR D 147 15.79 -7.56 14.70
C THR D 147 15.93 -6.39 13.74
N PHE D 148 16.78 -5.43 14.08
CA PHE D 148 16.86 -4.23 13.27
C PHE D 148 17.43 -4.53 11.90
N ARG D 149 18.49 -5.34 11.83
CA ARG D 149 19.07 -5.70 10.53
C ARG D 149 18.10 -6.49 9.68
N ARG D 150 17.37 -7.41 10.28
CA ARG D 150 16.32 -8.12 9.57
C ARG D 150 15.33 -7.13 9.00
N LEU D 151 14.58 -6.46 9.88
CA LEU D 151 13.58 -5.47 9.45
C LEU D 151 14.13 -4.40 8.52
N ALA D 152 15.41 -4.06 8.64
CA ALA D 152 15.91 -3.01 7.77
C ALA D 152 16.34 -3.56 6.42
N ALA D 153 16.79 -4.82 6.38
CA ALA D 153 17.27 -5.37 5.13
C ALA D 153 16.13 -5.61 4.14
N GLY D 154 14.92 -5.90 4.62
CA GLY D 154 13.82 -6.21 3.71
C GLY D 154 12.98 -5.01 3.37
N LEU D 155 12.84 -4.08 4.32
CA LEU D 155 12.21 -2.80 4.02
C LEU D 155 13.07 -2.01 3.05
N GLY D 156 14.39 -2.10 3.21
CA GLY D 156 15.34 -1.44 2.34
C GLY D 156 16.17 -0.38 3.05
N THR D 157 15.87 -0.09 4.30
CA THR D 157 16.66 0.87 5.07
C THR D 157 18.14 0.65 4.80
N PRO D 158 18.91 1.70 4.52
CA PRO D 158 20.34 1.51 4.23
C PRO D 158 21.04 0.93 5.43
N LEU D 159 21.76 -0.18 5.23
CA LEU D 159 22.45 -0.85 6.32
C LEU D 159 23.90 -1.02 5.93
N THR D 160 24.77 -1.02 6.94
CA THR D 160 26.15 -1.41 6.68
C THR D 160 26.20 -2.88 6.34
N ASP D 161 27.23 -3.29 5.62
CA ASP D 161 27.37 -4.70 5.32
C ASP D 161 27.59 -5.45 6.62
N GLY D 162 26.98 -6.63 6.73
CA GLY D 162 27.05 -7.36 7.97
C GLY D 162 26.21 -8.62 8.11
N VAL D 163 26.67 -9.54 8.94
CA VAL D 163 26.02 -10.81 9.14
C VAL D 163 25.28 -10.79 10.48
N VAL D 164 24.08 -11.38 10.49
CA VAL D 164 23.47 -11.78 11.76
C VAL D 164 24.03 -13.16 12.09
N ALA D 165 24.92 -13.24 13.09
CA ALA D 165 25.76 -14.40 13.31
C ALA D 165 25.19 -15.29 14.40
N ARG D 166 25.34 -16.59 14.21
CA ARG D 166 24.63 -17.56 15.02
C ARG D 166 25.58 -18.48 15.78
N GLY D 167 26.88 -18.37 15.58
CA GLY D 167 27.83 -19.20 16.27
C GLY D 167 29.26 -18.80 16.01
N PRO D 168 30.19 -19.50 16.67
CA PRO D 168 31.62 -19.19 16.50
C PRO D 168 32.10 -19.20 15.05
N ALA D 169 31.77 -20.24 14.28
CA ALA D 169 32.29 -20.32 12.91
C ALA D 169 31.68 -19.26 12.01
N GLU D 170 30.40 -18.95 12.20
CA GLU D 170 29.80 -17.88 11.43
C GLU D 170 30.48 -16.55 11.74
N VAL D 171 30.79 -16.34 13.03
CA VAL D 171 31.58 -15.17 13.41
C VAL D 171 32.97 -15.24 12.80
N ARG D 172 33.60 -16.42 12.83
CA ARG D 172 34.91 -16.56 12.21
C ARG D 172 34.86 -16.20 10.74
N SER D 173 33.81 -16.63 10.04
CA SER D 173 33.74 -16.35 8.61
C SER D 173 33.25 -14.94 8.31
N ALA D 174 32.47 -14.35 9.20
CA ALA D 174 31.97 -13.00 8.94
C ALA D 174 33.11 -12.00 8.89
N ILE D 175 34.00 -12.02 9.90
CA ILE D 175 35.10 -11.06 9.94
C ILE D 175 36.13 -11.37 8.84
N GLN D 176 36.33 -12.65 8.53
CA GLN D 176 37.06 -13.08 7.35
C GLN D 176 36.64 -12.20 6.17
N GLU D 177 35.35 -11.89 6.10
CA GLU D 177 34.76 -11.16 5.00
C GLU D 177 34.83 -9.64 5.19
N LEU D 178 34.13 -9.13 6.21
CA LEU D 178 33.87 -7.70 6.35
C LEU D 178 35.12 -6.87 6.61
N ILE D 179 36.20 -7.50 7.07
CA ILE D 179 37.38 -6.74 7.41
C ILE D 179 37.93 -5.99 6.21
N ALA D 180 37.62 -6.45 4.99
CA ALA D 180 38.27 -5.93 3.81
C ALA D 180 37.90 -4.47 3.53
N GLU D 181 36.67 -4.06 3.80
CA GLU D 181 36.26 -2.75 3.28
C GLU D 181 37.00 -1.61 3.96
N THR D 182 36.93 -1.55 5.30
CA THR D 182 37.56 -0.49 6.09
C THR D 182 38.72 -0.97 6.94
N GLY D 183 38.95 -2.28 7.03
CA GLY D 183 39.85 -2.73 8.06
C GLY D 183 39.29 -2.50 9.44
N MET D 184 37.96 -2.33 9.54
CA MET D 184 37.31 -2.09 10.81
C MET D 184 35.99 -2.84 10.86
N VAL D 185 35.85 -3.70 11.86
CA VAL D 185 34.62 -4.46 12.05
C VAL D 185 34.13 -4.19 13.47
N ILE D 186 32.81 -4.28 13.66
CA ILE D 186 32.21 -4.15 14.98
C ILE D 186 31.33 -5.36 15.24
N ALA D 187 31.37 -5.86 16.47
CA ALA D 187 30.61 -7.00 16.91
C ALA D 187 29.78 -6.60 18.12
N LYS D 188 28.51 -7.00 18.13
CA LYS D 188 27.51 -6.33 18.94
C LYS D 188 26.70 -7.34 19.76
N GLN D 189 26.58 -7.09 21.06
CA GLN D 189 25.57 -7.80 21.83
C GLN D 189 24.18 -7.43 21.31
N ASP D 190 23.36 -8.45 21.02
CA ASP D 190 22.04 -8.25 20.42
C ASP D 190 21.14 -7.38 21.30
N ARG D 191 21.11 -7.63 22.59
CA ARG D 191 20.41 -6.78 23.55
C ARG D 191 21.45 -6.05 24.41
N SER D 192 21.56 -4.72 24.21
CA SER D 192 22.48 -3.86 24.96
C SER D 192 22.29 -2.40 24.57
N GLY D 193 23.00 -1.50 25.25
CA GLY D 193 22.90 -0.09 24.93
C GLY D 193 24.20 0.64 25.19
N GLY D 194 24.34 1.76 24.49
CA GLY D 194 25.42 2.71 24.77
C GLY D 194 26.82 2.18 24.59
N GLY D 195 27.02 1.25 23.66
CA GLY D 195 28.35 0.72 23.40
C GLY D 195 28.89 -0.27 24.42
N HIS D 196 28.08 -0.68 25.39
CA HIS D 196 28.60 -1.55 26.44
C HIS D 196 28.67 -3.02 26.01
N GLY D 197 28.15 -3.39 24.83
CA GLY D 197 28.16 -4.78 24.40
C GLY D 197 28.79 -4.93 23.02
N ASN D 198 29.57 -3.92 22.64
CA ASN D 198 30.20 -3.82 21.34
C ASN D 198 31.70 -3.88 21.50
N ILE D 199 32.32 -4.71 20.70
CA ILE D 199 33.77 -4.89 20.70
C ILE D 199 34.23 -4.64 19.28
N GLY D 200 35.33 -3.93 19.13
CA GLY D 200 35.87 -3.59 17.82
C GLY D 200 37.06 -4.45 17.40
N ILE D 201 37.16 -4.71 16.10
CA ILE D 201 38.28 -5.42 15.51
C ILE D 201 38.84 -4.56 14.38
N SER D 202 40.15 -4.34 14.39
CA SER D 202 40.78 -3.44 13.44
C SER D 202 42.11 -3.99 12.96
N THR D 203 42.44 -3.65 11.72
CA THR D 203 43.69 -4.00 11.09
C THR D 203 44.78 -2.98 11.35
N SER D 204 44.62 -2.14 12.37
CA SER D 204 45.57 -1.08 12.60
C SER D 204 45.37 -0.68 14.04
N PRO D 205 46.44 -0.49 14.82
CA PRO D 205 46.27 0.09 16.16
C PRO D 205 46.03 1.60 16.15
N GLU D 206 45.97 2.22 14.97
CA GLU D 206 45.73 3.65 14.88
C GLU D 206 44.24 4.00 14.87
N SER D 207 43.41 3.21 14.19
CA SER D 207 42.00 3.55 14.05
C SER D 207 41.28 3.50 15.40
N SER D 208 40.34 4.43 15.60
CA SER D 208 39.62 4.55 16.86
C SER D 208 38.14 4.24 16.65
N PHE D 209 37.46 3.80 17.72
CA PHE D 209 36.16 3.14 17.63
C PHE D 209 35.16 3.72 18.65
N PRO D 210 34.52 4.84 18.34
CA PRO D 210 33.35 5.26 19.13
C PRO D 210 32.26 4.20 19.11
N GLY D 211 31.51 4.10 20.21
CA GLY D 211 30.46 3.11 20.27
C GLY D 211 30.93 1.72 20.60
N THR D 212 32.21 1.54 20.89
CA THR D 212 32.75 0.29 21.40
C THR D 212 33.18 0.45 22.84
N ARG D 213 33.18 -0.68 23.55
CA ARG D 213 33.81 -0.71 24.87
C ARG D 213 35.27 -1.17 24.80
N GLU D 214 35.64 -1.98 23.81
CA GLU D 214 37.04 -2.33 23.60
C GLU D 214 37.31 -2.65 22.14
N VAL D 215 38.57 -2.67 21.78
CA VAL D 215 38.99 -2.97 20.41
C VAL D 215 40.09 -4.03 20.46
N LEU D 216 39.84 -5.17 19.85
CA LEU D 216 40.87 -6.16 19.65
C LEU D 216 41.55 -5.95 18.30
N ALA D 217 42.69 -6.63 18.12
CA ALA D 217 43.47 -6.58 16.89
C ALA D 217 43.17 -7.80 16.02
N TYR D 218 43.08 -7.59 14.71
CA TYR D 218 42.83 -8.67 13.78
C TYR D 218 44.12 -9.43 13.49
N ALA D 219 44.02 -10.76 13.44
CA ALA D 219 45.12 -11.64 13.05
C ALA D 219 44.52 -12.93 12.51
N ASN D 220 44.94 -13.34 11.31
CA ASN D 220 44.43 -14.59 10.75
C ASN D 220 44.76 -15.77 11.65
N ASP D 221 46.04 -15.95 11.94
CA ASP D 221 46.39 -16.78 13.08
C ASP D 221 45.49 -16.38 14.23
N GLN D 222 44.94 -17.38 14.92
CA GLN D 222 44.03 -17.21 16.05
C GLN D 222 42.73 -16.49 15.68
N LEU D 223 42.42 -16.35 14.39
CA LEU D 223 41.06 -15.95 14.01
C LEU D 223 40.02 -16.81 14.71
N ASP D 224 40.38 -18.05 15.06
CA ASP D 224 39.52 -18.86 15.91
C ASP D 224 39.49 -18.29 17.33
N THR D 225 40.62 -17.76 17.79
CA THR D 225 40.66 -17.23 19.15
C THR D 225 39.70 -16.06 19.31
N LEU D 226 39.67 -15.17 18.33
CA LEU D 226 38.76 -14.02 18.39
C LEU D 226 37.32 -14.48 18.33
N ALA D 227 36.97 -15.19 17.26
CA ALA D 227 35.61 -15.68 17.13
C ALA D 227 35.19 -16.50 18.34
N ASP D 228 36.14 -17.11 19.04
CA ASP D 228 35.80 -17.74 20.30
C ASP D 228 35.65 -16.73 21.43
N THR D 229 36.55 -15.73 21.48
CA THR D 229 36.51 -14.73 22.54
C THR D 229 35.24 -13.89 22.46
N LEU D 230 35.00 -13.30 21.29
CA LEU D 230 33.73 -12.65 20.98
C LEU D 230 32.55 -13.47 21.46
N TRP D 231 32.38 -14.65 20.87
CA TRP D 231 31.19 -15.47 21.10
C TRP D 231 30.99 -15.75 22.58
N SER D 232 32.09 -15.90 23.32
CA SER D 232 32.02 -16.13 24.76
C SER D 232 31.68 -14.85 25.51
N GLN D 233 32.20 -13.71 25.03
CA GLN D 233 31.96 -12.44 25.70
C GLN D 233 30.55 -11.94 25.45
N LEU D 234 30.04 -12.11 24.24
CA LEU D 234 28.85 -11.39 23.79
C LEU D 234 27.65 -12.29 23.57
N THR D 235 27.66 -13.51 24.08
CA THR D 235 26.50 -14.38 24.02
C THR D 235 26.17 -14.93 25.40
N ASP D 236 24.90 -15.22 25.59
CA ASP D 236 24.43 -15.83 26.82
C ASP D 236 23.17 -16.62 26.47
N THR D 237 22.45 -17.05 27.52
CA THR D 237 21.35 -18.00 27.30
C THR D 237 20.25 -17.42 26.44
N GLN D 238 19.72 -16.27 26.85
CA GLN D 238 18.66 -15.61 26.10
C GLN D 238 19.13 -15.22 24.70
N ASN D 239 20.38 -14.78 24.58
CA ASN D 239 20.87 -14.11 23.39
C ASN D 239 21.90 -14.99 22.68
N GLN D 240 21.48 -15.61 21.57
CA GLN D 240 22.31 -16.51 20.78
C GLN D 240 22.58 -15.94 19.38
N PHE D 241 22.55 -14.61 19.24
CA PHE D 241 22.91 -13.91 18.00
C PHE D 241 23.93 -12.82 18.29
N ILE D 242 25.03 -12.81 17.56
CA ILE D 242 25.91 -11.66 17.47
C ILE D 242 25.70 -11.02 16.11
N THR D 243 25.76 -9.70 16.05
CA THR D 243 25.73 -8.98 14.81
C THR D 243 27.15 -8.49 14.48
N VAL D 244 27.67 -8.90 13.31
CA VAL D 244 29.02 -8.53 12.88
C VAL D 244 28.89 -7.67 11.63
N GLU D 245 29.49 -6.47 11.65
CA GLU D 245 29.28 -5.45 10.61
C GLU D 245 30.59 -4.82 10.14
N THR D 246 30.61 -4.34 8.89
CA THR D 246 31.69 -3.43 8.46
C THR D 246 31.63 -2.10 9.23
N TYR D 247 32.63 -1.85 10.07
CA TYR D 247 32.68 -0.59 10.79
C TYR D 247 33.15 0.53 9.88
N HIS D 248 32.61 1.73 10.10
CA HIS D 248 32.88 2.88 9.23
C HIS D 248 33.27 4.09 10.04
N ARG D 249 34.17 4.89 9.46
CA ARG D 249 34.53 6.20 9.98
C ARG D 249 33.69 7.25 9.26
N ALA D 250 32.98 8.07 10.02
CA ALA D 250 31.98 8.94 9.43
C ALA D 250 32.19 10.40 9.82
N ASP D 251 31.77 11.28 8.90
CA ASP D 251 31.69 12.69 9.21
C ASP D 251 30.80 12.93 10.42
N GLN D 252 29.60 12.34 10.43
CA GLN D 252 28.58 12.67 11.42
C GLN D 252 27.96 11.42 12.04
N ARG D 253 27.65 11.50 13.34
CA ARG D 253 26.99 10.43 14.09
C ARG D 253 25.80 11.03 14.82
N PHE D 254 24.59 10.56 14.50
CA PHE D 254 23.36 11.21 14.94
C PHE D 254 22.36 10.18 15.40
N PHE D 255 21.23 10.67 15.90
CA PHE D 255 20.03 9.85 16.08
C PHE D 255 18.80 10.74 16.06
N PHE D 256 17.76 10.26 15.38
CA PHE D 256 16.46 10.90 15.40
C PHE D 256 15.58 10.25 16.47
N GLU D 257 15.03 11.05 17.39
CA GLU D 257 14.06 10.55 18.34
C GLU D 257 12.64 10.86 17.84
N TYR D 258 11.71 9.98 18.17
CA TYR D 258 10.33 10.17 17.79
C TYR D 258 9.42 9.68 18.90
N HIS D 259 8.14 9.98 18.75
CA HIS D 259 7.09 9.53 19.65
C HIS D 259 5.91 9.09 18.79
N LEU D 260 5.27 7.98 19.20
CA LEU D 260 4.34 7.26 18.34
C LEU D 260 3.02 7.03 19.06
N ASP D 261 1.94 7.12 18.29
CA ASP D 261 0.61 6.78 18.80
C ASP D 261 -0.20 6.27 17.61
N GLY D 262 -1.50 6.05 17.84
CA GLY D 262 -2.36 5.36 16.89
C GLY D 262 -2.56 6.07 15.57
N ASP D 263 -2.21 7.35 15.50
CA ASP D 263 -2.32 8.06 14.24
C ASP D 263 -0.96 8.13 13.54
N ARG D 264 -0.03 8.86 14.14
CA ARG D 264 1.22 9.17 13.46
C ARG D 264 2.41 8.85 14.34
N ALA D 265 3.58 8.84 13.70
CA ALA D 265 4.86 9.02 14.36
C ALA D 265 5.23 10.49 14.26
N ARG D 266 5.79 11.04 15.33
CA ARG D 266 6.06 12.47 15.39
C ARG D 266 7.56 12.71 15.64
N PHE D 267 8.18 13.45 14.72
CA PHE D 267 9.54 13.94 14.92
C PHE D 267 9.60 14.85 16.14
N LEU D 268 10.56 14.59 17.01
CA LEU D 268 10.81 15.48 18.14
C LEU D 268 12.14 16.22 18.04
N HIS D 269 13.22 15.54 17.67
CA HIS D 269 14.50 16.22 17.55
C HIS D 269 15.51 15.27 16.91
N SER D 270 16.61 15.85 16.43
CA SER D 270 17.82 15.11 16.09
C SER D 270 18.95 15.58 17.01
N SER D 271 19.92 14.69 17.25
CA SER D 271 21.06 15.10 18.06
C SER D 271 22.33 14.39 17.60
N ILE D 272 23.48 14.96 17.96
CA ILE D 272 24.79 14.45 17.54
C ILE D 272 25.40 13.66 18.69
N LEU D 273 25.99 12.52 18.38
CA LEU D 273 26.74 11.75 19.38
C LEU D 273 28.21 12.15 19.35
N LYS D 274 28.74 12.55 20.50
CA LYS D 274 30.10 13.03 20.60
C LYS D 274 30.94 12.12 21.51
N TYR D 275 32.16 11.79 21.05
CA TYR D 275 33.00 10.76 21.67
C TYR D 275 34.42 11.22 22.03
N GLU D 276 35.27 10.23 22.35
CA GLU D 276 36.71 10.33 22.63
C GLU D 276 36.94 10.43 24.13
N GLY D 281 44.19 1.45 23.44
CA GLY D 281 45.28 0.51 23.67
C GLY D 281 44.98 -0.49 24.77
N SER D 282 45.18 -0.08 26.01
CA SER D 282 44.88 -0.92 27.18
C SER D 282 43.42 -1.34 27.22
N GLY D 284 40.24 0.88 25.62
CA GLY D 284 39.82 0.39 24.32
C GLY D 284 39.73 1.46 23.25
N SER D 285 38.58 2.15 23.18
CA SER D 285 38.45 3.26 22.25
C SER D 285 37.37 4.21 22.75
N ALA D 286 37.15 5.25 21.95
CA ALA D 286 36.31 6.39 22.30
C ALA D 286 35.01 6.03 22.98
N LYS D 287 34.89 6.36 24.25
CA LYS D 287 33.61 6.30 24.93
C LYS D 287 32.75 7.50 24.53
N TRP D 288 31.56 7.58 25.12
CA TRP D 288 30.56 8.61 24.79
C TRP D 288 30.62 9.69 25.86
N ILE D 289 30.70 10.96 25.43
CA ILE D 289 30.87 12.07 26.35
C ILE D 289 29.70 13.05 26.34
N GLY D 290 28.82 13.02 25.34
CA GLY D 290 27.57 13.76 25.45
C GLY D 290 26.91 14.00 24.10
N LEU D 291 25.92 14.89 24.13
CA LEU D 291 25.04 15.13 23.00
C LEU D 291 24.97 16.60 22.68
N ASP D 292 24.61 16.89 21.43
CA ASP D 292 24.50 18.25 20.92
C ASP D 292 23.19 18.41 20.15
N SER D 293 22.63 19.63 20.20
CA SER D 293 21.33 20.08 19.66
C SER D 293 21.25 19.79 18.17
N PRO D 294 20.19 20.27 17.42
CA PRO D 294 20.19 20.16 15.96
C PRO D 294 21.47 19.66 15.33
N SER D 295 21.37 18.54 14.62
CA SER D 295 22.50 17.65 14.47
C SER D 295 23.35 17.89 13.23
N ARG D 296 22.97 18.82 12.35
CA ARG D 296 23.67 19.02 11.08
C ARG D 296 23.55 17.81 10.16
N SER D 297 22.58 16.93 10.39
CA SER D 297 22.50 15.67 9.65
C SER D 297 21.10 15.39 9.15
N GLU D 298 20.18 16.34 9.28
CA GLU D 298 18.85 16.20 8.72
C GLU D 298 18.90 16.59 7.25
N PHE D 299 18.50 15.68 6.39
CA PHE D 299 18.19 15.99 5.00
C PHE D 299 17.51 14.75 4.40
N GLU D 300 17.22 14.83 3.09
CA GLU D 300 16.28 13.90 2.49
C GLU D 300 16.81 12.48 2.51
N ALA D 301 18.03 12.28 2.01
CA ALA D 301 18.63 10.94 2.02
C ALA D 301 18.69 10.32 3.42
N THR D 302 18.42 11.12 4.46
CA THR D 302 18.51 10.70 5.84
C THR D 302 17.14 10.72 6.52
N LEU D 303 16.47 11.87 6.57
CA LEU D 303 15.16 11.95 7.21
C LEU D 303 14.16 10.99 6.57
N LYS D 304 14.33 10.67 5.28
CA LYS D 304 13.36 9.91 4.48
C LYS D 304 13.46 8.42 4.78
N PRO D 305 14.58 7.73 4.54
CA PRO D 305 14.60 6.28 4.83
C PRO D 305 14.30 5.94 6.28
N ALA D 306 14.65 6.84 7.21
CA ALA D 306 14.45 6.59 8.62
C ALA D 306 12.99 6.75 9.00
N GLU D 307 12.38 7.86 8.59
CA GLU D 307 10.94 8.03 8.76
C GLU D 307 10.19 6.88 8.12
N GLU D 308 10.64 6.42 6.95
CA GLU D 308 10.05 5.22 6.38
C GLU D 308 10.16 4.07 7.36
N PHE D 309 11.39 3.76 7.80
CA PHE D 309 11.56 2.68 8.75
C PHE D 309 10.60 2.80 9.91
N ILE D 310 10.73 3.88 10.68
CA ILE D 310 9.95 4.09 11.91
C ILE D 310 8.46 3.80 11.73
N GLU D 311 7.91 4.15 10.57
CA GLU D 311 6.47 4.00 10.39
C GLU D 311 6.09 2.53 10.36
N MET D 312 6.90 1.69 9.74
CA MET D 312 6.58 0.26 9.77
C MET D 312 6.61 -0.26 11.20
N ILE D 313 7.50 0.27 12.02
CA ILE D 313 7.51 -0.18 13.40
C ILE D 313 6.31 0.40 14.12
N ARG D 314 5.84 1.58 13.69
CA ARG D 314 4.52 2.02 14.10
C ARG D 314 3.47 0.97 13.76
N THR D 315 3.35 0.64 12.46
CA THR D 315 2.38 -0.35 12.00
C THR D 315 2.49 -1.62 12.82
N ILE D 316 3.72 -2.05 13.09
CA ILE D 316 3.94 -3.28 13.84
C ILE D 316 3.25 -3.23 15.20
N GLY D 317 3.41 -2.14 15.95
CA GLY D 317 2.55 -1.99 17.12
C GLY D 317 3.06 -1.18 18.30
N TYR D 318 4.33 -0.75 18.26
CA TYR D 318 4.85 0.02 19.39
C TYR D 318 4.17 1.38 19.48
N ARG D 319 3.87 1.81 20.69
CA ARG D 319 3.41 3.16 20.90
C ARG D 319 4.32 3.75 21.94
N GLY D 320 4.87 4.93 21.66
CA GLY D 320 5.67 5.60 22.67
C GLY D 320 6.98 6.17 22.14
N TYR D 321 7.97 6.34 23.01
CA TYR D 321 9.21 6.96 22.61
C TYR D 321 10.12 5.96 21.92
N VAL D 322 10.59 6.31 20.73
CA VAL D 322 11.53 5.48 19.99
C VAL D 322 12.52 6.37 19.26
N ASN D 323 13.74 5.84 19.06
CA ASN D 323 14.82 6.54 18.37
C ASN D 323 15.59 5.57 17.49
N ILE D 324 16.23 6.10 16.44
CA ILE D 324 17.03 5.35 15.48
C ILE D 324 18.33 6.10 15.20
N ASP D 325 19.48 5.43 15.34
CA ASP D 325 20.77 6.07 15.09
C ASP D 325 21.33 5.70 13.72
N GLY D 326 22.28 6.50 13.25
CA GLY D 326 22.98 6.19 12.03
C GLY D 326 24.17 7.10 11.84
N ILE D 327 24.76 7.04 10.64
CA ILE D 327 25.94 7.82 10.29
C ILE D 327 25.81 8.36 8.88
N VAL D 328 26.69 9.31 8.58
CA VAL D 328 26.85 9.90 7.26
C VAL D 328 28.34 9.92 6.96
N LEU D 329 28.77 9.15 5.96
CA LEU D 329 30.16 9.30 5.56
C LEU D 329 30.33 10.58 4.75
N ASP D 330 31.58 11.02 4.62
CA ASP D 330 31.79 12.24 3.84
C ASP D 330 31.64 12.01 2.35
N ASP D 331 31.63 10.74 1.91
CA ASP D 331 31.23 10.41 0.55
C ASP D 331 29.72 10.40 0.37
N GLY D 332 28.96 10.69 1.44
CA GLY D 332 27.53 10.92 1.39
C GLY D 332 26.69 9.72 1.81
N ARG D 333 27.23 8.51 1.69
CA ARG D 333 26.48 7.31 1.97
C ARG D 333 25.92 7.33 3.38
N VAL D 334 24.64 7.04 3.51
CA VAL D 334 23.99 6.96 4.81
C VAL D 334 23.83 5.50 5.20
N PHE D 335 23.87 5.23 6.51
CA PHE D 335 23.66 3.90 7.05
C PHE D 335 23.07 4.03 8.45
N PHE D 336 22.18 3.10 8.84
CA PHE D 336 21.56 3.11 10.16
C PHE D 336 22.00 1.91 11.03
N HIS D 337 22.10 2.16 12.34
CA HIS D 337 22.63 1.20 13.31
C HIS D 337 21.54 0.35 13.94
N GLU D 338 20.50 0.98 14.49
CA GLU D 338 19.58 0.29 15.39
C GLU D 338 18.37 1.18 15.64
N ILE D 339 17.40 0.62 16.36
CA ILE D 339 16.38 1.38 17.09
C ILE D 339 16.54 1.07 18.57
N ASN D 340 16.04 1.98 19.41
CA ASN D 340 15.80 1.66 20.80
C ASN D 340 14.42 2.20 21.13
N ALA D 341 13.52 1.33 21.58
CA ALA D 341 12.14 1.71 21.84
C ALA D 341 12.02 1.95 23.34
N ARG D 342 12.48 3.11 23.74
CA ARG D 342 12.59 3.51 25.14
C ARG D 342 12.95 4.98 25.09
N TRP D 343 13.22 5.56 26.24
CA TRP D 343 13.82 6.88 26.20
C TRP D 343 15.20 6.73 25.57
N SER D 344 15.51 7.62 24.63
CA SER D 344 16.89 7.84 24.33
C SER D 344 17.59 8.38 25.57
N GLY D 345 18.91 8.45 25.51
CA GLY D 345 19.62 9.21 26.52
C GLY D 345 19.21 10.68 26.50
N GLY D 346 18.93 11.21 25.31
CA GLY D 346 18.82 12.64 25.11
C GLY D 346 17.42 13.20 25.14
N LEU D 347 16.42 12.33 25.24
CA LEU D 347 15.04 12.79 25.36
C LEU D 347 14.90 13.87 26.43
N ILE D 348 15.58 13.71 27.57
CA ILE D 348 15.35 14.63 28.67
C ILE D 348 15.92 16.01 28.33
N TYR D 349 16.98 16.07 27.50
CA TYR D 349 17.49 17.38 27.05
C TYR D 349 16.50 18.07 26.15
N HIS D 350 15.97 17.34 25.18
CA HIS D 350 14.88 17.88 24.39
C HIS D 350 13.83 18.47 25.31
N THR D 351 13.47 17.71 26.35
CA THR D 351 12.42 18.13 27.27
C THR D 351 12.81 19.43 27.97
N VAL D 352 14.03 19.50 28.48
CA VAL D 352 14.46 20.71 29.19
C VAL D 352 14.42 21.92 28.24
N ALA D 353 14.99 21.78 27.04
CA ALA D 353 14.97 22.87 26.07
C ALA D 353 13.54 23.35 25.81
N GLU D 354 12.67 22.44 25.41
CA GLU D 354 11.28 22.83 25.13
C GLU D 354 10.64 23.52 26.32
N ARG D 355 10.86 22.99 27.52
CA ARG D 355 10.22 23.58 28.69
C ARG D 355 10.82 24.94 29.01
N LEU D 356 12.11 25.12 28.71
CA LEU D 356 12.81 26.36 29.02
C LEU D 356 12.79 27.34 27.86
N LEU D 357 12.88 26.86 26.62
CA LEU D 357 12.93 27.74 25.46
C LEU D 357 11.74 27.59 24.52
N GLY D 358 10.66 26.94 24.96
CA GLY D 358 9.47 26.82 24.13
C GLY D 358 9.59 25.69 23.13
N HIS D 359 8.49 25.45 22.42
CA HIS D 359 8.42 24.31 21.52
C HIS D 359 9.08 24.56 20.16
N ASP D 360 9.91 25.58 20.04
CA ASP D 360 10.54 25.85 18.75
C ASP D 360 12.03 26.12 18.95
N TYR D 361 12.56 25.75 20.13
CA TYR D 361 13.91 26.13 20.53
C TYR D 361 14.95 25.80 19.47
N ALA D 362 14.69 24.79 18.64
CA ALA D 362 15.72 24.34 17.73
C ALA D 362 16.06 25.40 16.70
N ARG D 363 15.08 26.20 16.27
CA ARG D 363 15.37 27.23 15.29
C ARG D 363 16.48 28.15 15.76
N ASN D 364 16.43 28.58 17.02
CA ASN D 364 17.31 29.65 17.45
C ASN D 364 18.33 29.23 18.48
N ASN D 365 18.26 28.01 18.97
CA ASN D 365 19.06 27.67 20.12
C ASN D 365 19.81 26.37 19.88
N PHE D 366 20.90 26.24 20.64
CA PHE D 366 21.76 25.08 20.65
C PHE D 366 21.86 24.62 22.10
N PHE D 367 22.00 23.29 22.31
CA PHE D 367 22.35 22.75 23.62
C PHE D 367 23.42 21.69 23.45
N SER D 368 23.97 21.30 24.58
CA SER D 368 25.12 20.40 24.63
C SER D 368 25.32 20.02 26.08
N SER D 369 25.57 18.75 26.30
CA SER D 369 25.67 18.21 27.64
C SER D 369 27.13 18.02 28.02
N ILE D 370 27.39 18.09 29.32
CA ILE D 370 28.69 17.87 29.92
C ILE D 370 28.49 16.81 31.00
N LEU D 371 29.02 15.63 30.78
CA LEU D 371 29.20 14.70 31.88
C LEU D 371 30.61 15.00 32.43
N ASN D 372 31.19 14.14 33.27
CA ASN D 372 32.61 14.21 33.61
C ASN D 372 33.00 15.49 34.35
N VAL D 373 32.09 16.44 34.54
CA VAL D 373 32.32 17.50 35.51
C VAL D 373 32.56 16.85 36.86
N VAL D 374 33.43 17.46 37.66
CA VAL D 374 33.73 17.04 39.02
C VAL D 374 32.46 17.06 39.86
N PRO D 375 32.05 15.95 40.49
CA PRO D 375 30.81 15.97 41.25
C PRO D 375 30.98 16.81 42.51
N ALA D 376 29.97 17.62 42.80
CA ALA D 376 29.98 18.41 44.02
C ALA D 376 28.55 18.59 44.48
N GLY D 377 28.42 19.12 45.69
CA GLY D 377 27.14 19.55 46.17
C GLY D 377 26.47 20.42 45.12
N LEU D 378 25.16 20.27 45.00
CA LEU D 378 24.40 21.18 44.16
C LEU D 378 24.79 22.61 44.45
N ALA D 379 24.68 23.03 45.72
CA ALA D 379 25.04 24.41 46.08
C ALA D 379 26.40 24.78 45.53
N ASP D 380 27.43 24.00 45.87
CA ASP D 380 28.78 24.28 45.37
C ASP D 380 28.84 24.24 43.85
N LEU D 381 28.08 23.34 43.23
CA LEU D 381 27.97 23.37 41.78
C LEU D 381 27.48 24.72 41.30
N LEU D 382 26.43 25.23 41.94
CA LEU D 382 25.81 26.47 41.48
C LEU D 382 26.73 27.65 41.67
N ARG D 383 27.72 27.55 42.57
CA ARG D 383 28.71 28.62 42.62
C ARG D 383 29.62 28.55 41.40
N SER D 384 29.98 27.33 40.99
CA SER D 384 30.91 27.20 39.89
C SER D 384 30.35 27.85 38.63
N LEU D 385 29.05 27.66 38.37
CA LEU D 385 28.43 28.27 37.21
C LEU D 385 28.41 29.78 37.34
N GLU D 386 27.87 30.30 38.44
CA GLU D 386 27.90 31.73 38.67
C GLU D 386 29.31 32.27 38.51
N ARG D 387 30.29 31.55 39.07
CA ARG D 387 31.67 32.02 39.00
C ARG D 387 32.16 32.13 37.56
N ALA D 388 31.59 31.38 36.61
CA ALA D 388 32.01 31.44 35.22
C ALA D 388 31.13 32.32 34.34
N GLY D 389 29.98 32.77 34.83
CA GLY D 389 29.05 33.57 34.03
C GLY D 389 28.07 32.79 33.15
N VAL D 390 27.82 31.52 33.44
CA VAL D 390 27.11 30.68 32.48
C VAL D 390 26.01 29.87 33.18
N ARG D 391 25.53 30.36 34.30
CA ARG D 391 24.37 29.75 34.93
C ARG D 391 23.14 30.06 34.08
N TYR D 392 22.19 29.13 34.05
CA TYR D 392 20.97 29.41 33.28
C TYR D 392 20.32 30.72 33.71
N ASP D 393 20.30 31.70 32.81
CA ASP D 393 19.55 32.95 32.98
C ASP D 393 18.36 32.96 32.00
N LYS D 394 17.14 33.10 32.54
CA LYS D 394 15.97 32.97 31.68
C LYS D 394 15.80 34.16 30.74
N ASP D 395 16.30 35.34 31.12
CA ASP D 395 16.25 36.49 30.24
C ASP D 395 16.90 36.14 28.89
N SER D 396 18.19 35.82 28.92
CA SER D 396 18.91 35.43 27.71
C SER D 396 18.50 34.04 27.22
N GLY D 397 17.86 33.24 28.07
CA GLY D 397 17.68 31.84 27.76
C GLY D 397 18.98 31.13 27.53
N GLU D 398 20.07 31.58 28.19
CA GLU D 398 21.41 31.07 27.95
C GLU D 398 22.09 30.70 29.26
N GLY D 399 22.71 29.52 29.29
CA GLY D 399 23.42 29.04 30.45
C GLY D 399 23.23 27.55 30.72
N ALA D 400 23.99 27.03 31.67
CA ALA D 400 23.97 25.62 32.01
C ALA D 400 23.06 25.34 33.20
N VAL D 401 22.34 24.21 33.14
CA VAL D 401 21.58 23.70 34.27
C VAL D 401 22.13 22.33 34.61
N VAL D 402 21.78 21.88 35.81
CA VAL D 402 22.33 20.65 36.38
C VAL D 402 21.27 19.57 36.31
N LEU D 403 21.59 18.48 35.62
CA LEU D 403 20.72 17.32 35.61
C LEU D 403 21.13 16.29 36.65
N GLY D 404 22.42 16.24 37.00
CA GLY D 404 22.85 15.40 38.10
C GLY D 404 24.14 15.85 38.77
N CYS D 405 24.20 15.77 40.10
CA CYS D 405 25.39 16.22 40.79
C CYS D 405 26.51 15.18 40.84
N ASN D 406 26.16 13.87 40.79
CA ASN D 406 27.16 12.80 40.97
C ASN D 406 26.66 11.55 40.23
N SER D 407 26.78 11.57 38.91
CA SER D 407 26.15 10.57 38.08
C SER D 407 27.17 9.55 37.58
N ASP D 408 26.78 8.28 37.61
CA ASP D 408 27.64 7.26 37.01
C ASP D 408 27.60 7.37 35.49
N LEU D 409 26.47 7.78 34.95
CA LEU D 409 26.35 8.13 33.54
C LEU D 409 27.42 9.13 33.13
N GLY D 410 28.23 8.78 32.12
CA GLY D 410 29.44 9.52 31.82
C GLY D 410 30.04 10.06 33.09
N PRO D 411 30.83 9.24 33.81
CA PRO D 411 30.96 9.42 35.26
C PRO D 411 31.39 10.84 35.61
N GLY D 412 30.56 11.52 36.39
CA GLY D 412 30.80 12.91 36.71
C GLY D 412 29.49 13.62 37.01
N ALA D 413 29.61 14.91 37.27
CA ALA D 413 28.43 15.75 37.41
C ALA D 413 27.92 16.13 36.02
N GLU D 414 26.60 16.21 35.89
CA GLU D 414 25.94 16.38 34.60
C GLU D 414 25.30 17.75 34.51
N LEU D 415 25.81 18.60 33.62
CA LEU D 415 25.19 19.87 33.27
C LEU D 415 24.67 19.80 31.85
N LEU D 416 23.66 20.60 31.58
CA LEU D 416 23.21 20.82 30.21
C LEU D 416 23.28 22.31 29.97
N VAL D 417 23.88 22.71 28.84
CA VAL D 417 24.20 24.11 28.55
C VAL D 417 23.43 24.59 27.30
N PHE D 418 22.82 25.77 27.39
CA PHE D 418 22.02 26.31 26.31
C PHE D 418 22.65 27.58 25.76
N SER D 419 22.51 27.79 24.45
CA SER D 419 23.02 29.01 23.82
C SER D 419 22.27 29.29 22.52
N LYS D 420 22.18 30.57 22.19
CA LYS D 420 21.66 31.01 20.90
C LYS D 420 22.73 31.02 19.82
N ASP D 421 24.00 30.82 20.18
CA ASP D 421 25.12 30.90 19.25
C ASP D 421 26.11 29.79 19.60
N TRP D 422 26.37 28.92 18.61
CA TRP D 422 27.13 27.70 18.90
C TRP D 422 28.53 28.01 19.42
N ASP D 423 29.15 29.10 18.96
CA ASP D 423 30.48 29.43 19.43
C ASP D 423 30.45 29.86 20.90
N ARG D 424 29.43 30.61 21.29
CA ARG D 424 29.29 30.95 22.70
C ARG D 424 29.06 29.70 23.54
N LEU D 425 28.40 28.69 22.97
CA LEU D 425 28.21 27.42 23.67
C LEU D 425 29.54 26.85 24.15
N THR D 426 30.58 26.99 23.33
CA THR D 426 31.85 26.32 23.61
C THR D 426 32.63 27.01 24.73
N ALA D 427 32.79 28.32 24.64
CA ALA D 427 33.49 29.04 25.70
C ALA D 427 32.86 28.76 27.06
N MET D 428 31.52 28.87 27.13
CA MET D 428 30.79 28.60 28.36
C MET D 428 31.22 27.26 28.96
N LYS D 429 31.16 26.20 28.15
CA LYS D 429 31.66 24.91 28.58
C LYS D 429 33.13 25.00 28.98
N ASP D 430 33.95 25.58 28.10
CA ASP D 430 35.36 25.72 28.41
C ASP D 430 35.56 26.48 29.71
N GLU D 431 34.69 27.45 30.00
CA GLU D 431 34.69 28.11 31.30
C GLU D 431 34.12 27.20 32.37
N ILE D 432 33.21 26.28 31.99
CA ILE D 432 32.68 25.32 32.95
C ILE D 432 33.79 24.42 33.48
N ALA D 433 34.54 23.78 32.57
CA ALA D 433 35.65 22.94 33.01
C ALA D 433 36.73 23.76 33.73
N THR D 434 36.85 25.05 33.40
CA THR D 434 37.83 25.89 34.09
C THR D 434 37.44 26.09 35.55
N THR D 435 36.19 26.45 35.78
CA THR D 435 35.68 26.79 37.11
C THR D 435 35.18 25.57 37.87
N ALA D 436 34.51 24.63 37.19
CA ALA D 436 33.95 23.46 37.85
C ALA D 436 34.86 22.26 37.79
N GLY D 437 35.80 22.20 36.84
CA GLY D 437 36.74 21.10 36.74
C GLY D 437 36.15 19.84 36.14
N THR D 438 36.97 19.10 35.41
CA THR D 438 36.55 17.83 34.83
C THR D 438 37.58 16.76 35.15
N LEU D 439 37.19 15.50 34.95
CA LEU D 439 38.07 14.39 35.28
C LEU D 439 39.19 14.26 34.25
N SER D 440 38.82 13.91 33.01
CA SER D 440 39.72 13.47 31.93
C SER D 440 40.24 12.05 32.20
#